data_6GU7
#
_entry.id   6GU7
#
_cell.length_a   67.995
_cell.length_b   149.202
_cell.length_c   87.260
_cell.angle_alpha   90.00
_cell.angle_beta   92.23
_cell.angle_gamma   90.00
#
_symmetry.space_group_name_H-M   'P 1 21 1'
#
loop_
_entity.id
_entity.type
_entity.pdbx_description
1 polymer 'Cyclin-dependent kinase 1'
2 polymer 'Cyclin-dependent kinases regulatory subunit 2'
3 non-polymer 4-(2-methyl-3-propan-2-yl-imidazol-4-yl)-~{N}-(4-methylsulfonylphenyl)pyrimidin-2-amine
4 water water
#
loop_
_entity_poly.entity_id
_entity_poly.type
_entity_poly.pdbx_seq_one_letter_code
_entity_poly.pdbx_strand_id
1 'polypeptide(L)'
;GPLGSMEDYTKIEKIGEGTYGVVYKGRHKTTGQVVAMKKIRLESEEEGVPSTAIREISLLKELRHPNIVSLQDVLMQDSR
LYLIFEFLSMDLKKYLDSIPPGQYMDSSLVKSYLYQILQGIVFCHSRRVLHRDLKPQNLLIDDKGTIKLADFGLARAFGI
PIRVYTHEVVTLWYRSPEVLLGSARYSTPVDIWSIGTIFAELATKKPLFHGDSEIDQLFRIFRALGTPNNEVWPEVESLQ
DYKNTFPKWKPGSLASHVKNLDENGLDLLSKMLIYDPAKRISGKMALNHPYFNDLDNQIKKM
;
A,C,E,G
2 'polypeptide(L)'
;GPLGSMAHKQIYYSDKYFDEHYEYRHVMLPRELSKQVPKTHLMSEEEWRRLGVQQSLGWVHYMIHEPEPHILLFRRPLPK
DQQK
;
B,D,F,H
#
loop_
_chem_comp.id
_chem_comp.type
_chem_comp.name
_chem_comp.formula
FB8 non-polymer 4-(2-methyl-3-propan-2-yl-imidazol-4-yl)-~{N}-(4-methylsulfonylphenyl)pyrimidin-2-amine 'C18 H21 N5 O2 S'
#
# COMPACT_ATOMS: atom_id res chain seq x y z
N MET A 6 25.81 -27.99 -0.75
CA MET A 6 26.59 -29.25 -0.98
C MET A 6 25.77 -30.18 -1.88
N GLU A 7 26.48 -31.01 -2.64
CA GLU A 7 25.88 -31.97 -3.57
C GLU A 7 25.23 -33.19 -2.87
N ASP A 8 25.53 -33.38 -1.58
CA ASP A 8 24.99 -34.45 -0.75
C ASP A 8 23.50 -34.41 -0.42
N TYR A 9 22.83 -33.28 -0.66
CA TYR A 9 21.41 -33.14 -0.29
C TYR A 9 20.60 -32.73 -1.51
N THR A 10 19.31 -33.03 -1.49
CA THR A 10 18.40 -32.67 -2.58
C THR A 10 17.21 -31.92 -1.97
N LYS A 11 16.93 -30.69 -2.42
CA LYS A 11 15.73 -29.96 -2.03
C LYS A 11 14.50 -30.74 -2.51
N ILE A 12 13.51 -30.84 -1.64
CA ILE A 12 12.21 -31.40 -2.00
C ILE A 12 11.28 -30.21 -2.23
N GLU A 13 10.92 -29.49 -1.16
CA GLU A 13 9.98 -28.37 -1.23
C GLU A 13 10.23 -27.30 -0.16
N LYS A 14 9.78 -26.08 -0.43
CA LYS A 14 9.81 -24.99 0.56
C LYS A 14 8.85 -25.34 1.72
N ILE A 15 9.25 -25.00 2.95
CA ILE A 15 8.37 -25.12 4.13
C ILE A 15 8.00 -23.76 4.71
N GLY A 16 8.83 -22.73 4.52
CA GLY A 16 8.52 -21.39 4.98
C GLY A 16 9.67 -20.41 4.84
N GLU A 17 9.45 -19.22 5.39
CA GLU A 17 10.46 -18.17 5.45
C GLU A 17 10.68 -17.96 6.94
N GLY A 18 11.93 -18.07 7.38
CA GLY A 18 12.36 -17.56 8.69
C GLY A 18 12.85 -16.13 8.52
N THR A 19 13.21 -15.50 9.63
CA THR A 19 13.71 -14.10 9.62
C THR A 19 15.00 -13.94 8.81
N TYR A 20 15.83 -14.96 8.84
CA TYR A 20 17.21 -14.93 8.40
C TYR A 20 17.33 -15.53 6.96
N GLY A 21 16.42 -16.41 6.54
CA GLY A 21 16.36 -16.83 5.17
C GLY A 21 15.31 -17.88 4.90
N VAL A 22 15.43 -18.50 3.74
CA VAL A 22 14.41 -19.47 3.27
C VAL A 22 14.69 -20.84 3.92
N VAL A 23 13.61 -21.62 4.17
CA VAL A 23 13.73 -22.96 4.77
C VAL A 23 13.11 -24.07 3.90
N TYR A 24 13.92 -25.07 3.53
CA TYR A 24 13.50 -26.18 2.67
C TYR A 24 13.48 -27.50 3.44
N LYS A 25 12.65 -28.44 2.97
CA LYS A 25 12.73 -29.86 3.35
C LYS A 25 13.61 -30.58 2.31
N GLY A 26 14.47 -31.49 2.75
CA GLY A 26 15.45 -32.12 1.86
C GLY A 26 15.81 -33.52 2.31
N ARG A 27 16.52 -34.26 1.45
CA ARG A 27 17.02 -35.59 1.82
C ARG A 27 18.52 -35.70 1.57
N HIS A 28 19.20 -36.33 2.55
CA HIS A 28 20.60 -36.72 2.40
C HIS A 28 20.65 -37.90 1.42
N LYS A 29 21.53 -37.78 0.41
CA LYS A 29 21.61 -38.81 -0.65
C LYS A 29 22.24 -40.13 -0.16
N THR A 30 23.27 -40.05 0.67
CA THR A 30 23.84 -41.23 1.33
C THR A 30 22.89 -41.90 2.35
N THR A 31 22.53 -41.20 3.43
CA THR A 31 21.74 -41.85 4.52
C THR A 31 20.23 -42.07 4.24
N GLY A 32 19.68 -41.28 3.33
CA GLY A 32 18.21 -41.24 3.13
C GLY A 32 17.40 -40.46 4.18
N GLN A 33 18.10 -39.88 5.18
CA GLN A 33 17.45 -39.08 6.23
C GLN A 33 16.84 -37.81 5.65
N VAL A 34 15.65 -37.47 6.15
CA VAL A 34 14.96 -36.25 5.75
C VAL A 34 15.45 -35.13 6.67
N VAL A 35 15.71 -33.95 6.11
CA VAL A 35 16.26 -32.81 6.86
C VAL A 35 15.58 -31.48 6.53
N ALA A 36 15.70 -30.52 7.42
CA ALA A 36 15.37 -29.11 7.18
C ALA A 36 16.65 -28.40 6.82
N MET A 37 16.61 -27.56 5.79
CA MET A 37 17.76 -26.85 5.29
C MET A 37 17.45 -25.36 5.28
N LYS A 38 18.19 -24.57 6.07
CA LYS A 38 18.00 -23.15 6.14
C LYS A 38 19.06 -22.48 5.30
N LYS A 39 18.66 -21.84 4.19
CA LYS A 39 19.61 -21.04 3.37
C LYS A 39 19.69 -19.60 3.89
N ILE A 40 20.92 -19.10 4.00
CA ILE A 40 21.18 -17.73 4.46
C ILE A 40 22.21 -17.10 3.51
N ARG A 41 21.83 -15.99 2.90
CA ARG A 41 22.75 -15.21 2.06
C ARG A 41 23.58 -14.31 2.99
N LEU A 42 24.90 -14.47 2.92
CA LEU A 42 25.78 -13.80 3.88
C LEU A 42 26.03 -12.36 3.47
N GLU A 43 25.92 -11.44 4.42
CA GLU A 43 26.03 -9.99 4.13
C GLU A 43 27.51 -9.70 3.80
N SER A 44 27.76 -8.74 2.89
CA SER A 44 29.14 -8.34 2.57
C SER A 44 29.81 -7.72 3.81
N GLU A 45 31.08 -8.03 4.08
CA GLU A 45 31.76 -7.48 5.27
C GLU A 45 33.02 -6.63 4.94
N GLU A 46 33.35 -5.70 5.84
CA GLU A 46 34.50 -4.81 5.69
C GLU A 46 35.82 -5.56 5.89
N GLU A 47 36.81 -5.34 5.00
CA GLU A 47 38.14 -5.92 5.15
C GLU A 47 38.85 -5.38 6.40
N GLY A 48 39.47 -6.27 7.16
CA GLY A 48 40.07 -5.94 8.46
C GLY A 48 39.08 -5.92 9.63
N VAL A 49 37.92 -6.56 9.43
CA VAL A 49 36.91 -6.76 10.46
C VAL A 49 36.46 -8.24 10.40
N PRO A 50 37.05 -9.11 11.25
CA PRO A 50 36.65 -10.52 11.22
C PRO A 50 35.21 -10.78 11.67
N SER A 51 34.60 -11.82 11.11
CA SER A 51 33.17 -12.10 11.34
C SER A 51 33.02 -13.07 12.50
N THR A 52 32.21 -12.69 13.49
CA THR A 52 31.79 -13.60 14.55
C THR A 52 30.76 -14.67 14.07
N ALA A 53 30.13 -14.43 12.92
CA ALA A 53 28.88 -15.16 12.56
C ALA A 53 29.10 -16.66 12.31
N ILE A 54 30.11 -17.01 11.50
CA ILE A 54 30.44 -18.42 11.24
C ILE A 54 31.01 -19.07 12.52
N ARG A 55 31.70 -18.28 13.33
CA ARG A 55 32.30 -18.77 14.57
C ARG A 55 31.20 -19.14 15.57
N GLU A 56 30.28 -18.21 15.82
CA GLU A 56 29.15 -18.39 16.76
C GLU A 56 28.23 -19.56 16.33
N ILE A 57 28.00 -19.69 15.01
CA ILE A 57 27.17 -20.77 14.45
C ILE A 57 27.81 -22.17 14.67
N SER A 58 29.13 -22.28 14.49
CA SER A 58 29.86 -23.52 14.80
C SER A 58 29.73 -23.95 16.27
N LEU A 59 29.82 -23.00 17.20
CA LEU A 59 29.51 -23.26 18.63
C LEU A 59 28.14 -23.89 18.88
N LEU A 60 27.13 -23.42 18.16
CA LEU A 60 25.74 -23.92 18.33
C LEU A 60 25.56 -25.35 17.81
N LYS A 61 26.41 -25.75 16.86
CA LYS A 61 26.45 -27.14 16.36
C LYS A 61 26.74 -28.15 17.49
N GLU A 62 27.50 -27.74 18.51
CA GLU A 62 27.88 -28.61 19.63
C GLU A 62 26.83 -28.73 20.71
N LEU A 63 25.74 -27.97 20.66
CA LEU A 63 24.65 -28.12 21.63
C LEU A 63 23.78 -29.34 21.28
N ARG A 64 23.82 -30.35 22.16
CA ARG A 64 22.99 -31.55 22.06
C ARG A 64 22.14 -31.70 23.30
N HIS A 65 20.85 -31.91 23.08
CA HIS A 65 19.88 -32.14 24.14
C HIS A 65 18.61 -32.63 23.47
N PRO A 66 17.87 -33.58 24.11
CA PRO A 66 16.71 -34.15 23.36
C PRO A 66 15.57 -33.16 23.04
N ASN A 67 15.43 -32.10 23.86
CA ASN A 67 14.41 -31.07 23.68
C ASN A 67 14.88 -29.76 23.01
N ILE A 68 16.00 -29.80 22.26
CA ILE A 68 16.33 -28.74 21.31
C ILE A 68 16.56 -29.34 19.94
N VAL A 69 16.35 -28.55 18.89
CA VAL A 69 16.49 -29.01 17.53
C VAL A 69 17.98 -28.99 17.17
N SER A 70 18.55 -30.20 17.12
CA SER A 70 19.96 -30.39 16.80
C SER A 70 20.37 -29.83 15.45
N LEU A 71 21.35 -28.94 15.47
CA LEU A 71 22.01 -28.43 14.26
C LEU A 71 23.03 -29.48 13.77
N GLN A 72 22.61 -30.37 12.89
CA GLN A 72 23.44 -31.51 12.45
C GLN A 72 24.69 -31.12 11.62
N ASP A 73 24.62 -30.02 10.89
CA ASP A 73 25.77 -29.61 10.10
C ASP A 73 25.72 -28.16 9.67
N VAL A 74 26.76 -27.74 8.96
CA VAL A 74 26.88 -26.36 8.47
C VAL A 74 27.74 -26.33 7.20
N LEU A 75 27.17 -25.91 6.06
CA LEU A 75 27.90 -25.87 4.78
C LEU A 75 28.11 -24.41 4.32
N MET A 76 29.14 -24.23 3.48
CA MET A 76 29.41 -22.94 2.82
C MET A 76 29.83 -23.12 1.34
N GLN A 77 28.91 -22.80 0.45
CA GLN A 77 29.12 -22.80 -0.99
C GLN A 77 28.81 -21.38 -1.47
N ASP A 78 29.74 -20.73 -2.16
CA ASP A 78 29.42 -19.52 -2.94
C ASP A 78 28.80 -18.39 -2.08
N SER A 79 29.46 -17.99 -1.00
CA SER A 79 28.97 -16.94 -0.05
C SER A 79 27.51 -17.10 0.48
N ARG A 80 27.03 -18.34 0.51
CA ARG A 80 25.74 -18.73 1.11
C ARG A 80 26.00 -19.76 2.19
N LEU A 81 25.31 -19.62 3.32
CA LEU A 81 25.46 -20.49 4.47
C LEU A 81 24.24 -21.41 4.54
N TYR A 82 24.48 -22.71 4.71
CA TYR A 82 23.37 -23.67 4.83
C TYR A 82 23.39 -24.33 6.20
N LEU A 83 22.27 -24.26 6.91
CA LEU A 83 22.15 -24.90 8.22
C LEU A 83 21.25 -26.14 8.06
N ILE A 84 21.72 -27.30 8.51
CA ILE A 84 21.01 -28.57 8.30
C ILE A 84 20.51 -29.09 9.65
N PHE A 85 19.21 -29.32 9.78
CA PHE A 85 18.58 -29.80 11.03
C PHE A 85 17.75 -31.06 10.80
N GLU A 86 17.51 -31.81 11.87
CA GLU A 86 16.47 -32.84 11.88
C GLU A 86 15.13 -32.24 11.46
N PHE A 87 14.45 -32.90 10.51
CA PHE A 87 13.15 -32.45 10.06
C PHE A 87 12.03 -32.91 10.97
N LEU A 88 11.29 -31.94 11.50
CA LEU A 88 10.01 -32.18 12.20
C LEU A 88 8.92 -31.44 11.42
N SER A 89 7.75 -32.05 11.23
CA SER A 89 6.77 -31.50 10.26
C SER A 89 5.70 -30.59 10.85
N MET A 90 5.73 -30.45 12.18
CA MET A 90 4.72 -29.64 12.84
C MET A 90 5.25 -28.80 13.99
N ASP A 91 4.61 -27.66 14.18
CA ASP A 91 4.94 -26.71 15.25
C ASP A 91 3.72 -26.48 16.13
N LEU A 92 3.93 -25.82 17.26
CA LEU A 92 2.88 -25.70 18.27
C LEU A 92 1.70 -24.84 17.82
N LYS A 93 1.96 -23.81 17.02
CA LYS A 93 0.91 -22.95 16.46
C LYS A 93 -0.07 -23.76 15.64
N LYS A 94 0.51 -24.62 14.81
CA LYS A 94 -0.21 -25.53 13.94
C LYS A 94 -0.93 -26.63 14.74
N TYR A 95 -0.30 -27.14 15.80
CA TYR A 95 -0.93 -28.18 16.62
C TYR A 95 -2.19 -27.64 17.28
N LEU A 96 -2.08 -26.44 17.84
CA LEU A 96 -3.25 -25.78 18.47
C LEU A 96 -4.39 -25.53 17.49
N ASP A 97 -4.05 -25.29 16.22
CA ASP A 97 -5.06 -25.07 15.18
C ASP A 97 -5.82 -26.34 14.81
N SER A 98 -5.18 -27.49 14.99
CA SER A 98 -5.81 -28.77 14.67
C SER A 98 -6.84 -29.19 15.73
N ILE A 99 -6.86 -28.53 16.88
CA ILE A 99 -7.86 -28.84 17.90
C ILE A 99 -9.12 -28.03 17.60
N PRO A 100 -10.29 -28.70 17.50
CA PRO A 100 -11.55 -28.00 17.15
C PRO A 100 -12.18 -27.25 18.31
N PRO A 101 -13.10 -26.31 18.02
CA PRO A 101 -13.87 -25.61 19.06
C PRO A 101 -14.56 -26.58 20.01
N GLY A 102 -14.56 -26.24 21.30
CA GLY A 102 -15.10 -27.13 22.33
C GLY A 102 -14.07 -27.97 23.02
N GLN A 103 -13.16 -28.58 22.24
CA GLN A 103 -12.04 -29.34 22.80
C GLN A 103 -10.90 -28.43 23.26
N TYR A 104 -10.17 -28.89 24.28
CA TYR A 104 -8.97 -28.23 24.79
C TYR A 104 -7.85 -29.23 24.82
N MET A 105 -6.61 -28.75 25.00
CA MET A 105 -5.46 -29.66 25.04
C MET A 105 -5.55 -30.50 26.30
N ASP A 106 -5.21 -31.78 26.16
CA ASP A 106 -5.28 -32.76 27.26
C ASP A 106 -4.39 -32.29 28.44
N SER A 107 -5.01 -32.15 29.60
CA SER A 107 -4.37 -31.66 30.84
C SER A 107 -2.96 -32.20 31.13
N SER A 108 -2.74 -33.49 30.86
CA SER A 108 -1.44 -34.13 31.07
C SER A 108 -0.44 -33.78 29.98
N LEU A 109 -0.89 -33.63 28.72
CA LEU A 109 -0.01 -33.24 27.60
C LEU A 109 0.49 -31.78 27.71
N VAL A 110 -0.27 -30.92 28.40
CA VAL A 110 0.14 -29.56 28.70
C VAL A 110 1.33 -29.57 29.65
N LYS A 111 1.17 -30.35 30.72
CA LYS A 111 2.21 -30.59 31.73
C LYS A 111 3.48 -31.16 31.09
N SER A 112 3.31 -32.17 30.25
CA SER A 112 4.45 -32.82 29.58
C SER A 112 5.22 -31.83 28.72
N TYR A 113 4.50 -31.02 27.95
CA TYR A 113 5.11 -30.04 27.03
C TYR A 113 5.85 -28.94 27.77
N LEU A 114 5.24 -28.41 28.82
CA LEU A 114 5.90 -27.39 29.65
C LEU A 114 7.17 -27.91 30.32
N TYR A 115 7.13 -29.18 30.74
CA TYR A 115 8.28 -29.84 31.35
C TYR A 115 9.40 -29.90 30.34
N GLN A 116 9.09 -30.40 29.13
CA GLN A 116 10.08 -30.51 28.08
C GLN A 116 10.68 -29.15 27.70
N ILE A 117 9.82 -28.14 27.54
CA ILE A 117 10.25 -26.77 27.21
C ILE A 117 11.22 -26.22 28.26
N LEU A 118 10.91 -26.41 29.52
CA LEU A 118 11.79 -25.94 30.61
C LEU A 118 13.12 -26.71 30.65
N GLN A 119 13.08 -27.98 30.29
CA GLN A 119 14.30 -28.77 30.27
C GLN A 119 15.28 -28.19 29.24
N GLY A 120 14.75 -27.91 28.06
CA GLY A 120 15.50 -27.31 26.96
C GLY A 120 16.03 -25.92 27.25
N ILE A 121 15.23 -25.09 27.93
CA ILE A 121 15.65 -23.74 28.22
C ILE A 121 16.70 -23.70 29.33
N VAL A 122 16.58 -24.63 30.29
CA VAL A 122 17.60 -24.78 31.33
C VAL A 122 18.95 -25.20 30.74
N PHE A 123 18.91 -26.14 29.81
CA PHE A 123 20.13 -26.56 29.10
C PHE A 123 20.84 -25.37 28.44
N CYS A 124 20.07 -24.55 27.71
CA CYS A 124 20.64 -23.37 27.04
C CYS A 124 21.15 -22.35 28.04
N HIS A 125 20.33 -22.05 29.03
CA HIS A 125 20.69 -21.05 30.06
C HIS A 125 21.96 -21.45 30.83
N SER A 126 22.07 -22.73 31.19
CA SER A 126 23.28 -23.26 31.84
C SER A 126 24.54 -23.11 30.98
N ARG A 127 24.40 -23.20 29.65
CA ARG A 127 25.52 -22.95 28.71
C ARG A 127 25.63 -21.48 28.21
N ARG A 128 25.05 -20.55 28.96
CA ARG A 128 25.10 -19.13 28.62
C ARG A 128 24.58 -18.83 27.22
N VAL A 129 23.37 -19.31 26.93
CA VAL A 129 22.74 -19.06 25.62
C VAL A 129 21.25 -18.74 25.79
N LEU A 130 20.80 -17.66 25.13
CA LEU A 130 19.39 -17.22 25.19
C LEU A 130 18.69 -17.54 23.88
N HIS A 131 17.37 -17.74 23.97
CA HIS A 131 16.54 -17.68 22.76
C HIS A 131 16.25 -16.23 22.40
N ARG A 132 15.60 -15.50 23.32
CA ARG A 132 15.23 -14.08 23.15
C ARG A 132 13.92 -13.87 22.34
N ASP A 133 13.50 -14.87 21.56
CA ASP A 133 12.51 -14.72 20.51
C ASP A 133 11.52 -15.91 20.50
N LEU A 134 11.25 -16.42 21.68
CA LEU A 134 10.53 -17.68 21.84
C LEU A 134 9.03 -17.50 21.60
N LYS A 135 8.42 -18.43 20.90
CA LYS A 135 6.98 -18.37 20.56
C LYS A 135 6.54 -19.67 19.92
N PRO A 136 5.24 -19.96 19.88
CA PRO A 136 4.74 -21.26 19.38
C PRO A 136 5.31 -21.77 18.05
N GLN A 137 5.55 -20.88 17.10
CA GLN A 137 6.23 -21.25 15.83
C GLN A 137 7.65 -21.83 15.98
N ASN A 138 8.31 -21.50 17.08
CA ASN A 138 9.65 -22.04 17.40
C ASN A 138 9.65 -23.32 18.26
N LEU A 139 8.48 -23.87 18.54
CA LEU A 139 8.38 -25.10 19.31
C LEU A 139 7.88 -26.19 18.41
N LEU A 140 8.76 -27.09 18.00
CA LEU A 140 8.40 -28.16 17.04
C LEU A 140 8.05 -29.49 17.73
N ILE A 141 7.19 -30.28 17.09
CA ILE A 141 6.68 -31.54 17.68
C ILE A 141 6.84 -32.71 16.71
N ASP A 142 7.28 -33.86 17.19
CA ASP A 142 7.24 -35.11 16.36
C ASP A 142 5.86 -35.75 16.61
N ASP A 143 5.55 -36.76 15.81
CA ASP A 143 4.30 -37.57 15.99
C ASP A 143 4.25 -38.33 17.33
N LYS A 144 5.42 -38.62 17.93
CA LYS A 144 5.51 -39.34 19.21
C LYS A 144 5.35 -38.46 20.48
N GLY A 145 5.08 -37.18 20.33
CA GLY A 145 4.78 -36.30 21.47
C GLY A 145 6.00 -35.78 22.22
N THR A 146 7.10 -35.54 21.50
CA THR A 146 8.27 -34.84 22.01
C THR A 146 8.29 -33.41 21.43
N ILE A 147 8.75 -32.41 22.17
CA ILE A 147 8.71 -31.01 21.78
C ILE A 147 10.09 -30.39 21.91
N LYS A 148 10.50 -29.56 20.95
CA LYS A 148 11.85 -29.03 20.90
C LYS A 148 11.92 -27.55 20.56
N LEU A 149 12.88 -26.81 21.14
CA LEU A 149 13.14 -25.44 20.76
C LEU A 149 13.95 -25.39 19.45
N ALA A 150 13.46 -24.61 18.49
CA ALA A 150 14.24 -24.25 17.29
C ALA A 150 14.66 -22.78 17.35
N ASP A 151 15.71 -22.46 16.61
CA ASP A 151 16.30 -21.09 16.51
C ASP A 151 16.98 -20.51 17.76
N PHE A 152 17.19 -21.31 18.81
CA PHE A 152 18.04 -20.92 19.96
C PHE A 152 19.35 -20.31 19.47
N GLY A 153 19.76 -19.20 20.13
CA GLY A 153 20.99 -18.49 19.81
C GLY A 153 21.25 -17.88 18.42
N LEU A 154 20.30 -18.03 17.50
CA LEU A 154 20.46 -17.45 16.16
C LEU A 154 20.37 -15.94 16.19
N ALA A 155 19.56 -15.40 17.12
CA ALA A 155 19.41 -13.95 17.27
C ALA A 155 20.75 -13.24 17.52
N ARG A 156 21.50 -13.74 18.52
CA ARG A 156 22.82 -13.16 18.84
C ARG A 156 23.78 -13.30 17.67
N ALA A 157 23.83 -14.49 17.07
CA ALA A 157 24.70 -14.77 15.92
C ALA A 157 24.60 -13.76 14.77
N PHE A 158 23.40 -13.19 14.55
CA PHE A 158 23.16 -12.22 13.48
C PHE A 158 22.79 -10.82 14.02
N GLY A 159 21.52 -10.61 14.40
CA GLY A 159 20.87 -9.30 14.43
C GLY A 159 21.52 -8.09 15.11
N ILE A 160 21.09 -6.89 14.72
CA ILE A 160 21.43 -5.63 15.46
C ILE A 160 20.15 -4.78 15.67
N VAL A 170 2.71 -11.07 15.62
CA VAL A 170 2.83 -12.32 16.41
C VAL A 170 4.07 -12.32 17.30
N THR A 171 5.12 -11.66 16.83
CA THR A 171 6.30 -11.35 17.64
C THR A 171 6.01 -10.73 19.04
N LEU A 172 5.08 -9.76 19.10
CA LEU A 172 4.84 -8.95 20.33
C LEU A 172 4.20 -9.66 21.53
N TRP A 173 3.35 -10.64 21.28
CA TRP A 173 2.52 -11.25 22.34
C TRP A 173 3.33 -11.95 23.45
N TYR A 174 4.52 -12.46 23.08
CA TYR A 174 5.37 -13.27 23.96
C TYR A 174 6.54 -12.46 24.55
N ARG A 175 6.52 -11.16 24.33
CA ARG A 175 7.57 -10.28 24.74
C ARG A 175 7.35 -9.80 26.19
N SER A 176 8.46 -9.55 26.88
CA SER A 176 8.48 -9.25 28.31
C SER A 176 8.45 -7.74 28.58
N PRO A 177 7.97 -7.34 29.77
CA PRO A 177 7.83 -5.91 30.06
C PRO A 177 9.16 -5.14 30.22
N GLU A 178 10.23 -5.79 30.66
CA GLU A 178 11.60 -5.22 30.59
C GLU A 178 11.89 -4.60 29.23
N VAL A 179 11.65 -5.41 28.21
CA VAL A 179 12.03 -5.08 26.85
C VAL A 179 11.09 -4.00 26.32
N LEU A 180 9.78 -4.18 26.54
CA LEU A 180 8.76 -3.23 26.10
C LEU A 180 8.90 -1.83 26.69
N LEU A 181 9.31 -1.77 27.97
CA LEU A 181 9.52 -0.47 28.66
C LEU A 181 10.88 0.17 28.39
N GLY A 182 11.77 -0.56 27.70
CA GLY A 182 13.02 0.02 27.19
C GLY A 182 14.22 -0.06 28.12
N SER A 183 14.20 -1.06 29.01
CA SER A 183 15.33 -1.39 29.88
C SER A 183 16.65 -1.42 29.12
N ALA A 184 17.73 -0.95 29.75
CA ALA A 184 19.05 -0.86 29.11
C ALA A 184 19.62 -2.25 28.86
N ARG A 185 19.39 -3.14 29.82
CA ARG A 185 19.88 -4.52 29.73
C ARG A 185 18.79 -5.57 30.01
N TYR A 186 19.03 -6.79 29.55
CA TYR A 186 18.11 -7.90 29.76
C TYR A 186 18.88 -9.23 29.82
N SER A 187 18.26 -10.27 30.35
CA SER A 187 18.93 -11.54 30.56
C SER A 187 17.98 -12.75 30.48
N THR A 188 18.39 -13.87 31.08
CA THR A 188 17.59 -15.10 31.05
C THR A 188 16.10 -14.98 31.43
N PRO A 189 15.73 -14.00 32.27
CA PRO A 189 14.29 -13.93 32.58
C PRO A 189 13.34 -13.67 31.40
N VAL A 190 13.83 -13.03 30.32
CA VAL A 190 12.99 -12.79 29.14
C VAL A 190 12.43 -14.09 28.58
N ASP A 191 13.24 -15.16 28.56
CA ASP A 191 12.75 -16.48 28.11
C ASP A 191 11.72 -17.10 29.06
N ILE A 192 11.80 -16.77 30.35
CA ILE A 192 10.86 -17.32 31.30
C ILE A 192 9.49 -16.66 31.15
N TRP A 193 9.46 -15.35 30.98
CA TRP A 193 8.20 -14.65 30.68
C TRP A 193 7.50 -15.28 29.45
N SER A 194 8.26 -15.51 28.38
CA SER A 194 7.72 -16.10 27.16
C SER A 194 7.14 -17.49 27.39
N ILE A 195 7.86 -18.32 28.14
CA ILE A 195 7.35 -19.66 28.49
C ILE A 195 6.05 -19.53 29.31
N GLY A 196 5.98 -18.52 30.17
CA GLY A 196 4.74 -18.17 30.86
C GLY A 196 3.54 -17.98 29.96
N THR A 197 3.66 -17.06 29.02
CA THR A 197 2.58 -16.75 28.07
C THR A 197 2.24 -17.93 27.17
N ILE A 198 3.22 -18.78 26.87
CA ILE A 198 2.99 -20.02 26.11
C ILE A 198 2.31 -21.08 26.96
N PHE A 199 2.65 -21.16 28.25
CA PHE A 199 1.98 -22.08 29.17
C PHE A 199 0.46 -21.81 29.12
N ALA A 200 0.05 -20.55 29.33
CA ALA A 200 -1.35 -20.15 29.25
C ALA A 200 -2.03 -20.52 27.93
N GLU A 201 -1.31 -20.36 26.82
CA GLU A 201 -1.83 -20.69 25.49
C GLU A 201 -2.06 -22.20 25.31
N LEU A 202 -1.16 -23.03 25.85
CA LEU A 202 -1.31 -24.48 25.79
C LEU A 202 -2.63 -24.88 26.48
N ALA A 203 -2.92 -24.23 27.59
CA ALA A 203 -4.11 -24.50 28.37
C ALA A 203 -5.40 -24.00 27.72
N THR A 204 -5.39 -22.76 27.23
CA THR A 204 -6.60 -22.09 26.70
C THR A 204 -6.81 -22.17 25.20
N LYS A 205 -5.77 -22.49 24.43
CA LYS A 205 -5.72 -22.41 22.94
C LYS A 205 -5.51 -21.01 22.34
N LYS A 206 -5.67 -19.96 23.15
CA LYS A 206 -5.54 -18.58 22.65
C LYS A 206 -4.46 -17.78 23.40
N PRO A 207 -3.88 -16.75 22.74
CA PRO A 207 -2.78 -16.00 23.36
C PRO A 207 -3.23 -15.22 24.57
N LEU A 208 -2.39 -15.16 25.58
CA LEU A 208 -2.75 -14.51 26.85
C LEU A 208 -2.80 -13.01 26.69
N PHE A 209 -1.78 -12.43 26.04
CA PHE A 209 -1.69 -10.98 25.86
C PHE A 209 -1.68 -10.61 24.39
N HIS A 210 -2.88 -10.38 23.84
CA HIS A 210 -3.18 -10.32 22.39
C HIS A 210 -3.17 -8.87 21.90
N GLY A 211 -2.04 -8.18 22.01
CA GLY A 211 -1.97 -6.75 21.70
C GLY A 211 -1.75 -6.38 20.24
N ASP A 212 -2.20 -5.18 19.85
CA ASP A 212 -2.09 -4.65 18.47
C ASP A 212 -0.87 -3.72 18.21
N SER A 213 -0.06 -3.50 19.24
CA SER A 213 1.08 -2.59 19.19
C SER A 213 1.87 -2.75 20.50
N GLU A 214 3.08 -2.19 20.56
CA GLU A 214 3.86 -2.23 21.80
C GLU A 214 3.06 -1.64 22.95
N ILE A 215 2.46 -0.47 22.71
CA ILE A 215 1.75 0.25 23.75
C ILE A 215 0.49 -0.52 24.17
N ASP A 216 -0.28 -1.00 23.20
CA ASP A 216 -1.44 -1.84 23.54
C ASP A 216 -1.04 -3.14 24.27
N GLN A 217 0.10 -3.73 23.90
CA GLN A 217 0.64 -4.93 24.56
C GLN A 217 0.90 -4.66 26.05
N LEU A 218 1.53 -3.52 26.37
CA LEU A 218 1.73 -3.13 27.77
C LEU A 218 0.40 -2.98 28.52
N PHE A 219 -0.54 -2.26 27.92
CA PHE A 219 -1.83 -2.01 28.54
C PHE A 219 -2.62 -3.30 28.80
N ARG A 220 -2.45 -4.31 27.96
CA ARG A 220 -3.09 -5.61 28.24
C ARG A 220 -2.43 -6.38 29.37
N ILE A 221 -1.11 -6.23 29.47
CA ILE A 221 -0.35 -6.80 30.60
C ILE A 221 -0.76 -6.11 31.89
N PHE A 222 -0.82 -4.77 31.85
CA PHE A 222 -1.24 -3.98 33.02
C PHE A 222 -2.65 -4.33 33.48
N ARG A 223 -3.60 -4.42 32.55
CA ARG A 223 -5.00 -4.74 32.89
C ARG A 223 -5.24 -6.08 33.58
N ALA A 224 -4.30 -7.01 33.44
CA ALA A 224 -4.42 -8.36 34.04
C ALA A 224 -3.57 -8.58 35.29
N LEU A 225 -2.42 -7.92 35.34
CA LEU A 225 -1.45 -8.06 36.44
C LEU A 225 -1.25 -6.78 37.28
N GLY A 226 -1.93 -5.70 36.93
CA GLY A 226 -1.77 -4.43 37.63
C GLY A 226 -0.74 -3.55 36.99
N THR A 227 -1.01 -2.25 36.97
CA THR A 227 -0.04 -1.28 36.49
C THR A 227 1.13 -1.28 37.45
N PRO A 228 2.35 -1.53 36.96
CA PRO A 228 3.49 -1.52 37.86
C PRO A 228 3.94 -0.11 38.32
N ASN A 229 4.44 -0.05 39.57
CA ASN A 229 5.09 1.13 40.18
C ASN A 229 6.35 0.65 40.94
N ASN A 230 7.09 1.58 41.56
CA ASN A 230 8.28 1.22 42.34
C ASN A 230 8.01 0.27 43.54
N GLU A 231 6.80 0.28 44.11
CA GLU A 231 6.42 -0.66 45.18
C GLU A 231 6.53 -2.14 44.78
N VAL A 232 6.06 -2.50 43.58
CA VAL A 232 6.10 -3.91 43.10
C VAL A 232 7.28 -4.22 42.18
N TRP A 233 7.91 -3.20 41.60
CA TRP A 233 9.02 -3.39 40.68
C TRP A 233 10.04 -2.24 40.85
N PRO A 234 11.02 -2.42 41.74
CA PRO A 234 12.04 -1.43 42.02
C PRO A 234 12.66 -0.82 40.77
N GLU A 235 12.78 0.52 40.76
CA GLU A 235 13.39 1.29 39.66
C GLU A 235 12.62 1.32 38.33
N VAL A 236 11.40 0.78 38.29
CA VAL A 236 10.62 0.75 37.03
C VAL A 236 10.29 2.17 36.55
N GLU A 237 10.00 3.07 37.51
CA GLU A 237 9.61 4.44 37.19
C GLU A 237 10.74 5.26 36.57
N SER A 238 11.97 4.74 36.61
CA SER A 238 13.14 5.33 35.94
C SER A 238 13.37 4.87 34.50
N LEU A 239 12.62 3.86 34.02
CA LEU A 239 12.88 3.26 32.70
C LEU A 239 12.49 4.19 31.56
N GLN A 240 13.10 3.96 30.39
CA GLN A 240 13.09 4.95 29.31
C GLN A 240 11.67 5.28 28.83
N ASP A 241 10.80 4.30 28.74
CA ASP A 241 9.41 4.47 28.26
C ASP A 241 8.31 4.30 29.33
N TYR A 242 8.68 4.42 30.62
CA TYR A 242 7.69 4.53 31.70
C TYR A 242 7.05 5.91 31.68
N LYS A 243 5.79 5.97 32.12
CA LYS A 243 5.03 7.22 32.25
C LYS A 243 4.18 7.13 33.51
N ASN A 244 4.07 8.27 34.23
CA ASN A 244 3.15 8.37 35.37
C ASN A 244 1.69 8.49 34.93
N THR A 245 1.46 8.73 33.63
CA THR A 245 0.12 8.85 33.07
C THR A 245 -0.54 7.55 32.56
N PHE A 246 0.12 6.39 32.68
CA PHE A 246 -0.49 5.12 32.24
C PHE A 246 -1.83 4.92 32.95
N PRO A 247 -2.76 4.18 32.34
CA PRO A 247 -3.93 3.78 33.12
C PRO A 247 -3.53 2.99 34.35
N LYS A 248 -4.40 2.96 35.36
CA LYS A 248 -4.07 2.48 36.71
C LYS A 248 -5.00 1.37 37.13
N TRP A 249 -4.66 0.14 36.77
CA TRP A 249 -5.46 -1.02 37.18
C TRP A 249 -4.79 -1.70 38.36
N LYS A 250 -5.58 -2.32 39.22
CA LYS A 250 -5.05 -2.93 40.44
C LYS A 250 -4.64 -4.37 40.17
N PRO A 251 -3.66 -4.90 40.91
CA PRO A 251 -3.20 -6.28 40.73
C PRO A 251 -4.24 -7.32 41.17
N GLY A 252 -4.27 -8.46 40.49
CA GLY A 252 -5.19 -9.53 40.83
C GLY A 252 -6.18 -9.90 39.73
N SER A 253 -6.57 -11.18 39.71
CA SER A 253 -7.53 -11.65 38.70
C SER A 253 -6.77 -12.09 37.41
N LEU A 254 -5.70 -12.86 37.63
CA LEU A 254 -5.05 -13.69 36.60
C LEU A 254 -5.87 -14.96 36.26
N ALA A 255 -6.53 -15.55 37.26
CA ALA A 255 -7.32 -16.77 37.02
C ALA A 255 -8.57 -16.52 36.20
N SER A 256 -9.03 -15.28 36.12
CA SER A 256 -10.16 -14.90 35.24
C SER A 256 -9.76 -14.82 33.76
N HIS A 257 -8.46 -14.68 33.48
CA HIS A 257 -7.94 -14.65 32.10
C HIS A 257 -7.54 -16.04 31.58
N VAL A 258 -7.59 -17.08 32.42
CA VAL A 258 -7.12 -18.42 32.06
C VAL A 258 -7.99 -19.51 32.69
N LYS A 259 -8.06 -20.66 32.04
CA LYS A 259 -8.90 -21.78 32.49
C LYS A 259 -8.10 -23.07 32.38
N ASN A 260 -8.69 -24.17 32.85
CA ASN A 260 -8.08 -25.53 32.76
C ASN A 260 -6.73 -25.67 33.48
N LEU A 261 -6.54 -24.94 34.58
CA LEU A 261 -5.33 -25.08 35.40
C LEU A 261 -5.69 -25.18 36.88
N ASP A 262 -5.24 -26.26 37.52
CA ASP A 262 -5.35 -26.41 38.99
C ASP A 262 -4.54 -25.34 39.72
N GLU A 263 -4.56 -25.36 41.04
CA GLU A 263 -3.95 -24.30 41.83
C GLU A 263 -2.40 -24.24 41.69
N ASN A 264 -1.77 -25.38 41.44
CA ASN A 264 -0.32 -25.42 41.21
C ASN A 264 0.04 -24.73 39.90
N GLY A 265 -0.63 -25.12 38.82
CA GLY A 265 -0.51 -24.46 37.51
C GLY A 265 -0.60 -22.94 37.59
N LEU A 266 -1.63 -22.45 38.28
CA LEU A 266 -1.83 -21.02 38.44
C LEU A 266 -0.73 -20.37 39.25
N ASP A 267 -0.19 -21.10 40.23
CA ASP A 267 0.90 -20.57 41.06
C ASP A 267 2.19 -20.45 40.25
N LEU A 268 2.52 -21.50 39.49
CA LEU A 268 3.71 -21.51 38.61
C LEU A 268 3.63 -20.41 37.54
N LEU A 269 2.49 -20.34 36.87
CA LEU A 269 2.20 -19.30 35.89
C LEU A 269 2.43 -17.90 36.46
N SER A 270 1.88 -17.64 37.64
CA SER A 270 2.00 -16.30 38.27
C SER A 270 3.47 -15.98 38.61
N LYS A 271 4.23 -17.03 38.94
CA LYS A 271 5.65 -16.89 39.22
C LYS A 271 6.52 -16.67 37.96
N MET A 272 6.10 -17.25 36.83
CA MET A 272 6.70 -16.93 35.53
C MET A 272 6.39 -15.52 35.04
N LEU A 273 5.31 -14.91 35.53
CA LEU A 273 4.88 -13.56 35.10
C LEU A 273 5.07 -12.45 36.13
N ILE A 274 6.06 -12.61 37.00
CA ILE A 274 6.40 -11.56 37.96
C ILE A 274 7.07 -10.43 37.19
N TYR A 275 6.73 -9.20 37.56
CA TYR A 275 7.26 -8.02 36.89
C TYR A 275 8.77 -7.87 36.99
N ASP A 276 9.32 -7.93 38.20
CA ASP A 276 10.78 -7.73 38.43
C ASP A 276 11.55 -8.93 37.88
N PRO A 277 12.45 -8.71 36.90
CA PRO A 277 13.32 -9.80 36.38
C PRO A 277 14.11 -10.54 37.47
N ALA A 278 14.63 -9.79 38.44
CA ALA A 278 15.37 -10.37 39.57
C ALA A 278 14.54 -11.32 40.45
N LYS A 279 13.28 -10.98 40.69
CA LYS A 279 12.38 -11.81 41.52
C LYS A 279 11.66 -12.92 40.73
N ARG A 280 11.72 -12.87 39.41
CA ARG A 280 11.01 -13.84 38.57
C ARG A 280 11.61 -15.24 38.71
N ILE A 281 10.78 -16.27 38.66
CA ILE A 281 11.23 -17.65 38.79
C ILE A 281 12.24 -18.02 37.69
N SER A 282 13.17 -18.92 38.04
CA SER A 282 14.18 -19.43 37.11
C SER A 282 13.69 -20.75 36.52
N GLY A 283 14.37 -21.21 35.47
CA GLY A 283 14.06 -22.51 34.87
C GLY A 283 14.28 -23.70 35.79
N LYS A 284 15.40 -23.71 36.50
CA LYS A 284 15.71 -24.77 37.51
C LYS A 284 14.60 -24.91 38.52
N MET A 285 14.27 -23.80 39.17
CA MET A 285 13.26 -23.77 40.23
C MET A 285 11.89 -24.23 39.71
N ALA A 286 11.53 -23.80 38.50
CA ALA A 286 10.23 -24.15 37.91
C ALA A 286 10.06 -25.65 37.75
N LEU A 287 11.14 -26.37 37.45
CA LEU A 287 11.09 -27.83 37.31
C LEU A 287 10.77 -28.60 38.62
N ASN A 288 11.10 -28.00 39.77
CA ASN A 288 10.79 -28.57 41.08
C ASN A 288 9.41 -28.18 41.63
N HIS A 289 8.62 -27.43 40.87
CA HIS A 289 7.34 -26.92 41.37
C HIS A 289 6.33 -28.08 41.46
N PRO A 290 5.48 -28.07 42.52
CA PRO A 290 4.43 -29.08 42.74
C PRO A 290 3.58 -29.50 41.51
N TYR A 291 3.28 -28.54 40.62
CA TYR A 291 2.55 -28.81 39.37
C TYR A 291 3.05 -30.10 38.67
N PHE A 292 4.37 -30.34 38.68
CA PHE A 292 4.94 -31.51 37.99
C PHE A 292 4.90 -32.85 38.75
N ASN A 293 4.50 -32.84 40.03
CA ASN A 293 4.48 -34.06 40.87
C ASN A 293 3.79 -35.24 40.18
N ASP A 294 2.61 -34.99 39.61
CA ASP A 294 1.80 -36.08 39.02
C ASP A 294 1.99 -36.25 37.52
N LEU A 295 3.24 -36.21 37.06
CA LEU A 295 3.55 -36.18 35.62
C LEU A 295 3.59 -37.60 34.96
N ASP A 296 3.27 -37.64 33.66
CA ASP A 296 2.69 -38.83 32.98
C ASP A 296 3.59 -39.36 31.85
N ASN A 297 3.33 -40.62 31.48
CA ASN A 297 4.03 -41.37 30.40
C ASN A 297 4.04 -40.67 29.02
N GLN A 298 5.25 -40.33 28.52
CA GLN A 298 5.58 -39.89 27.11
C GLN A 298 6.57 -38.70 27.09
N GLN B 10 -5.82 4.33 5.64
CA GLN B 10 -6.97 4.71 6.53
C GLN B 10 -6.61 4.81 8.01
N ILE B 11 -7.47 5.48 8.76
CA ILE B 11 -7.23 5.73 10.20
C ILE B 11 -8.08 4.72 10.99
N TYR B 12 -7.45 4.07 11.96
CA TYR B 12 -8.09 3.02 12.77
C TYR B 12 -8.28 3.49 14.22
N TYR B 13 -9.48 3.29 14.75
CA TYR B 13 -9.87 3.68 16.11
C TYR B 13 -10.03 2.43 16.98
N SER B 14 -9.30 2.34 18.10
CA SER B 14 -9.44 1.20 19.01
C SER B 14 -10.77 1.24 19.77
N ASP B 15 -11.16 0.09 20.31
CA ASP B 15 -12.25 0.03 21.28
C ASP B 15 -11.85 0.84 22.54
N LYS B 16 -12.84 1.23 23.33
CA LYS B 16 -12.58 1.94 24.57
C LYS B 16 -12.17 1.00 25.71
N TYR B 17 -11.30 1.49 26.57
CA TYR B 17 -10.95 0.84 27.84
C TYR B 17 -11.00 1.90 28.95
N PHE B 18 -11.13 1.45 30.21
CA PHE B 18 -11.34 2.41 31.32
C PHE B 18 -10.65 2.07 32.64
N ASP B 19 -10.55 3.11 33.45
CA ASP B 19 -9.83 3.19 34.70
C ASP B 19 -10.89 3.26 35.80
N GLU B 20 -10.49 3.67 37.00
CA GLU B 20 -11.44 4.14 38.00
C GLU B 20 -11.82 5.59 37.75
N HIS B 21 -10.88 6.39 37.24
CA HIS B 21 -11.08 7.83 36.97
C HIS B 21 -11.32 8.22 35.50
N TYR B 22 -10.49 7.76 34.57
CA TYR B 22 -10.65 8.08 33.14
C TYR B 22 -11.23 6.95 32.24
N GLU B 23 -11.76 7.34 31.07
CA GLU B 23 -11.98 6.41 29.94
C GLU B 23 -10.92 6.70 28.88
N TYR B 24 -10.56 5.68 28.09
CA TYR B 24 -9.40 5.76 27.17
C TYR B 24 -9.67 5.21 25.78
N ARG B 25 -8.85 5.62 24.81
CA ARG B 25 -8.94 5.13 23.43
C ARG B 25 -7.76 5.56 22.53
N HIS B 26 -7.06 4.61 21.90
CA HIS B 26 -5.94 4.98 21.02
C HIS B 26 -6.33 4.94 19.53
N VAL B 27 -5.60 5.72 18.74
CA VAL B 27 -5.89 5.93 17.33
C VAL B 27 -4.61 5.79 16.53
N MET B 28 -4.63 4.91 15.52
CA MET B 28 -3.46 4.59 14.71
C MET B 28 -3.56 5.27 13.36
N LEU B 29 -2.60 6.17 13.11
CA LEU B 29 -2.52 6.89 11.85
C LEU B 29 -1.61 6.14 10.88
N PRO B 30 -1.81 6.34 9.56
CA PRO B 30 -0.87 5.86 8.56
C PRO B 30 0.50 6.51 8.73
N ARG B 31 1.55 5.80 8.37
CA ARG B 31 2.91 6.19 8.71
C ARG B 31 3.41 7.42 7.99
N GLU B 32 2.74 7.84 6.92
CA GLU B 32 3.16 9.04 6.19
C GLU B 32 2.61 10.29 6.86
N LEU B 33 1.45 10.19 7.51
CA LEU B 33 0.94 11.24 8.40
C LEU B 33 1.70 11.36 9.71
N SER B 34 2.40 10.32 10.14
CA SER B 34 3.05 10.35 11.46
C SER B 34 4.20 11.37 11.55
N LYS B 35 4.84 11.68 10.44
CA LYS B 35 5.86 12.74 10.37
C LYS B 35 5.28 14.13 10.60
N GLN B 36 3.95 14.24 10.66
CA GLN B 36 3.25 15.48 10.90
C GLN B 36 2.80 15.63 12.38
N VAL B 37 3.05 14.62 13.22
CA VAL B 37 2.63 14.69 14.63
C VAL B 37 3.85 15.19 15.42
N PRO B 38 3.68 16.30 16.18
CA PRO B 38 4.73 16.88 17.03
C PRO B 38 5.49 15.86 17.90
N LYS B 39 6.82 15.86 17.75
CA LYS B 39 7.73 14.98 18.50
C LYS B 39 8.20 15.62 19.83
N THR B 40 7.49 16.66 20.30
CA THR B 40 7.96 17.54 21.37
C THR B 40 6.86 17.98 22.36
N HIS B 41 5.59 18.12 21.91
CA HIS B 41 4.51 18.54 22.77
C HIS B 41 3.18 17.77 22.44
N LEU B 42 2.28 17.67 23.42
CA LEU B 42 0.94 17.13 23.19
C LEU B 42 0.12 18.11 22.32
N MET B 43 -1.08 17.72 21.90
CA MET B 43 -1.81 18.42 20.86
C MET B 43 -3.15 18.93 21.39
N SER B 44 -3.53 20.11 20.94
CA SER B 44 -4.87 20.66 21.18
C SER B 44 -5.90 19.90 20.35
N GLU B 45 -7.14 19.93 20.81
CA GLU B 45 -8.25 19.37 20.06
C GLU B 45 -8.36 19.95 18.63
N GLU B 46 -7.96 21.21 18.46
CA GLU B 46 -7.87 21.84 17.14
C GLU B 46 -6.81 21.15 16.29
N GLU B 47 -5.63 20.94 16.88
CA GLU B 47 -4.49 20.32 16.17
C GLU B 47 -4.79 18.89 15.67
N TRP B 48 -5.28 18.01 16.54
CA TRP B 48 -5.55 16.63 16.11
C TRP B 48 -6.69 16.44 15.13
N ARG B 49 -7.66 17.36 15.15
CA ARG B 49 -8.70 17.37 14.11
C ARG B 49 -8.16 17.73 12.72
N ARG B 50 -7.08 18.53 12.64
CA ARG B 50 -6.43 18.85 11.33
C ARG B 50 -5.77 17.63 10.66
N LEU B 51 -5.40 16.63 11.44
CA LEU B 51 -4.94 15.34 10.90
C LEU B 51 -6.07 14.40 10.43
N GLY B 52 -7.33 14.79 10.64
CA GLY B 52 -8.48 13.97 10.24
C GLY B 52 -8.97 12.98 11.29
N VAL B 53 -8.56 13.16 12.53
CA VAL B 53 -9.07 12.32 13.63
C VAL B 53 -10.47 12.82 13.96
N GLN B 54 -11.45 11.92 13.86
CA GLN B 54 -12.86 12.24 14.08
C GLN B 54 -13.43 11.47 15.26
N GLN B 55 -13.82 12.19 16.29
CA GLN B 55 -14.48 11.62 17.47
C GLN B 55 -15.20 12.73 18.24
N SER B 56 -15.94 12.36 19.30
CA SER B 56 -16.67 13.34 20.13
C SER B 56 -15.78 14.35 20.90
N LEU B 57 -16.39 15.41 21.43
CA LEU B 57 -15.66 16.46 22.18
C LEU B 57 -15.05 15.97 23.48
N GLY B 58 -13.94 16.59 23.90
CA GLY B 58 -13.36 16.38 25.22
C GLY B 58 -12.33 15.26 25.41
N TRP B 59 -11.99 14.52 24.35
CA TRP B 59 -10.85 13.59 24.39
C TRP B 59 -9.58 14.40 24.41
N VAL B 60 -8.65 14.04 25.29
CA VAL B 60 -7.39 14.75 25.43
C VAL B 60 -6.19 13.86 25.09
N HIS B 61 -5.32 14.37 24.21
CA HIS B 61 -4.05 13.73 23.85
C HIS B 61 -3.09 13.81 25.06
N TYR B 62 -2.94 12.71 25.79
CA TYR B 62 -2.28 12.67 27.11
C TYR B 62 -0.83 12.13 27.18
N MET B 63 -0.31 11.52 26.11
CA MET B 63 1.04 10.93 26.11
C MET B 63 1.51 10.43 24.74
N ILE B 64 2.82 10.24 24.65
CA ILE B 64 3.49 9.75 23.46
C ILE B 64 4.33 8.55 23.86
N HIS B 65 4.07 7.40 23.24
CA HIS B 65 4.99 6.28 23.30
C HIS B 65 6.00 6.52 22.17
N GLU B 66 7.24 6.81 22.52
CA GLU B 66 8.24 7.33 21.56
C GLU B 66 8.55 6.38 20.40
N PRO B 67 8.58 5.05 20.64
CA PRO B 67 8.77 4.08 19.52
C PRO B 67 7.66 4.02 18.48
N GLU B 68 6.46 4.46 18.83
CA GLU B 68 5.28 4.41 17.96
C GLU B 68 4.63 5.80 17.86
N PRO B 69 5.34 6.78 17.25
CA PRO B 69 4.80 8.15 17.12
C PRO B 69 3.49 8.26 16.33
N HIS B 70 3.21 7.27 15.48
CA HIS B 70 1.93 7.15 14.77
C HIS B 70 0.69 6.78 15.59
N ILE B 71 0.87 6.46 16.88
CA ILE B 71 -0.24 6.07 17.75
C ILE B 71 -0.59 7.21 18.71
N LEU B 72 -1.77 7.79 18.53
CA LEU B 72 -2.23 8.87 19.39
C LEU B 72 -3.05 8.29 20.53
N LEU B 73 -2.60 8.52 21.75
CA LEU B 73 -3.28 8.03 22.95
C LEU B 73 -4.19 9.10 23.55
N PHE B 74 -5.45 8.75 23.76
CA PHE B 74 -6.48 9.67 24.22
C PHE B 74 -7.14 9.21 25.52
N ARG B 75 -7.67 10.20 26.23
CA ARG B 75 -8.12 10.07 27.62
C ARG B 75 -9.20 11.14 27.84
N ARG B 76 -10.25 10.76 28.57
CA ARG B 76 -11.31 11.70 28.95
C ARG B 76 -11.81 11.36 30.35
N PRO B 77 -11.98 12.37 31.24
CA PRO B 77 -12.46 12.04 32.61
C PRO B 77 -13.89 11.56 32.66
N LEU B 78 -14.12 10.50 33.44
CA LEU B 78 -15.46 10.00 33.71
C LEU B 78 -16.22 11.03 34.56
N PRO B 79 -17.56 11.12 34.37
CA PRO B 79 -18.31 12.06 35.19
C PRO B 79 -18.59 11.45 36.56
N LYS B 80 -18.88 12.30 37.55
CA LYS B 80 -18.98 11.89 38.95
C LYS B 80 -20.38 12.12 39.51
N MET C 6 -25.62 -19.02 -20.05
CA MET C 6 -26.58 -19.84 -20.86
C MET C 6 -25.97 -21.23 -21.07
N GLU C 7 -26.85 -22.21 -21.26
CA GLU C 7 -26.45 -23.61 -21.47
C GLU C 7 -25.87 -23.90 -22.87
N ASP C 8 -26.02 -22.95 -23.80
CA ASP C 8 -25.51 -23.07 -25.19
C ASP C 8 -23.98 -23.01 -25.36
N TYR C 9 -23.25 -22.58 -24.31
CA TYR C 9 -21.81 -22.36 -24.40
C TYR C 9 -21.08 -23.15 -23.33
N THR C 10 -19.79 -23.39 -23.55
CA THR C 10 -18.94 -24.08 -22.58
C THR C 10 -17.72 -23.19 -22.33
N LYS C 11 -17.46 -22.84 -21.07
CA LYS C 11 -16.21 -22.13 -20.71
C LYS C 11 -15.04 -23.06 -21.01
N ILE C 12 -14.00 -22.52 -21.60
CA ILE C 12 -12.74 -23.25 -21.79
C ILE C 12 -11.80 -22.75 -20.70
N GLU C 13 -11.35 -21.50 -20.80
CA GLU C 13 -10.37 -20.93 -19.85
C GLU C 13 -10.51 -19.40 -19.73
N LYS C 14 -10.03 -18.85 -18.62
CA LYS C 14 -9.90 -17.39 -18.45
C LYS C 14 -8.84 -16.87 -19.44
N ILE C 15 -9.08 -15.68 -20.00
CA ILE C 15 -8.07 -15.00 -20.84
C ILE C 15 -7.55 -13.71 -20.18
N GLY C 16 -8.34 -13.07 -19.33
CA GLY C 16 -7.94 -11.79 -18.75
C GLY C 16 -9.00 -11.13 -17.91
N GLU C 17 -8.65 -9.96 -17.36
CA GLU C 17 -9.59 -9.07 -16.71
C GLU C 17 -9.66 -7.81 -17.58
N GLY C 18 -10.87 -7.50 -18.07
CA GLY C 18 -11.13 -6.30 -18.82
C GLY C 18 -11.68 -5.24 -17.88
N THR C 19 -11.99 -4.06 -18.44
CA THR C 19 -12.48 -2.92 -17.65
C THR C 19 -13.82 -3.22 -16.96
N TYR C 20 -14.66 -3.97 -17.65
CA TYR C 20 -16.04 -4.21 -17.24
C TYR C 20 -16.24 -5.48 -16.42
N GLY C 21 -15.37 -6.47 -16.62
CA GLY C 21 -15.42 -7.69 -15.80
C GLY C 21 -14.44 -8.73 -16.27
N VAL C 22 -14.70 -9.99 -15.96
CA VAL C 22 -13.82 -11.11 -16.34
C VAL C 22 -14.09 -11.50 -17.80
N VAL C 23 -13.05 -11.97 -18.52
CA VAL C 23 -13.18 -12.44 -19.91
C VAL C 23 -12.74 -13.91 -20.09
N TYR C 24 -13.63 -14.74 -20.63
CA TYR C 24 -13.38 -16.16 -20.87
C TYR C 24 -13.35 -16.48 -22.37
N LYS C 25 -12.64 -17.55 -22.73
CA LYS C 25 -12.74 -18.17 -24.06
C LYS C 25 -13.77 -19.30 -23.96
N GLY C 26 -14.61 -19.46 -24.98
CA GLY C 26 -15.69 -20.44 -24.93
C GLY C 26 -16.03 -20.99 -26.30
N ARG C 27 -16.87 -22.04 -26.32
CA ARG C 27 -17.36 -22.60 -27.57
C ARG C 27 -18.88 -22.74 -27.55
N HIS C 28 -19.51 -22.39 -28.68
CA HIS C 28 -20.93 -22.65 -28.91
C HIS C 28 -21.10 -24.15 -29.12
N LYS C 29 -22.02 -24.76 -28.38
CA LYS C 29 -22.21 -26.23 -28.45
C LYS C 29 -22.84 -26.71 -29.78
N THR C 30 -23.81 -25.97 -30.29
CA THR C 30 -24.37 -26.23 -31.63
C THR C 30 -23.38 -25.96 -32.78
N THR C 31 -22.95 -24.70 -32.97
CA THR C 31 -22.15 -24.31 -34.16
C THR C 31 -20.67 -24.67 -34.11
N GLY C 32 -20.12 -24.92 -32.91
CA GLY C 32 -18.68 -25.15 -32.75
C GLY C 32 -17.76 -23.93 -32.80
N GLN C 33 -18.34 -22.73 -32.99
CA GLN C 33 -17.58 -21.48 -33.06
C GLN C 33 -16.92 -21.14 -31.72
N VAL C 34 -15.69 -20.66 -31.77
CA VAL C 34 -14.97 -20.22 -30.59
C VAL C 34 -15.32 -18.75 -30.36
N VAL C 35 -15.56 -18.39 -29.09
CA VAL C 35 -16.00 -17.02 -28.75
C VAL C 35 -15.31 -16.49 -27.50
N ALA C 36 -15.33 -15.15 -27.38
CA ALA C 36 -14.94 -14.45 -26.16
C ALA C 36 -16.20 -14.14 -25.39
N MET C 37 -16.17 -14.35 -24.08
CA MET C 37 -17.35 -14.18 -23.24
C MET C 37 -16.97 -13.23 -22.11
N LYS C 38 -17.62 -12.07 -22.06
CA LYS C 38 -17.33 -11.05 -21.06
C LYS C 38 -18.43 -11.15 -19.99
N LYS C 39 -18.06 -11.59 -18.78
CA LYS C 39 -18.98 -11.63 -17.64
C LYS C 39 -18.95 -10.30 -16.90
N ILE C 40 -20.14 -9.79 -16.57
CA ILE C 40 -20.34 -8.50 -15.92
C ILE C 40 -21.38 -8.66 -14.82
N ARG C 41 -21.03 -8.31 -13.59
CA ARG C 41 -22.02 -8.29 -12.49
C ARG C 41 -22.77 -6.97 -12.55
N LEU C 42 -24.09 -7.02 -12.74
CA LEU C 42 -24.92 -5.82 -12.66
C LEU C 42 -25.22 -5.55 -11.20
N GLU C 43 -25.12 -4.28 -10.81
CA GLU C 43 -25.60 -3.83 -9.48
C GLU C 43 -27.11 -4.06 -9.34
N SER C 44 -27.57 -4.37 -8.13
CA SER C 44 -29.00 -4.49 -7.84
C SER C 44 -29.70 -3.14 -8.07
N GLU C 45 -30.90 -3.14 -8.66
CA GLU C 45 -31.57 -1.89 -9.08
C GLU C 45 -32.94 -1.62 -8.39
N GLU C 46 -33.29 -0.35 -8.33
CA GLU C 46 -34.50 0.12 -7.62
C GLU C 46 -35.79 -0.26 -8.35
N GLU C 47 -36.75 -0.79 -7.62
CA GLU C 47 -37.97 -1.38 -8.23
C GLU C 47 -38.82 -0.29 -8.85
N GLY C 48 -39.30 -0.54 -10.07
CA GLY C 48 -40.05 0.46 -10.84
C GLY C 48 -39.19 1.46 -11.59
N VAL C 49 -37.90 1.13 -11.77
CA VAL C 49 -36.94 1.95 -12.52
C VAL C 49 -36.14 0.99 -13.42
N PRO C 50 -36.56 0.80 -14.69
CA PRO C 50 -35.74 -0.07 -15.57
C PRO C 50 -34.37 0.53 -15.91
N SER C 51 -33.39 -0.36 -16.12
CA SER C 51 -32.00 0.02 -16.32
C SER C 51 -31.73 0.25 -17.80
N THR C 52 -31.16 1.41 -18.10
CA THR C 52 -30.82 1.79 -19.46
C THR C 52 -29.59 1.04 -20.00
N ALA C 53 -28.81 0.38 -19.13
CA ALA C 53 -27.75 -0.54 -19.56
C ALA C 53 -28.20 -1.69 -20.48
N ILE C 54 -29.25 -2.41 -20.12
CA ILE C 54 -29.78 -3.50 -20.97
C ILE C 54 -30.39 -2.93 -22.27
N ARG C 55 -30.96 -1.74 -22.17
CA ARG C 55 -31.58 -1.08 -23.32
C ARG C 55 -30.51 -0.70 -24.35
N GLU C 56 -29.48 0.01 -23.88
CA GLU C 56 -28.39 0.47 -24.74
C GLU C 56 -27.60 -0.69 -25.36
N ILE C 57 -27.39 -1.76 -24.59
CA ILE C 57 -26.70 -2.97 -25.05
C ILE C 57 -27.46 -3.71 -26.15
N SER C 58 -28.80 -3.79 -26.05
CA SER C 58 -29.61 -4.35 -27.14
C SER C 58 -29.43 -3.62 -28.47
N LEU C 59 -29.41 -2.29 -28.43
CA LEU C 59 -29.09 -1.48 -29.62
C LEU C 59 -27.74 -1.85 -30.27
N LEU C 60 -26.71 -2.08 -29.45
CA LEU C 60 -25.37 -2.38 -29.95
C LEU C 60 -25.25 -3.77 -30.59
N LYS C 61 -26.15 -4.68 -30.19
CA LYS C 61 -26.26 -6.01 -30.80
C LYS C 61 -26.53 -5.93 -32.32
N GLU C 62 -27.25 -4.89 -32.75
CA GLU C 62 -27.63 -4.73 -34.16
C GLU C 62 -26.54 -4.10 -35.06
N LEU C 63 -25.46 -3.59 -34.45
CA LEU C 63 -24.37 -3.00 -35.23
C LEU C 63 -23.47 -4.05 -35.88
N ARG C 64 -23.44 -4.04 -37.21
CA ARG C 64 -22.61 -4.96 -37.99
C ARG C 64 -21.77 -4.18 -39.00
N HIS C 65 -20.47 -4.47 -39.03
CA HIS C 65 -19.53 -3.78 -39.95
C HIS C 65 -18.25 -4.57 -39.91
N PRO C 66 -17.54 -4.69 -41.05
CA PRO C 66 -16.35 -5.60 -41.02
C PRO C 66 -15.19 -5.16 -40.11
N ASN C 67 -15.07 -3.86 -39.84
CA ASN C 67 -14.05 -3.30 -38.94
C ASN C 67 -14.51 -2.98 -37.50
N ILE C 68 -15.60 -3.60 -37.03
CA ILE C 68 -15.93 -3.58 -35.60
C ILE C 68 -16.13 -5.01 -35.12
N VAL C 69 -15.89 -5.22 -33.82
CA VAL C 69 -16.05 -6.52 -33.21
C VAL C 69 -17.52 -6.72 -32.90
N SER C 70 -18.16 -7.57 -33.70
CA SER C 70 -19.59 -7.89 -33.56
C SER C 70 -19.94 -8.46 -32.19
N LEU C 71 -20.88 -7.81 -31.53
CA LEU C 71 -21.56 -8.34 -30.37
C LEU C 71 -22.61 -9.40 -30.80
N GLN C 72 -22.19 -10.65 -30.85
CA GLN C 72 -23.05 -11.73 -31.40
C GLN C 72 -24.28 -12.06 -30.54
N ASP C 73 -24.20 -11.89 -29.22
CA ASP C 73 -25.22 -12.43 -28.33
C ASP C 73 -25.10 -11.81 -26.93
N VAL C 74 -26.22 -11.78 -26.19
CA VAL C 74 -26.30 -11.19 -24.85
C VAL C 74 -27.14 -12.08 -23.94
N LEU C 75 -26.55 -12.66 -22.89
CA LEU C 75 -27.24 -13.60 -22.00
C LEU C 75 -27.40 -13.03 -20.58
N MET C 76 -28.37 -13.57 -19.84
CA MET C 76 -28.66 -13.15 -18.46
C MET C 76 -29.09 -14.31 -17.59
N GLN C 77 -28.20 -14.72 -16.67
CA GLN C 77 -28.54 -15.61 -15.57
C GLN C 77 -28.28 -14.87 -14.27
N ASP C 78 -29.27 -14.75 -13.40
CA ASP C 78 -29.04 -14.40 -12.00
C ASP C 78 -28.32 -13.05 -11.83
N SER C 79 -28.88 -11.98 -12.40
CA SER C 79 -28.30 -10.60 -12.33
C SER C 79 -26.81 -10.45 -12.77
N ARG C 80 -26.32 -11.40 -13.60
CA ARG C 80 -25.01 -11.35 -14.26
C ARG C 80 -25.27 -11.36 -15.78
N LEU C 81 -24.54 -10.50 -16.48
CA LEU C 81 -24.69 -10.25 -17.89
C LEU C 81 -23.50 -10.88 -18.60
N TYR C 82 -23.76 -11.63 -19.68
CA TYR C 82 -22.68 -12.13 -20.55
C TYR C 82 -22.75 -11.50 -21.92
N LEU C 83 -21.63 -10.96 -22.39
CA LEU C 83 -21.51 -10.44 -23.74
C LEU C 83 -20.66 -11.42 -24.55
N ILE C 84 -21.16 -11.86 -25.71
CA ILE C 84 -20.51 -12.88 -26.53
C ILE C 84 -20.00 -12.26 -27.82
N PHE C 85 -18.69 -12.39 -28.08
CA PHE C 85 -18.04 -11.79 -29.25
C PHE C 85 -17.24 -12.83 -30.04
N GLU C 86 -16.94 -12.47 -31.29
CA GLU C 86 -15.92 -13.18 -32.07
C GLU C 86 -14.61 -13.22 -31.28
N PHE C 87 -14.01 -14.40 -31.18
CA PHE C 87 -12.70 -14.53 -30.52
C PHE C 87 -11.54 -14.17 -31.45
N LEU C 88 -10.77 -13.16 -31.10
CA LEU C 88 -9.55 -12.76 -31.78
C LEU C 88 -8.40 -12.78 -30.78
N SER C 89 -7.24 -13.29 -31.20
CA SER C 89 -6.14 -13.55 -30.24
C SER C 89 -5.11 -12.42 -30.15
N MET C 90 -5.30 -11.34 -30.88
CA MET C 90 -4.19 -10.38 -31.00
C MET C 90 -4.63 -8.94 -31.08
N ASP C 91 -3.98 -8.02 -30.35
CA ASP C 91 -4.35 -6.59 -30.34
C ASP C 91 -3.15 -5.75 -30.75
N LEU C 92 -3.40 -4.47 -30.98
CA LEU C 92 -2.39 -3.61 -31.55
C LEU C 92 -1.20 -3.35 -30.62
N LYS C 93 -1.48 -3.27 -29.32
CA LYS C 93 -0.44 -3.06 -28.29
C LYS C 93 0.58 -4.17 -28.35
N LYS C 94 0.05 -5.39 -28.46
CA LYS C 94 0.81 -6.60 -28.55
C LYS C 94 1.56 -6.71 -29.87
N TYR C 95 0.91 -6.31 -30.98
CA TYR C 95 1.57 -6.34 -32.29
C TYR C 95 2.81 -5.43 -32.30
N LEU C 96 2.65 -4.22 -31.77
CA LEU C 96 3.74 -3.25 -31.71
C LEU C 96 4.91 -3.76 -30.85
N ASP C 97 4.59 -4.55 -29.83
CA ASP C 97 5.62 -5.10 -28.97
C ASP C 97 6.45 -6.21 -29.61
N SER C 98 5.85 -6.89 -30.59
CA SER C 98 6.53 -7.96 -31.31
C SER C 98 7.53 -7.43 -32.32
N ILE C 99 7.52 -6.13 -32.62
CA ILE C 99 8.49 -5.56 -33.54
C ILE C 99 9.77 -5.22 -32.75
N PRO C 100 10.94 -5.73 -33.22
CA PRO C 100 12.20 -5.51 -32.49
C PRO C 100 12.81 -4.12 -32.73
N PRO C 101 13.76 -3.70 -31.88
CA PRO C 101 14.52 -2.47 -32.09
C PRO C 101 15.19 -2.44 -33.46
N GLY C 102 15.19 -1.27 -34.09
CA GLY C 102 15.69 -1.10 -35.45
C GLY C 102 14.56 -1.11 -36.48
N GLN C 103 13.68 -2.11 -36.40
CA GLN C 103 12.55 -2.23 -37.32
C GLN C 103 11.39 -1.27 -36.93
N TYR C 104 10.65 -0.83 -37.95
CA TYR C 104 9.44 -0.05 -37.77
C TYR C 104 8.32 -0.70 -38.57
N MET C 105 7.08 -0.27 -38.31
CA MET C 105 5.94 -0.85 -39.00
C MET C 105 6.00 -0.41 -40.47
N ASP C 106 5.66 -1.35 -41.35
CA ASP C 106 5.67 -1.12 -42.80
C ASP C 106 4.76 0.06 -43.18
N SER C 107 5.33 1.08 -43.81
CA SER C 107 4.64 2.31 -44.23
C SER C 107 3.22 2.13 -44.83
N SER C 108 3.06 1.09 -45.65
CA SER C 108 1.76 0.78 -46.26
C SER C 108 0.77 0.13 -45.29
N LEU C 109 1.27 -0.71 -44.36
CA LEU C 109 0.43 -1.35 -43.34
C LEU C 109 -0.12 -0.35 -42.30
N VAL C 110 0.61 0.75 -42.09
CA VAL C 110 0.15 1.86 -41.23
C VAL C 110 -1.07 2.52 -41.86
N LYS C 111 -0.92 2.84 -43.14
CA LYS C 111 -1.99 3.40 -43.98
C LYS C 111 -3.23 2.52 -44.00
N SER C 112 -3.02 1.22 -44.23
CA SER C 112 -4.13 0.27 -44.26
C SER C 112 -4.91 0.25 -42.94
N TYR C 113 -4.18 0.22 -41.83
CA TYR C 113 -4.76 0.12 -40.49
C TYR C 113 -5.54 1.38 -40.12
N LEU C 114 -4.96 2.55 -40.40
CA LEU C 114 -5.64 3.83 -40.16
C LEU C 114 -6.93 3.95 -40.97
N TYR C 115 -6.89 3.45 -42.22
CA TYR C 115 -8.07 3.46 -43.08
C TYR C 115 -9.17 2.61 -42.45
N GLN C 116 -8.82 1.40 -42.04
CA GLN C 116 -9.77 0.51 -41.42
C GLN C 116 -10.37 1.08 -40.14
N ILE C 117 -9.50 1.64 -39.27
CA ILE C 117 -9.93 2.28 -38.01
C ILE C 117 -10.94 3.40 -38.25
N LEU C 118 -10.67 4.24 -39.25
CA LEU C 118 -11.57 5.33 -39.57
C LEU C 118 -12.89 4.84 -40.14
N GLN C 119 -12.85 3.74 -40.89
CA GLN C 119 -14.07 3.18 -41.45
C GLN C 119 -15.02 2.76 -40.32
N GLY C 120 -14.45 2.05 -39.34
CA GLY C 120 -15.19 1.61 -38.16
C GLY C 120 -15.73 2.73 -37.28
N ILE C 121 -14.94 3.80 -37.11
CA ILE C 121 -15.38 4.90 -36.27
C ILE C 121 -16.46 5.75 -36.96
N VAL C 122 -16.36 5.87 -38.28
CA VAL C 122 -17.39 6.56 -39.07
C VAL C 122 -18.72 5.81 -38.97
N PHE C 123 -18.66 4.48 -39.10
CA PHE C 123 -19.86 3.66 -38.93
C PHE C 123 -20.56 3.91 -37.60
N CYS C 124 -19.80 3.91 -36.51
CA CYS C 124 -20.34 4.16 -35.17
C CYS C 124 -20.88 5.56 -35.03
N HIS C 125 -20.09 6.54 -35.46
CA HIS C 125 -20.49 7.95 -35.36
C HIS C 125 -21.79 8.24 -36.14
N SER C 126 -21.88 7.70 -37.36
CA SER C 126 -23.10 7.81 -38.17
C SER C 126 -24.35 7.21 -37.50
N ARG C 127 -24.17 6.15 -36.70
CA ARG C 127 -25.26 5.54 -35.91
C ARG C 127 -25.38 6.06 -34.46
N ARG C 128 -24.85 7.27 -34.20
CA ARG C 128 -24.99 7.96 -32.89
C ARG C 128 -24.24 7.27 -31.71
N VAL C 129 -23.12 6.61 -31.98
CA VAL C 129 -22.40 5.82 -30.96
C VAL C 129 -20.94 6.25 -30.85
N LEU C 130 -20.47 6.52 -29.63
CA LEU C 130 -19.08 6.91 -29.36
C LEU C 130 -18.33 5.78 -28.70
N HIS C 131 -17.02 5.71 -28.91
CA HIS C 131 -16.17 4.85 -28.12
C HIS C 131 -15.84 5.55 -26.80
N ARG C 132 -15.19 6.71 -26.87
CA ARG C 132 -14.77 7.52 -25.70
C ARG C 132 -13.46 7.06 -25.03
N ASP C 133 -13.18 5.76 -25.09
CA ASP C 133 -11.99 5.17 -24.48
C ASP C 133 -11.28 4.27 -25.47
N LEU C 134 -10.82 4.88 -26.55
CA LEU C 134 -10.12 4.21 -27.62
C LEU C 134 -8.61 4.19 -27.34
N LYS C 135 -7.97 3.06 -27.62
CA LYS C 135 -6.55 2.87 -27.38
C LYS C 135 -6.09 1.55 -27.99
N PRO C 136 -4.78 1.36 -28.21
CA PRO C 136 -4.29 0.16 -28.91
C PRO C 136 -4.82 -1.20 -28.44
N GLN C 137 -5.03 -1.38 -27.14
CA GLN C 137 -5.66 -2.62 -26.60
C GLN C 137 -7.08 -2.87 -27.08
N ASN C 138 -7.78 -1.84 -27.55
CA ASN C 138 -9.13 -1.96 -28.14
C ASN C 138 -9.16 -2.16 -29.65
N LEU C 139 -8.00 -2.29 -30.28
CA LEU C 139 -7.93 -2.53 -31.72
C LEU C 139 -7.40 -3.93 -31.93
N LEU C 140 -8.27 -4.85 -32.32
CA LEU C 140 -7.90 -6.28 -32.49
C LEU C 140 -7.56 -6.64 -33.95
N ILE C 141 -6.74 -7.67 -34.14
CA ILE C 141 -6.34 -8.12 -35.49
C ILE C 141 -6.60 -9.62 -35.65
N ASP C 142 -7.18 -10.01 -36.79
CA ASP C 142 -7.24 -11.43 -37.16
C ASP C 142 -5.95 -11.83 -37.87
N ASP C 143 -5.79 -13.13 -38.13
CA ASP C 143 -4.64 -13.65 -38.92
C ASP C 143 -4.57 -13.13 -40.37
N LYS C 144 -5.72 -12.72 -40.94
CA LYS C 144 -5.79 -12.20 -42.31
C LYS C 144 -5.47 -10.70 -42.48
N GLY C 145 -5.09 -10.01 -41.40
CA GLY C 145 -4.68 -8.61 -41.47
C GLY C 145 -5.80 -7.59 -41.53
N THR C 146 -6.92 -7.90 -40.87
CA THR C 146 -8.06 -6.98 -40.73
C THR C 146 -8.07 -6.47 -39.28
N ILE C 147 -8.44 -5.21 -39.06
CA ILE C 147 -8.33 -4.58 -37.73
C ILE C 147 -9.70 -4.03 -37.31
N LYS C 148 -10.08 -4.26 -36.05
CA LYS C 148 -11.45 -4.00 -35.60
C LYS C 148 -11.52 -3.29 -34.25
N LEU C 149 -12.48 -2.39 -34.09
CA LEU C 149 -12.72 -1.75 -32.80
C LEU C 149 -13.50 -2.67 -31.88
N ALA C 150 -13.00 -2.87 -30.66
CA ALA C 150 -13.75 -3.53 -29.61
C ALA C 150 -14.19 -2.53 -28.55
N ASP C 151 -15.25 -2.87 -27.82
CA ASP C 151 -15.82 -2.05 -26.73
C ASP C 151 -16.50 -0.72 -27.12
N PHE C 152 -16.71 -0.45 -28.42
CA PHE C 152 -17.56 0.69 -28.87
C PHE C 152 -18.88 0.71 -28.09
N GLY C 153 -19.31 1.90 -27.69
CA GLY C 153 -20.61 2.07 -26.99
C GLY C 153 -20.73 1.59 -25.57
N LEU C 154 -19.79 0.78 -25.06
CA LEU C 154 -19.95 0.16 -23.74
C LEU C 154 -19.84 1.17 -22.63
N ALA C 155 -19.06 2.23 -22.81
CA ALA C 155 -18.90 3.27 -21.76
C ALA C 155 -20.25 3.90 -21.37
N ARG C 156 -20.99 4.37 -22.38
CA ARG C 156 -22.30 4.97 -22.13
C ARG C 156 -23.27 3.96 -21.53
N ALA C 157 -23.32 2.76 -22.11
CA ALA C 157 -24.16 1.66 -21.61
C ALA C 157 -24.05 1.36 -20.11
N PHE C 158 -22.88 1.57 -19.52
CA PHE C 158 -22.67 1.33 -18.08
C PHE C 158 -22.38 2.64 -17.29
N GLY C 159 -22.59 3.79 -17.94
CA GLY C 159 -22.67 5.09 -17.25
C GLY C 159 -21.36 5.41 -16.55
N ILE C 160 -20.23 4.93 -17.09
CA ILE C 160 -18.97 4.90 -16.32
C ILE C 160 -18.18 6.20 -16.50
N PRO C 161 -17.68 6.77 -15.37
CA PRO C 161 -17.03 8.11 -15.32
C PRO C 161 -15.82 8.37 -16.27
N ILE C 162 -15.77 9.55 -16.88
CA ILE C 162 -14.70 9.97 -17.82
C ILE C 162 -13.29 9.91 -17.23
N ARG C 163 -13.11 10.42 -16.00
CA ARG C 163 -11.83 10.31 -15.25
C ARG C 163 -11.58 8.86 -14.73
N VAL C 164 -12.66 8.07 -14.66
CA VAL C 164 -12.68 6.62 -14.29
C VAL C 164 -12.01 6.30 -12.94
N TYR C 165 -11.86 5.01 -12.63
CA TYR C 165 -10.94 4.55 -11.58
C TYR C 165 -9.52 5.10 -11.83
N THR C 166 -9.12 5.07 -13.12
CA THR C 166 -7.74 5.34 -13.60
C THR C 166 -6.67 4.73 -12.67
N HIS C 167 -6.93 3.46 -12.33
CA HIS C 167 -5.96 2.55 -11.69
C HIS C 167 -4.72 2.40 -12.57
N GLU C 168 -4.93 2.37 -13.88
CA GLU C 168 -3.88 2.40 -14.92
C GLU C 168 -3.67 3.85 -15.38
N VAL C 169 -2.49 4.10 -15.95
CA VAL C 169 -2.12 5.41 -16.48
C VAL C 169 -2.16 5.39 -18.00
N VAL C 170 -2.28 4.20 -18.58
CA VAL C 170 -2.35 4.04 -20.03
C VAL C 170 -3.53 4.87 -20.48
N THR C 171 -4.69 4.59 -19.89
CA THR C 171 -5.90 5.36 -20.18
C THR C 171 -5.66 6.84 -20.63
N LEU C 172 -4.76 7.56 -19.95
CA LEU C 172 -4.53 9.02 -20.16
C LEU C 172 -3.91 9.46 -21.49
N TRP C 173 -3.04 8.63 -22.05
CA TRP C 173 -2.23 9.06 -23.20
C TRP C 173 -3.03 9.39 -24.48
N TYR C 174 -4.21 8.76 -24.61
CA TYR C 174 -5.07 8.87 -25.79
C TYR C 174 -6.25 9.83 -25.59
N ARG C 175 -6.24 10.54 -24.47
CA ARG C 175 -7.32 11.38 -24.06
C ARG C 175 -7.16 12.80 -24.61
N SER C 176 -8.29 13.45 -24.89
CA SER C 176 -8.35 14.75 -25.58
C SER C 176 -8.32 15.94 -24.63
N PRO C 177 -7.89 17.11 -25.11
CA PRO C 177 -7.78 18.28 -24.21
C PRO C 177 -9.11 18.86 -23.71
N GLU C 178 -10.19 18.74 -24.49
CA GLU C 178 -11.57 19.03 -24.00
C GLU C 178 -11.83 18.40 -22.66
N VAL C 179 -11.54 17.10 -22.60
CA VAL C 179 -11.89 16.27 -21.46
C VAL C 179 -10.97 16.60 -20.30
N LEU C 180 -9.66 16.69 -20.59
CA LEU C 180 -8.64 17.00 -19.58
C LEU C 180 -8.84 18.38 -18.91
N LEU C 181 -9.28 19.39 -19.69
CA LEU C 181 -9.52 20.73 -19.16
C LEU C 181 -10.89 20.92 -18.50
N GLY C 182 -11.75 19.89 -18.58
CA GLY C 182 -13.00 19.85 -17.81
C GLY C 182 -14.22 20.45 -18.49
N SER C 183 -14.19 20.45 -19.82
CA SER C 183 -15.32 20.89 -20.65
C SER C 183 -16.66 20.31 -20.18
N ALA C 184 -17.72 21.11 -20.24
CA ALA C 184 -19.06 20.69 -19.78
C ALA C 184 -19.62 19.61 -20.68
N ARG C 185 -19.36 19.72 -21.98
CA ARG C 185 -19.84 18.73 -22.94
C ARG C 185 -18.71 18.23 -23.87
N TYR C 186 -18.94 17.05 -24.44
CA TYR C 186 -18.00 16.44 -25.38
C TYR C 186 -18.77 15.59 -26.40
N SER C 187 -18.12 15.30 -27.52
CA SER C 187 -18.80 14.60 -28.61
C SER C 187 -17.83 13.79 -29.48
N THR C 188 -18.24 13.50 -30.71
CA THR C 188 -17.44 12.70 -31.65
C THR C 188 -15.97 13.10 -31.82
N PRO C 189 -15.64 14.40 -31.63
CA PRO C 189 -14.21 14.73 -31.80
C PRO C 189 -13.22 14.03 -30.84
N VAL C 190 -13.68 13.61 -29.65
CA VAL C 190 -12.81 12.91 -28.70
C VAL C 190 -12.22 11.65 -29.32
N ASP C 191 -13.02 10.91 -30.11
CA ASP C 191 -12.51 9.71 -30.80
C ASP C 191 -11.51 10.04 -31.91
N ILE C 192 -11.63 11.22 -32.50
CA ILE C 192 -10.71 11.61 -33.57
C ILE C 192 -9.34 11.96 -32.99
N TRP C 193 -9.32 12.69 -31.89
CA TRP C 193 -8.05 12.95 -31.18
C TRP C 193 -7.32 11.64 -30.85
N SER C 194 -8.05 10.66 -30.32
CA SER C 194 -7.49 9.35 -29.97
C SER C 194 -6.90 8.64 -31.17
N ILE C 195 -7.63 8.64 -32.28
CA ILE C 195 -7.12 8.04 -33.52
C ILE C 195 -5.84 8.76 -33.97
N GLY C 196 -5.80 10.08 -33.78
CA GLY C 196 -4.59 10.86 -34.01
C GLY C 196 -3.36 10.33 -33.29
N THR C 197 -3.46 10.22 -31.96
CA THR C 197 -2.35 9.75 -31.13
C THR C 197 -1.98 8.28 -31.42
N ILE C 198 -2.96 7.49 -31.85
CA ILE C 198 -2.71 6.10 -32.28
C ILE C 198 -2.03 6.05 -33.66
N PHE C 199 -2.41 6.95 -34.55
CA PHE C 199 -1.76 7.05 -35.86
C PHE C 199 -0.24 7.22 -35.65
N ALA C 200 0.15 8.22 -34.85
CA ALA C 200 1.57 8.46 -34.51
C ALA C 200 2.29 7.24 -33.93
N GLU C 201 1.59 6.49 -33.07
CA GLU C 201 2.15 5.30 -32.43
C GLU C 201 2.39 4.17 -33.45
N LEU C 202 1.48 4.01 -34.41
CA LEU C 202 1.67 3.02 -35.48
C LEU C 202 2.95 3.29 -36.23
N ALA C 203 3.21 4.56 -36.49
CA ALA C 203 4.39 5.00 -37.22
C ALA C 203 5.70 4.86 -36.43
N THR C 204 5.69 5.32 -35.17
CA THR C 204 6.89 5.41 -34.34
C THR C 204 7.16 4.23 -33.40
N LYS C 205 6.14 3.42 -33.12
CA LYS C 205 6.17 2.35 -32.08
C LYS C 205 5.94 2.83 -30.65
N LYS C 206 6.06 4.13 -30.38
CA LYS C 206 5.93 4.67 -29.00
C LYS C 206 4.81 5.72 -28.88
N PRO C 207 4.25 5.89 -27.67
CA PRO C 207 3.13 6.81 -27.52
C PRO C 207 3.54 8.25 -27.74
N LEU C 208 2.66 9.04 -28.36
CA LEU C 208 2.98 10.43 -28.68
C LEU C 208 3.02 11.29 -27.43
N PHE C 209 2.02 11.17 -26.57
CA PHE C 209 1.91 11.98 -25.36
C PHE C 209 1.91 11.12 -24.11
N HIS C 210 3.12 10.89 -23.58
CA HIS C 210 3.44 9.86 -22.57
C HIS C 210 3.44 10.44 -21.16
N GLY C 211 2.30 10.95 -20.71
CA GLY C 211 2.21 11.67 -19.44
C GLY C 211 2.05 10.83 -18.19
N ASP C 212 2.51 11.38 -17.04
CA ASP C 212 2.40 10.70 -15.72
C ASP C 212 1.18 11.09 -14.85
N SER C 213 0.34 11.98 -15.38
CA SER C 213 -0.81 12.51 -14.66
C SER C 213 -1.65 13.34 -15.63
N GLU C 214 -2.87 13.71 -15.23
CA GLU C 214 -3.69 14.59 -16.09
C GLU C 214 -2.93 15.88 -16.41
N ILE C 215 -2.36 16.49 -15.37
CA ILE C 215 -1.67 17.77 -15.54
C ILE C 215 -0.41 17.62 -16.40
N ASP C 216 0.40 16.61 -16.13
CA ASP C 216 1.56 16.35 -16.99
C ASP C 216 1.15 16.00 -18.44
N GLN C 217 0.02 15.30 -18.62
CA GLN C 217 -0.51 14.98 -19.97
C GLN C 217 -0.82 16.27 -20.75
N LEU C 218 -1.48 17.24 -20.10
CA LEU C 218 -1.71 18.56 -20.72
C LEU C 218 -0.40 19.26 -21.11
N PHE C 219 0.54 19.30 -20.18
CA PHE C 219 1.81 19.97 -20.41
C PHE C 219 2.62 19.35 -21.55
N ARG C 220 2.49 18.04 -21.76
CA ARG C 220 3.14 17.41 -22.90
C ARG C 220 2.47 17.73 -24.22
N ILE C 221 1.14 17.87 -24.19
CA ILE C 221 0.37 18.30 -25.35
C ILE C 221 0.72 19.77 -25.67
N PHE C 222 0.77 20.61 -24.65
CA PHE C 222 1.14 22.03 -24.83
C PHE C 222 2.56 22.17 -25.39
N ARG C 223 3.52 21.44 -24.85
CA ARG C 223 4.92 21.53 -25.31
C ARG C 223 5.17 21.15 -26.79
N ALA C 224 4.24 20.42 -27.40
CA ALA C 224 4.37 19.98 -28.80
C ALA C 224 3.49 20.75 -29.79
N LEU C 225 2.33 21.21 -29.32
CA LEU C 225 1.35 21.92 -30.14
C LEU C 225 1.10 23.38 -29.73
N GLY C 226 1.79 23.85 -28.68
CA GLY C 226 1.62 25.21 -28.20
C GLY C 226 0.56 25.29 -27.11
N THR C 227 0.81 26.16 -26.13
CA THR C 227 -0.17 26.39 -25.08
C THR C 227 -1.36 27.08 -25.70
N PRO C 228 -2.57 26.50 -25.57
CA PRO C 228 -3.73 27.16 -26.17
C PRO C 228 -4.22 28.43 -25.40
N ASN C 229 -4.76 29.37 -26.19
CA ASN C 229 -5.47 30.58 -25.71
C ASN C 229 -6.75 30.78 -26.55
N ASN C 230 -7.52 31.83 -26.25
CA ASN C 230 -8.73 32.14 -27.04
C ASN C 230 -8.49 32.41 -28.55
N GLU C 231 -7.31 32.88 -28.93
CA GLU C 231 -6.95 33.08 -30.36
C GLU C 231 -7.01 31.79 -31.19
N VAL C 232 -6.49 30.68 -30.66
CA VAL C 232 -6.50 29.38 -31.40
C VAL C 232 -7.64 28.43 -31.00
N TRP C 233 -8.26 28.66 -29.85
CA TRP C 233 -9.35 27.82 -29.36
C TRP C 233 -10.38 28.68 -28.61
N PRO C 234 -11.40 29.19 -29.34
CA PRO C 234 -12.45 30.02 -28.79
C PRO C 234 -13.03 29.48 -27.49
N GLU C 235 -13.17 30.35 -26.50
CA GLU C 235 -13.76 30.02 -25.18
C GLU C 235 -12.97 29.08 -24.27
N VAL C 236 -11.74 28.72 -24.66
CA VAL C 236 -10.93 27.81 -23.84
C VAL C 236 -10.61 28.40 -22.46
N GLU C 237 -10.38 29.73 -22.42
CA GLU C 237 -10.01 30.42 -21.18
C GLU C 237 -11.14 30.45 -20.15
N SER C 238 -12.36 30.08 -20.56
CA SER C 238 -13.52 29.93 -19.68
C SER C 238 -13.72 28.54 -19.08
N LEU C 239 -12.93 27.55 -19.52
CA LEU C 239 -13.15 26.14 -19.11
C LEU C 239 -12.73 25.94 -17.64
N GLN C 240 -13.29 24.91 -17.03
CA GLN C 240 -13.28 24.79 -15.57
C GLN C 240 -11.86 24.70 -15.00
N ASP C 241 -10.96 24.00 -15.69
CA ASP C 241 -9.57 23.82 -15.24
C ASP C 241 -8.49 24.54 -16.07
N TYR C 242 -8.90 25.56 -16.85
CA TYR C 242 -7.92 26.48 -17.51
C TYR C 242 -7.29 27.39 -16.47
N LYS C 243 -6.04 27.79 -16.73
CA LYS C 243 -5.31 28.73 -15.91
C LYS C 243 -4.47 29.61 -16.83
N ASN C 244 -4.37 30.91 -16.47
CA ASN C 244 -3.49 31.83 -17.19
C ASN C 244 -2.02 31.61 -16.79
N THR C 245 -1.78 30.84 -15.74
CA THR C 245 -0.43 30.54 -15.26
C THR C 245 0.25 29.30 -15.89
N PHE C 246 -0.38 28.59 -16.82
CA PHE C 246 0.26 27.42 -17.48
C PHE C 246 1.56 27.86 -18.11
N PRO C 247 2.53 26.95 -18.24
CA PRO C 247 3.71 27.29 -19.06
C PRO C 247 3.29 27.69 -20.47
N LYS C 248 4.15 28.45 -21.14
CA LYS C 248 3.83 29.12 -22.39
C LYS C 248 4.78 28.71 -23.48
N TRP C 249 4.46 27.64 -24.19
CA TRP C 249 5.26 27.21 -25.33
C TRP C 249 4.57 27.66 -26.60
N LYS C 250 5.35 27.93 -27.64
CA LYS C 250 4.81 28.37 -28.91
C LYS C 250 4.50 27.19 -29.82
N PRO C 251 3.79 27.45 -30.94
CA PRO C 251 3.41 26.41 -31.90
C PRO C 251 4.62 25.58 -32.32
N GLY C 252 4.56 24.27 -32.07
CA GLY C 252 5.64 23.37 -32.44
C GLY C 252 5.56 22.92 -33.88
N SER C 253 6.55 22.14 -34.30
CA SER C 253 6.60 21.63 -35.67
C SER C 253 5.82 20.33 -35.80
N LEU C 254 5.74 19.58 -34.70
CA LEU C 254 5.02 18.29 -34.70
C LEU C 254 5.75 17.20 -35.48
N ALA C 255 6.36 17.54 -36.61
CA ALA C 255 7.24 16.61 -37.33
C ALA C 255 8.51 16.25 -36.56
N SER C 256 8.91 17.09 -35.60
CA SER C 256 10.05 16.80 -34.71
C SER C 256 9.73 15.75 -33.64
N HIS C 257 8.43 15.54 -33.36
CA HIS C 257 7.98 14.52 -32.41
C HIS C 257 7.67 13.15 -33.07
N VAL C 258 7.76 13.07 -34.39
CA VAL C 258 7.33 11.86 -35.12
C VAL C 258 8.18 11.63 -36.38
N LYS C 259 8.29 10.37 -36.79
CA LYS C 259 9.10 9.99 -37.95
C LYS C 259 8.28 9.03 -38.83
N ASN C 260 8.84 8.67 -39.98
CA ASN C 260 8.23 7.70 -40.91
C ASN C 260 6.85 8.10 -41.46
N LEU C 261 6.64 9.40 -41.65
CA LEU C 261 5.41 9.90 -42.27
C LEU C 261 5.74 10.95 -43.33
N ASP C 262 5.30 10.72 -44.58
CA ASP C 262 5.38 11.74 -45.63
C ASP C 262 4.52 12.97 -45.29
N GLU C 263 4.52 13.96 -46.17
CA GLU C 263 3.88 15.24 -45.89
C GLU C 263 2.34 15.14 -45.75
N ASN C 264 1.72 14.18 -46.44
CA ASN C 264 0.27 13.95 -46.31
C ASN C 264 -0.07 13.42 -44.92
N GLY C 265 0.63 12.36 -44.51
CA GLY C 265 0.52 11.82 -43.16
C GLY C 265 0.60 12.87 -42.06
N LEU C 266 1.62 13.74 -42.15
CA LEU C 266 1.80 14.81 -41.19
C LEU C 266 0.66 15.83 -41.23
N ASP C 267 0.12 16.07 -42.41
CA ASP C 267 -0.99 17.01 -42.56
C ASP C 267 -2.29 16.45 -41.93
N LEU C 268 -2.58 15.18 -42.21
CA LEU C 268 -3.75 14.50 -41.64
C LEU C 268 -3.66 14.41 -40.11
N LEU C 269 -2.50 13.99 -39.61
CA LEU C 269 -2.21 13.94 -38.18
C LEU C 269 -2.46 15.30 -37.51
N SER C 270 -1.94 16.37 -38.10
CA SER C 270 -2.11 17.71 -37.52
C SER C 270 -3.58 18.14 -37.50
N LYS C 271 -4.34 17.68 -38.49
CA LYS C 271 -5.77 17.94 -38.56
C LYS C 271 -6.60 17.12 -37.56
N MET C 272 -6.14 15.91 -37.24
CA MET C 272 -6.71 15.13 -36.13
C MET C 272 -6.40 15.71 -34.75
N LEU C 273 -5.34 16.52 -34.63
CA LEU C 273 -4.91 17.10 -33.33
C LEU C 273 -5.16 18.61 -33.20
N ILE C 274 -6.18 19.12 -33.89
CA ILE C 274 -6.56 20.52 -33.74
C ILE C 274 -7.22 20.70 -32.38
N TYR C 275 -6.90 21.79 -31.70
CA TYR C 275 -7.42 22.04 -30.36
C TYR C 275 -8.94 22.19 -30.31
N ASP C 276 -9.52 23.06 -31.15
CA ASP C 276 -10.97 23.31 -31.14
C ASP C 276 -11.74 22.08 -31.67
N PRO C 277 -12.62 21.48 -30.83
CA PRO C 277 -13.46 20.34 -31.27
C PRO C 277 -14.27 20.62 -32.54
N ALA C 278 -14.82 21.84 -32.64
CA ALA C 278 -15.62 22.25 -33.81
C ALA C 278 -14.80 22.30 -35.11
N LYS C 279 -13.55 22.74 -35.05
CA LYS C 279 -12.68 22.81 -36.25
C LYS C 279 -11.94 21.51 -36.55
N ARG C 280 -11.93 20.57 -35.61
CA ARG C 280 -11.16 19.33 -35.78
C ARG C 280 -11.75 18.48 -36.90
N ILE C 281 -10.88 17.78 -37.64
CA ILE C 281 -11.33 16.95 -38.75
C ILE C 281 -12.30 15.84 -38.28
N SER C 282 -13.23 15.46 -39.16
CA SER C 282 -14.19 14.39 -38.91
C SER C 282 -13.66 13.10 -39.52
N GLY C 283 -14.27 11.98 -39.17
CA GLY C 283 -13.90 10.70 -39.78
C GLY C 283 -14.18 10.62 -41.28
N LYS C 284 -15.34 11.11 -41.73
CA LYS C 284 -15.70 11.14 -43.16
C LYS C 284 -14.62 11.86 -43.96
N MET C 285 -14.33 13.11 -43.57
CA MET C 285 -13.36 13.94 -44.26
C MET C 285 -11.96 13.32 -44.30
N ALA C 286 -11.55 12.70 -43.20
CA ALA C 286 -10.24 12.07 -43.10
C ALA C 286 -10.04 10.98 -44.15
N LEU C 287 -11.10 10.25 -44.46
CA LEU C 287 -11.03 9.19 -45.49
C LEU C 287 -10.75 9.70 -46.92
N ASN C 288 -11.11 10.95 -47.21
CA ASN C 288 -10.83 11.59 -48.51
C ASN C 288 -9.48 12.30 -48.58
N HIS C 289 -8.66 12.23 -47.52
CA HIS C 289 -7.40 12.97 -47.48
C HIS C 289 -6.38 12.29 -48.43
N PRO C 290 -5.55 13.12 -49.13
CA PRO C 290 -4.50 12.65 -50.03
C PRO C 290 -3.62 11.46 -49.56
N TYR C 291 -3.31 11.42 -48.26
CA TYR C 291 -2.56 10.30 -47.64
C TYR C 291 -3.03 8.93 -48.16
N PHE C 292 -4.34 8.76 -48.34
CA PHE C 292 -4.89 7.46 -48.77
C PHE C 292 -4.87 7.17 -50.28
N ASN C 293 -4.49 8.15 -51.11
CA ASN C 293 -4.46 8.00 -52.59
C ASN C 293 -3.74 6.73 -53.04
N ASP C 294 -2.57 6.46 -52.48
CA ASP C 294 -1.76 5.32 -52.94
C ASP C 294 -1.96 4.05 -52.10
N LEU C 295 -3.22 3.72 -51.80
CA LEU C 295 -3.54 2.63 -50.87
C LEU C 295 -3.62 1.25 -51.54
N ASP C 296 -4.79 0.86 -52.05
CA ASP C 296 -5.15 -0.56 -52.21
C ASP C 296 -4.20 -1.48 -52.95
N GLN D 10 6.47 7.22 -0.51
CA GLN D 10 7.56 8.18 -0.90
C GLN D 10 7.05 9.39 -1.70
N ILE D 11 7.86 10.43 -1.74
CA ILE D 11 7.58 11.63 -2.55
C ILE D 11 8.39 11.52 -3.84
N TYR D 12 7.76 11.80 -4.96
CA TYR D 12 8.40 11.73 -6.29
C TYR D 12 8.55 13.13 -6.91
N TYR D 13 9.74 13.41 -7.42
CA TYR D 13 10.07 14.70 -8.05
C TYR D 13 10.23 14.50 -9.56
N SER D 14 9.48 15.26 -10.38
CA SER D 14 9.64 15.20 -11.85
C SER D 14 10.94 15.82 -12.30
N ASP D 15 11.38 15.48 -13.50
CA ASP D 15 12.44 16.23 -14.17
C ASP D 15 11.98 17.65 -14.46
N LYS D 16 12.94 18.54 -14.67
CA LYS D 16 12.65 19.94 -14.94
C LYS D 16 12.24 20.15 -16.40
N TYR D 17 11.35 21.11 -16.61
CA TYR D 17 10.99 21.59 -17.94
C TYR D 17 11.00 23.14 -17.90
N PHE D 18 11.12 23.78 -19.06
CA PHE D 18 11.28 25.23 -19.10
C PHE D 18 10.55 25.96 -20.23
N ASP D 19 10.42 27.26 -20.00
CA ASP D 19 9.65 28.22 -20.79
C ASP D 19 10.68 29.11 -21.48
N GLU D 20 10.23 30.27 -21.97
CA GLU D 20 11.13 31.35 -22.30
C GLU D 20 11.49 32.15 -21.05
N HIS D 21 10.54 32.26 -20.10
CA HIS D 21 10.72 33.03 -18.87
C HIS D 21 11.01 32.23 -17.59
N TYR D 22 10.21 31.20 -17.30
CA TYR D 22 10.42 30.35 -16.11
C TYR D 22 11.05 28.96 -16.34
N GLU D 23 11.60 28.35 -15.29
CA GLU D 23 11.85 26.90 -15.22
C GLU D 23 10.80 26.28 -14.30
N TYR D 24 10.48 25.00 -14.52
CA TYR D 24 9.34 24.34 -13.85
C TYR D 24 9.63 22.94 -13.34
N ARG D 25 8.92 22.53 -12.29
CA ARG D 25 8.82 21.12 -11.96
C ARG D 25 7.54 20.85 -11.20
N HIS D 26 7.13 19.59 -11.17
CA HIS D 26 6.02 19.16 -10.32
C HIS D 26 6.44 18.02 -9.37
N VAL D 27 5.72 17.94 -8.24
CA VAL D 27 6.06 17.05 -7.15
C VAL D 27 4.82 16.33 -6.68
N MET D 28 4.88 15.00 -6.66
CA MET D 28 3.72 14.14 -6.34
C MET D 28 3.86 13.60 -4.94
N LEU D 29 2.91 13.97 -4.09
CA LEU D 29 2.83 13.50 -2.71
C LEU D 29 1.94 12.24 -2.64
N PRO D 30 2.13 11.42 -1.59
CA PRO D 30 1.17 10.33 -1.30
C PRO D 30 -0.20 10.87 -0.99
N ARG D 31 -1.24 10.11 -1.36
CA ARG D 31 -2.61 10.64 -1.31
C ARG D 31 -3.15 10.84 0.09
N GLU D 32 -2.49 10.28 1.10
CA GLU D 32 -2.91 10.45 2.50
C GLU D 32 -2.44 11.80 3.04
N LEU D 33 -1.29 12.28 2.57
CA LEU D 33 -0.85 13.66 2.81
C LEU D 33 -1.65 14.73 2.06
N SER D 34 -2.34 14.36 0.98
CA SER D 34 -3.01 15.37 0.14
C SER D 34 -4.14 16.12 0.82
N LYS D 35 -4.81 15.49 1.81
CA LYS D 35 -5.84 16.22 2.59
C LYS D 35 -5.25 17.32 3.49
N GLN D 36 -3.92 17.38 3.56
CA GLN D 36 -3.21 18.39 4.33
C GLN D 36 -2.71 19.56 3.46
N VAL D 37 -2.96 19.53 2.15
CA VAL D 37 -2.52 20.63 1.25
C VAL D 37 -3.72 21.57 1.11
N PRO D 38 -3.55 22.87 1.44
CA PRO D 38 -4.58 23.90 1.31
C PRO D 38 -5.35 23.89 -0.01
N LYS D 39 -6.67 23.77 0.08
CA LYS D 39 -7.57 23.75 -1.11
C LYS D 39 -8.15 25.15 -1.38
N THR D 40 -7.40 26.19 -1.02
CA THR D 40 -7.95 27.59 -0.93
C THR D 40 -6.91 28.66 -1.35
N HIS D 41 -5.64 28.47 -0.99
CA HIS D 41 -4.55 29.38 -1.28
C HIS D 41 -3.25 28.60 -1.66
N LEU D 42 -2.35 29.26 -2.37
CA LEU D 42 -1.01 28.72 -2.64
C LEU D 42 -0.18 28.74 -1.35
N MET D 43 1.02 28.16 -1.36
CA MET D 43 1.76 27.84 -0.13
C MET D 43 3.07 28.60 -0.11
N SER D 44 3.45 29.05 1.08
CA SER D 44 4.77 29.63 1.31
C SER D 44 5.83 28.55 1.28
N GLU D 45 7.07 28.96 1.00
CA GLU D 45 8.20 28.04 1.07
C GLU D 45 8.33 27.37 2.46
N GLU D 46 7.91 28.06 3.51
CA GLU D 46 7.86 27.49 4.86
C GLU D 46 6.83 26.36 4.91
N GLU D 47 5.64 26.63 4.38
CA GLU D 47 4.54 25.66 4.40
C GLU D 47 4.87 24.35 3.67
N TRP D 48 5.34 24.42 2.41
CA TRP D 48 5.62 23.19 1.66
C TRP D 48 6.80 22.38 2.16
N ARG D 49 7.77 23.03 2.83
CA ARG D 49 8.82 22.29 3.51
C ARG D 49 8.32 21.46 4.70
N ARG D 50 7.24 21.89 5.36
CA ARG D 50 6.64 21.10 6.48
C ARG D 50 5.99 19.79 6.02
N LEU D 51 5.60 19.70 4.75
CA LEU D 51 5.15 18.43 4.14
C LEU D 51 6.31 17.49 3.71
N GLY D 52 7.56 17.93 3.86
CA GLY D 52 8.72 17.12 3.51
C GLY D 52 9.21 17.28 2.07
N VAL D 53 8.76 18.32 1.37
CA VAL D 53 9.26 18.60 0.03
C VAL D 53 10.64 19.22 0.17
N GLN D 54 11.64 18.59 -0.44
CA GLN D 54 13.04 19.00 -0.35
C GLN D 54 13.58 19.37 -1.72
N GLN D 55 13.94 20.64 -1.87
CA GLN D 55 14.57 21.16 -3.07
C GLN D 55 15.25 22.50 -2.74
N SER D 56 15.98 23.05 -3.72
CA SER D 56 16.69 24.34 -3.56
C SER D 56 15.76 25.56 -3.35
N LEU D 57 16.34 26.69 -2.91
CA LEU D 57 15.57 27.93 -2.63
C LEU D 57 14.94 28.55 -3.89
N GLY D 58 13.82 29.24 -3.66
CA GLY D 58 13.20 30.06 -4.71
C GLY D 58 12.17 29.44 -5.64
N TRP D 59 11.86 28.15 -5.46
CA TRP D 59 10.74 27.53 -6.18
C TRP D 59 9.45 28.06 -5.58
N VAL D 60 8.51 28.47 -6.45
CA VAL D 60 7.24 29.03 -6.00
C VAL D 60 6.06 28.15 -6.44
N HIS D 61 5.21 27.82 -5.47
CA HIS D 61 3.95 27.09 -5.69
C HIS D 61 2.97 28.01 -6.44
N TYR D 62 2.81 27.80 -7.74
CA TYR D 62 2.13 28.74 -8.65
C TYR D 62 0.68 28.42 -9.09
N MET D 63 0.18 27.21 -8.81
CA MET D 63 -1.17 26.79 -9.24
C MET D 63 -1.59 25.42 -8.69
N ILE D 64 -2.89 25.17 -8.76
CA ILE D 64 -3.53 23.96 -8.28
C ILE D 64 -4.38 23.41 -9.42
N HIS D 65 -4.08 22.18 -9.85
CA HIS D 65 -4.99 21.45 -10.71
C HIS D 65 -5.95 20.73 -9.76
N GLU D 66 -7.22 21.14 -9.77
CA GLU D 66 -8.19 20.74 -8.73
C GLU D 66 -8.42 19.21 -8.64
N PRO D 67 -8.44 18.49 -9.81
CA PRO D 67 -8.60 17.03 -9.78
C PRO D 67 -7.46 16.23 -9.13
N GLU D 68 -6.27 16.84 -9.06
CA GLU D 68 -5.09 16.18 -8.51
C GLU D 68 -4.44 17.06 -7.42
N PRO D 69 -5.12 17.25 -6.28
CA PRO D 69 -4.59 18.10 -5.19
C PRO D 69 -3.25 17.65 -4.60
N HIS D 70 -2.94 16.35 -4.77
CA HIS D 70 -1.64 15.76 -4.38
C HIS D 70 -0.43 16.16 -5.25
N ILE D 71 -0.66 16.88 -6.35
CA ILE D 71 0.42 17.28 -7.24
C ILE D 71 0.73 18.77 -7.09
N LEU D 72 1.90 19.08 -6.55
CA LEU D 72 2.31 20.45 -6.31
C LEU D 72 3.12 20.93 -7.48
N LEU D 73 2.63 21.99 -8.13
CA LEU D 73 3.27 22.57 -9.32
C LEU D 73 4.15 23.76 -8.93
N PHE D 74 5.42 23.71 -9.34
CA PHE D 74 6.42 24.70 -8.96
C PHE D 74 7.06 25.37 -10.18
N ARG D 75 7.57 26.57 -9.92
CA ARG D 75 7.99 27.53 -10.94
C ARG D 75 9.05 28.43 -10.31
N ARG D 76 10.08 28.75 -11.08
CA ARG D 76 11.14 29.67 -10.64
C ARG D 76 11.62 30.51 -11.84
N PRO D 77 11.76 31.85 -11.66
CA PRO D 77 12.19 32.66 -12.81
C PRO D 77 13.63 32.42 -13.24
N LEU D 78 13.84 32.31 -14.54
CA LEU D 78 15.18 32.22 -15.10
C LEU D 78 15.89 33.57 -14.93
N PRO D 79 17.24 33.55 -14.77
CA PRO D 79 17.93 34.84 -14.67
C PRO D 79 18.13 35.43 -16.05
N LYS D 80 18.32 36.75 -16.11
CA LYS D 80 18.37 37.50 -17.38
C LYS D 80 19.73 38.14 -17.60
N MET E 6 20.96 17.19 26.75
CA MET E 6 21.89 17.98 27.62
C MET E 6 21.32 19.39 27.77
N GLU E 7 21.56 19.98 28.94
CA GLU E 7 21.10 21.34 29.27
C GLU E 7 21.88 22.46 28.58
N ASP E 8 22.99 22.14 27.95
CA ASP E 8 23.82 23.13 27.20
C ASP E 8 23.22 23.64 25.88
N TYR E 9 22.15 23.01 25.39
CA TYR E 9 21.55 23.30 24.09
C TYR E 9 20.08 23.63 24.24
N THR E 10 19.52 24.28 23.23
CA THR E 10 18.09 24.54 23.14
C THR E 10 17.64 24.01 21.77
N LYS E 11 16.67 23.07 21.76
CA LYS E 11 16.06 22.60 20.51
C LYS E 11 15.33 23.79 19.90
N ILE E 12 15.46 23.96 18.59
CA ILE E 12 14.71 24.97 17.88
C ILE E 12 13.55 24.24 17.20
N GLU E 13 13.86 23.45 16.17
CA GLU E 13 12.84 22.76 15.37
C GLU E 13 13.39 21.47 14.71
N LYS E 14 12.47 20.55 14.37
CA LYS E 14 12.81 19.40 13.51
C LYS E 14 13.20 19.88 12.11
N ILE E 15 14.21 19.23 11.52
CA ILE E 15 14.60 19.49 10.11
C ILE E 15 14.28 18.31 9.19
N GLY E 16 14.27 17.09 9.74
CA GLY E 16 13.79 15.94 8.96
C GLY E 16 14.08 14.62 9.64
N GLU E 17 13.93 13.54 8.86
CA GLU E 17 14.27 12.19 9.30
C GLU E 17 15.45 11.75 8.41
N GLY E 18 16.57 11.45 9.04
CA GLY E 18 17.77 10.97 8.37
C GLY E 18 17.82 9.44 8.47
N THR E 19 18.89 8.87 7.96
CA THR E 19 19.07 7.41 7.90
C THR E 19 19.10 6.77 9.28
N TYR E 20 19.72 7.49 10.23
CA TYR E 20 19.98 6.95 11.56
C TYR E 20 18.91 7.25 12.61
N GLY E 21 18.20 8.35 12.41
CA GLY E 21 17.13 8.75 13.34
C GLY E 21 16.62 10.14 13.01
N VAL E 22 16.05 10.82 14.01
CA VAL E 22 15.50 12.16 13.82
C VAL E 22 16.62 13.22 13.84
N VAL E 23 16.44 14.32 13.10
CA VAL E 23 17.42 15.43 13.07
C VAL E 23 16.82 16.78 13.48
N TYR E 24 17.40 17.43 14.50
CA TYR E 24 16.94 18.75 14.99
C TYR E 24 17.98 19.84 14.74
N LYS E 25 17.49 21.08 14.65
CA LYS E 25 18.34 22.27 14.70
C LYS E 25 18.36 22.79 16.14
N GLY E 26 19.51 23.25 16.62
CA GLY E 26 19.62 23.79 17.98
C GLY E 26 20.68 24.85 18.14
N ARG E 27 20.74 25.48 19.31
CA ARG E 27 21.80 26.42 19.63
C ARG E 27 22.49 26.08 20.96
N HIS E 28 23.82 26.20 20.97
CA HIS E 28 24.63 26.10 22.18
C HIS E 28 24.39 27.36 23.00
N LYS E 29 24.07 27.20 24.28
CA LYS E 29 23.72 28.34 25.15
C LYS E 29 24.94 29.22 25.51
N THR E 30 26.09 28.60 25.77
CA THR E 30 27.34 29.35 25.96
C THR E 30 27.84 30.03 24.67
N THR E 31 28.20 29.26 23.64
CA THR E 31 28.89 29.81 22.44
C THR E 31 27.97 30.53 21.43
N GLY E 32 26.66 30.26 21.47
CA GLY E 32 25.73 30.81 20.48
C GLY E 32 25.71 30.16 19.11
N GLN E 33 26.57 29.14 18.90
CA GLN E 33 26.68 28.41 17.64
C GLN E 33 25.41 27.61 17.37
N VAL E 34 24.99 27.60 16.11
CA VAL E 34 23.85 26.81 15.67
C VAL E 34 24.36 25.41 15.34
N VAL E 35 23.62 24.38 15.72
CA VAL E 35 24.04 22.99 15.57
C VAL E 35 22.93 22.09 15.03
N ALA E 36 23.38 20.98 14.40
CA ALA E 36 22.49 19.91 13.99
C ALA E 36 22.63 18.83 15.04
N MET E 37 21.50 18.27 15.45
CA MET E 37 21.49 17.29 16.54
C MET E 37 20.78 16.04 16.03
N LYS E 38 21.51 14.93 15.98
CA LYS E 38 20.99 13.68 15.41
C LYS E 38 20.63 12.78 16.58
N LYS E 39 19.32 12.54 16.80
CA LYS E 39 18.85 11.62 17.84
C LYS E 39 18.79 10.18 17.32
N ILE E 40 19.30 9.25 18.14
CA ILE E 40 19.37 7.84 17.84
C ILE E 40 18.94 7.03 19.04
N ARG E 41 17.96 6.15 18.88
CA ARG E 41 17.57 5.24 19.98
C ARG E 41 18.50 4.02 19.92
N LEU E 42 19.25 3.77 20.98
CA LEU E 42 20.06 2.57 21.08
C LEU E 42 19.20 1.37 21.49
N GLU E 43 19.43 0.26 20.79
CA GLU E 43 18.70 -0.98 21.02
C GLU E 43 19.02 -1.53 22.44
N SER E 44 18.05 -2.20 23.05
CA SER E 44 18.29 -2.90 24.32
C SER E 44 19.34 -4.02 24.14
N GLU E 45 20.26 -4.16 25.10
CA GLU E 45 21.38 -5.11 24.91
C GLU E 45 21.46 -6.19 26.01
N GLU E 46 22.02 -7.35 25.64
CA GLU E 46 22.20 -8.50 26.54
C GLU E 46 23.29 -8.20 27.59
N GLU E 47 23.01 -8.50 28.86
CA GLU E 47 24.00 -8.36 29.94
C GLU E 47 25.19 -9.29 29.73
N GLY E 48 26.40 -8.75 29.90
CA GLY E 48 27.65 -9.48 29.60
C GLY E 48 28.05 -9.46 28.12
N VAL E 49 27.50 -8.50 27.39
CA VAL E 49 27.87 -8.22 25.99
C VAL E 49 28.02 -6.69 25.85
N PRO E 50 29.27 -6.17 25.98
CA PRO E 50 29.44 -4.71 25.84
C PRO E 50 29.19 -4.20 24.41
N SER E 51 28.71 -2.96 24.31
CA SER E 51 28.35 -2.38 23.01
C SER E 51 29.54 -1.64 22.41
N THR E 52 29.90 -2.01 21.18
CA THR E 52 30.97 -1.33 20.45
C THR E 52 30.56 0.04 19.90
N ALA E 53 29.25 0.31 19.86
CA ALA E 53 28.68 1.54 19.30
C ALA E 53 29.16 2.84 19.98
N ILE E 54 29.10 2.90 21.31
CA ILE E 54 29.60 4.07 22.05
C ILE E 54 31.13 4.20 21.92
N ARG E 55 31.80 3.06 21.82
CA ARG E 55 33.26 3.03 21.71
C ARG E 55 33.68 3.59 20.36
N GLU E 56 33.11 3.06 19.28
CA GLU E 56 33.43 3.49 17.91
C GLU E 56 33.09 4.99 17.69
N ILE E 57 31.97 5.44 18.25
CA ILE E 57 31.53 6.84 18.15
C ILE E 57 32.49 7.81 18.87
N SER E 58 33.00 7.43 20.04
CA SER E 58 34.04 8.22 20.73
C SER E 58 35.31 8.42 19.89
N LEU E 59 35.77 7.36 19.22
CA LEU E 59 36.87 7.46 18.26
C LEU E 59 36.66 8.53 17.18
N LEU E 60 35.44 8.59 16.64
CA LEU E 60 35.12 9.54 15.56
C LEU E 60 35.07 10.99 16.01
N LYS E 61 34.83 11.21 17.30
CA LYS E 61 34.90 12.54 17.91
C LYS E 61 36.28 13.20 17.76
N GLU E 62 37.33 12.38 17.72
CA GLU E 62 38.71 12.87 17.60
C GLU E 62 39.17 13.18 16.17
N LEU E 63 38.36 12.87 15.17
CA LEU E 63 38.71 13.22 13.78
C LEU E 63 38.44 14.71 13.49
N ARG E 64 39.51 15.46 13.23
CA ARG E 64 39.41 16.88 12.80
C ARG E 64 40.15 17.05 11.49
N HIS E 65 39.58 17.81 10.58
CA HIS E 65 40.17 18.12 9.26
C HIS E 65 39.24 19.17 8.62
N PRO E 66 39.80 20.13 7.87
CA PRO E 66 38.90 21.21 7.38
C PRO E 66 37.80 20.80 6.38
N ASN E 67 38.00 19.70 5.66
CA ASN E 67 37.02 19.14 4.72
C ASN E 67 36.17 17.95 5.26
N ILE E 68 36.05 17.80 6.58
CA ILE E 68 35.04 16.90 7.16
C ILE E 68 34.22 17.65 8.20
N VAL E 69 32.98 17.20 8.39
CA VAL E 69 32.07 17.85 9.33
C VAL E 69 32.37 17.28 10.70
N SER E 70 33.00 18.11 11.53
CA SER E 70 33.36 17.77 12.91
C SER E 70 32.16 17.33 13.77
N LEU E 71 32.29 16.13 14.32
CA LEU E 71 31.43 15.64 15.39
C LEU E 71 31.86 16.33 16.72
N GLN E 72 31.21 17.46 17.04
CA GLN E 72 31.61 18.27 18.18
C GLN E 72 31.36 17.65 19.54
N ASP E 73 30.33 16.80 19.67
CA ASP E 73 29.85 16.41 21.01
C ASP E 73 28.94 15.19 20.93
N VAL E 74 28.84 14.44 22.02
CA VAL E 74 28.02 13.23 22.13
C VAL E 74 27.30 13.21 23.49
N LEU E 75 25.97 13.24 23.47
CA LEU E 75 25.16 13.28 24.73
C LEU E 75 24.35 12.00 24.92
N MET E 76 23.96 11.71 26.16
CA MET E 76 23.20 10.50 26.54
C MET E 76 22.22 10.76 27.67
N GLN E 77 20.94 10.56 27.39
CA GLN E 77 19.90 10.69 28.41
C GLN E 77 18.78 9.63 28.30
N ASP E 78 18.91 8.50 29.01
CA ASP E 78 17.87 7.46 28.96
C ASP E 78 17.99 6.55 27.72
N SER E 79 19.15 5.92 27.54
CA SER E 79 19.43 5.03 26.37
C SER E 79 19.15 5.61 24.95
N ARG E 80 19.23 6.94 24.87
CA ARG E 80 19.09 7.70 23.64
C ARG E 80 20.43 8.39 23.46
N LEU E 81 20.90 8.50 22.22
CA LEU E 81 22.18 9.08 21.92
C LEU E 81 21.95 10.30 21.05
N TYR E 82 22.59 11.42 21.37
CA TYR E 82 22.60 12.60 20.49
C TYR E 82 23.99 12.88 19.92
N LEU E 83 24.08 13.04 18.62
CA LEU E 83 25.30 13.45 17.96
C LEU E 83 25.18 14.92 17.54
N ILE E 84 26.16 15.75 17.92
CA ILE E 84 26.09 17.19 17.70
C ILE E 84 27.12 17.63 16.67
N PHE E 85 26.66 18.27 15.58
CA PHE E 85 27.56 18.74 14.50
C PHE E 85 27.35 20.21 14.20
N GLU E 86 28.36 20.81 13.56
CA GLU E 86 28.15 22.16 12.98
C GLU E 86 26.98 22.09 11.98
N PHE E 87 26.04 23.03 12.06
CA PHE E 87 24.91 23.11 11.15
C PHE E 87 25.33 23.90 9.92
N LEU E 88 25.21 23.26 8.75
CA LEU E 88 25.40 23.91 7.44
C LEU E 88 24.10 23.79 6.66
N SER E 89 23.69 24.85 5.97
CA SER E 89 22.34 24.89 5.37
C SER E 89 22.28 24.45 3.90
N MET E 90 23.42 24.06 3.34
CA MET E 90 23.46 23.69 1.96
C MET E 90 24.31 22.43 1.70
N ASP E 91 23.77 21.56 0.87
CA ASP E 91 24.43 20.33 0.43
C ASP E 91 24.53 20.32 -1.08
N LEU E 92 25.29 19.39 -1.62
CA LEU E 92 25.60 19.40 -3.03
C LEU E 92 24.41 19.09 -3.92
N LYS E 93 23.51 18.24 -3.45
CA LYS E 93 22.27 17.88 -4.16
C LYS E 93 21.44 19.12 -4.42
N LYS E 94 21.33 19.90 -3.36
CA LYS E 94 20.61 21.17 -3.34
C LYS E 94 21.30 22.23 -4.19
N TYR E 95 22.64 22.29 -4.15
CA TYR E 95 23.38 23.26 -4.95
C TYR E 95 23.17 23.01 -6.43
N LEU E 96 23.25 21.75 -6.84
CA LEU E 96 23.03 21.36 -8.24
C LEU E 96 21.62 21.71 -8.72
N ASP E 97 20.65 21.64 -7.80
CA ASP E 97 19.28 21.97 -8.15
C ASP E 97 19.03 23.46 -8.37
N SER E 98 19.86 24.30 -7.74
CA SER E 98 19.75 25.74 -7.86
C SER E 98 20.29 26.25 -9.20
N ILE E 99 21.01 25.41 -9.95
CA ILE E 99 21.51 25.81 -11.26
C ILE E 99 20.40 25.57 -12.29
N PRO E 100 20.06 26.61 -13.08
CA PRO E 100 18.95 26.50 -14.05
C PRO E 100 19.35 25.77 -15.34
N PRO E 101 18.35 25.31 -16.13
CA PRO E 101 18.58 24.75 -17.45
C PRO E 101 19.41 25.68 -18.34
N GLY E 102 20.32 25.11 -19.11
CA GLY E 102 21.26 25.88 -19.93
C GLY E 102 22.62 26.03 -19.26
N GLN E 103 22.62 26.46 -18.00
CA GLN E 103 23.86 26.64 -17.23
C GLN E 103 24.43 25.31 -16.70
N TYR E 104 25.74 25.26 -16.58
CA TYR E 104 26.47 24.15 -15.96
C TYR E 104 27.39 24.70 -14.89
N MET E 105 27.89 23.82 -14.03
CA MET E 105 28.79 24.25 -12.95
C MET E 105 30.10 24.71 -13.57
N ASP E 106 30.65 25.79 -13.03
CA ASP E 106 31.89 26.38 -13.53
C ASP E 106 33.05 25.37 -13.45
N SER E 107 33.65 25.09 -14.61
CA SER E 107 34.74 24.11 -14.77
C SER E 107 35.82 24.12 -13.67
N SER E 108 36.20 25.31 -13.19
CA SER E 108 37.19 25.44 -12.12
C SER E 108 36.62 25.10 -10.73
N LEU E 109 35.36 25.43 -10.48
CA LEU E 109 34.68 25.09 -9.21
C LEU E 109 34.45 23.58 -9.03
N VAL E 110 34.33 22.86 -10.15
CA VAL E 110 34.24 21.39 -10.17
C VAL E 110 35.55 20.80 -9.67
N LYS E 111 36.63 21.28 -10.25
CA LYS E 111 38.00 20.92 -9.87
C LYS E 111 38.27 21.20 -8.38
N SER E 112 37.90 22.39 -7.92
CA SER E 112 38.10 22.77 -6.53
C SER E 112 37.38 21.81 -5.57
N TYR E 113 36.13 21.50 -5.90
CA TYR E 113 35.27 20.66 -5.05
C TYR E 113 35.78 19.22 -5.00
N LEU E 114 36.15 18.67 -6.15
CA LEU E 114 36.71 17.31 -6.22
C LEU E 114 38.03 17.20 -5.43
N TYR E 115 38.83 18.27 -5.48
CA TYR E 115 40.08 18.32 -4.73
C TYR E 115 39.78 18.26 -3.22
N GLN E 116 38.86 19.09 -2.78
CA GLN E 116 38.48 19.12 -1.37
C GLN E 116 37.90 17.77 -0.90
N ILE E 117 37.01 17.18 -1.71
CA ILE E 117 36.41 15.86 -1.40
C ILE E 117 37.49 14.78 -1.24
N LEU E 118 38.46 14.76 -2.14
CA LEU E 118 39.55 13.78 -2.05
C LEU E 118 40.45 14.01 -0.85
N GLN E 119 40.64 15.27 -0.46
CA GLN E 119 41.44 15.59 0.70
C GLN E 119 40.82 14.96 1.96
N GLY E 120 39.51 15.17 2.10
CA GLY E 120 38.73 14.62 3.20
C GLY E 120 38.67 13.10 3.24
N ILE E 121 38.55 12.47 2.07
CA ILE E 121 38.48 11.01 2.04
C ILE E 121 39.84 10.37 2.31
N VAL E 122 40.91 11.03 1.87
CA VAL E 122 42.27 10.58 2.18
C VAL E 122 42.54 10.63 3.69
N PHE E 123 42.11 11.72 4.33
CA PHE E 123 42.24 11.84 5.78
C PHE E 123 41.56 10.68 6.50
N CYS E 124 40.32 10.35 6.11
CA CYS E 124 39.58 9.24 6.73
C CYS E 124 40.24 7.91 6.45
N HIS E 125 40.59 7.68 5.19
CA HIS E 125 41.22 6.42 4.78
C HIS E 125 42.55 6.18 5.51
N SER E 126 43.38 7.21 5.62
CA SER E 126 44.63 7.12 6.37
C SER E 126 44.44 6.78 7.86
N ARG E 127 43.32 7.20 8.46
CA ARG E 127 42.95 6.83 9.83
C ARG E 127 42.04 5.59 9.95
N ARG E 128 42.03 4.73 8.92
CA ARG E 128 41.28 3.45 8.91
C ARG E 128 39.73 3.59 8.98
N VAL E 129 39.18 4.65 8.37
CA VAL E 129 37.74 4.92 8.45
C VAL E 129 37.14 5.06 7.06
N LEU E 130 36.03 4.37 6.81
CA LEU E 130 35.30 4.43 5.54
C LEU E 130 34.02 5.19 5.70
N HIS E 131 33.58 5.83 4.61
CA HIS E 131 32.21 6.33 4.55
C HIS E 131 31.26 5.18 4.20
N ARG E 132 31.47 4.56 3.03
CA ARG E 132 30.63 3.44 2.52
C ARG E 132 29.32 3.87 1.83
N ASP E 133 28.77 5.00 2.26
CA ASP E 133 27.49 5.49 1.73
C ASP E 133 27.61 6.96 1.39
N LEU E 134 28.49 7.24 0.45
CA LEU E 134 28.76 8.59 -0.01
C LEU E 134 27.83 8.97 -1.16
N LYS E 135 27.33 10.20 -1.15
CA LYS E 135 26.40 10.72 -2.16
C LYS E 135 26.25 12.22 -1.95
N PRO E 136 25.76 12.95 -2.97
CA PRO E 136 25.71 14.43 -2.89
C PRO E 136 25.08 15.02 -1.62
N GLN E 137 24.05 14.39 -1.07
CA GLN E 137 23.46 14.81 0.22
C GLN E 137 24.42 14.79 1.42
N ASN E 138 25.49 14.00 1.35
CA ASN E 138 26.53 13.93 2.37
C ASN E 138 27.70 14.88 2.16
N LEU E 139 27.65 15.73 1.14
CA LEU E 139 28.68 16.73 0.89
C LEU E 139 28.08 18.10 1.16
N LEU E 140 28.44 18.71 2.28
CA LEU E 140 27.89 20.03 2.69
C LEU E 140 28.78 21.22 2.29
N ILE E 141 28.20 22.40 2.14
CA ILE E 141 28.93 23.63 1.79
C ILE E 141 28.63 24.74 2.82
N ASP E 142 29.66 25.45 3.27
CA ASP E 142 29.48 26.70 4.01
C ASP E 142 29.30 27.87 3.05
N ASP E 143 28.99 29.05 3.61
CA ASP E 143 28.89 30.30 2.85
C ASP E 143 30.22 30.72 2.14
N LYS E 144 31.37 30.30 2.69
CA LYS E 144 32.70 30.62 2.15
C LYS E 144 33.20 29.70 1.02
N GLY E 145 32.40 28.73 0.57
CA GLY E 145 32.75 27.86 -0.56
C GLY E 145 33.70 26.72 -0.24
N THR E 146 33.59 26.19 0.98
CA THR E 146 34.37 25.01 1.42
C THR E 146 33.38 23.81 1.48
N ILE E 147 33.86 22.61 1.15
CA ILE E 147 32.96 21.44 1.00
C ILE E 147 33.44 20.32 1.89
N LYS E 148 32.51 19.67 2.59
CA LYS E 148 32.87 18.74 3.69
C LYS E 148 32.07 17.45 3.68
N LEU E 149 32.71 16.34 4.03
CA LEU E 149 32.01 15.06 4.19
C LEU E 149 31.28 15.01 5.53
N ALA E 150 30.00 14.66 5.48
CA ALA E 150 29.23 14.35 6.68
C ALA E 150 28.95 12.85 6.77
N ASP E 151 28.72 12.36 7.99
CA ASP E 151 28.40 10.94 8.28
C ASP E 151 29.51 9.89 8.04
N PHE E 152 30.74 10.31 7.77
CA PHE E 152 31.91 9.39 7.76
C PHE E 152 31.90 8.49 9.01
N GLY E 153 32.21 7.22 8.82
CA GLY E 153 32.30 6.24 9.92
C GLY E 153 31.03 5.81 10.65
N LEU E 154 29.90 6.48 10.40
CA LEU E 154 28.67 6.16 11.13
C LEU E 154 28.11 4.82 10.69
N ALA E 155 28.33 4.45 9.42
CA ALA E 155 27.86 3.18 8.88
C ALA E 155 28.41 1.99 9.68
N ARG E 156 29.74 1.94 9.87
CA ARG E 156 30.35 0.86 10.63
C ARG E 156 29.87 0.83 12.07
N ALA E 157 29.84 2.00 12.70
CA ALA E 157 29.37 2.15 14.08
C ALA E 157 28.00 1.52 14.37
N PHE E 158 27.11 1.49 13.38
CA PHE E 158 25.79 0.90 13.56
C PHE E 158 25.68 -0.43 12.83
N GLY E 159 25.95 -0.42 11.53
CA GLY E 159 25.88 -1.63 10.72
C GLY E 159 25.04 -1.44 9.47
N ILE E 160 24.71 -2.56 8.83
CA ILE E 160 23.89 -2.65 7.60
C ILE E 160 24.50 -2.13 6.28
N PRO E 161 24.06 -2.69 5.15
CA PRO E 161 24.53 -2.29 3.83
C PRO E 161 24.46 -0.78 3.63
N VAL E 170 17.89 6.54 -4.23
CA VAL E 170 19.03 7.48 -4.32
C VAL E 170 20.33 6.85 -3.80
N THR E 171 20.19 5.97 -2.82
CA THR E 171 21.28 5.12 -2.35
C THR E 171 22.05 4.36 -3.47
N LEU E 172 21.34 3.78 -4.43
CA LEU E 172 21.91 2.88 -5.45
C LEU E 172 22.84 3.50 -6.50
N TRP E 173 22.59 4.75 -6.89
CA TRP E 173 23.29 5.34 -8.03
C TRP E 173 24.82 5.49 -7.85
N TYR E 174 25.23 5.63 -6.59
CA TYR E 174 26.62 5.89 -6.20
C TYR E 174 27.36 4.64 -5.70
N ARG E 175 26.71 3.50 -5.82
CA ARG E 175 27.19 2.26 -5.27
C ARG E 175 28.10 1.55 -6.27
N SER E 176 29.07 0.81 -5.74
CA SER E 176 30.15 0.17 -6.52
C SER E 176 29.79 -1.24 -6.94
N PRO E 177 30.39 -1.74 -8.03
CA PRO E 177 30.02 -3.08 -8.53
C PRO E 177 30.43 -4.26 -7.62
N GLU E 178 31.52 -4.12 -6.86
CA GLU E 178 31.85 -5.08 -5.76
C GLU E 178 30.65 -5.39 -4.91
N VAL E 179 30.01 -4.33 -4.45
CA VAL E 179 28.94 -4.41 -3.47
C VAL E 179 27.69 -4.96 -4.15
N LEU E 180 27.37 -4.43 -5.33
CA LEU E 180 26.19 -4.85 -6.09
C LEU E 180 26.23 -6.32 -6.52
N LEU E 181 27.42 -6.84 -6.86
CA LEU E 181 27.59 -8.26 -7.24
C LEU E 181 27.74 -9.20 -6.06
N GLY E 182 27.84 -8.67 -4.85
CA GLY E 182 27.75 -9.47 -3.62
C GLY E 182 29.07 -9.98 -3.06
N SER E 183 30.15 -9.29 -3.41
CA SER E 183 31.51 -9.63 -2.98
C SER E 183 31.57 -9.88 -1.47
N ALA E 184 32.38 -10.85 -1.07
CA ALA E 184 32.51 -11.23 0.34
C ALA E 184 33.16 -10.14 1.16
N ARG E 185 34.15 -9.48 0.57
CA ARG E 185 34.85 -8.38 1.22
C ARG E 185 34.93 -7.11 0.35
N TYR E 186 35.11 -5.98 1.01
CA TYR E 186 35.25 -4.68 0.37
C TYR E 186 36.11 -3.75 1.24
N SER E 187 36.61 -2.68 0.65
CA SER E 187 37.52 -1.77 1.35
C SER E 187 37.43 -0.34 0.80
N THR E 188 38.50 0.44 1.00
CA THR E 188 38.54 1.85 0.60
C THR E 188 38.14 2.15 -0.85
N PRO E 189 38.32 1.20 -1.78
CA PRO E 189 37.90 1.54 -3.15
C PRO E 189 36.41 1.87 -3.36
N VAL E 190 35.53 1.36 -2.48
CA VAL E 190 34.08 1.69 -2.59
C VAL E 190 33.85 3.20 -2.56
N ASP E 191 34.58 3.92 -1.70
CA ASP E 191 34.47 5.39 -1.64
C ASP E 191 35.02 6.08 -2.88
N ILE E 192 35.99 5.46 -3.54
CA ILE E 192 36.56 6.07 -4.75
C ILE E 192 35.59 5.94 -5.92
N TRP E 193 34.95 4.80 -6.07
CA TRP E 193 33.90 4.64 -7.09
C TRP E 193 32.82 5.72 -6.92
N SER E 194 32.37 5.92 -5.68
CA SER E 194 31.35 6.93 -5.39
C SER E 194 31.77 8.32 -5.76
N ILE E 195 33.01 8.69 -5.40
CA ILE E 195 33.55 10.00 -5.79
C ILE E 195 33.60 10.13 -7.32
N GLY E 196 33.91 9.04 -8.00
CA GLY E 196 33.82 8.97 -9.46
C GLY E 196 32.46 9.40 -10.02
N THR E 197 31.41 8.73 -9.58
CA THR E 197 30.05 9.02 -10.04
C THR E 197 29.58 10.43 -9.65
N ILE E 198 30.08 10.94 -8.52
CA ILE E 198 29.81 12.31 -8.09
C ILE E 198 30.58 13.33 -8.93
N PHE E 199 31.81 13.00 -9.30
CA PHE E 199 32.62 13.86 -10.18
C PHE E 199 31.82 14.14 -11.47
N ALA E 200 31.35 13.07 -12.12
CA ALA E 200 30.52 13.18 -13.35
C ALA E 200 29.27 14.06 -13.16
N GLU E 201 28.62 13.92 -12.01
CA GLU E 201 27.42 14.69 -11.69
C GLU E 201 27.71 16.20 -11.52
N LEU E 202 28.84 16.53 -10.90
CA LEU E 202 29.26 17.91 -10.76
C LEU E 202 29.39 18.57 -12.13
N ALA E 203 29.95 17.82 -13.07
CA ALA E 203 30.16 18.29 -14.42
C ALA E 203 28.89 18.42 -15.24
N THR E 204 28.04 17.40 -15.21
CA THR E 204 26.83 17.32 -16.06
C THR E 204 25.53 17.80 -15.44
N LYS E 205 25.47 17.91 -14.10
CA LYS E 205 24.23 18.16 -13.30
C LYS E 205 23.33 16.94 -13.08
N LYS E 206 23.54 15.85 -13.82
CA LYS E 206 22.68 14.65 -13.72
C LYS E 206 23.48 13.39 -13.34
N PRO E 207 22.81 12.40 -12.72
CA PRO E 207 23.54 11.22 -12.24
C PRO E 207 24.09 10.40 -13.41
N LEU E 208 25.27 9.82 -13.24
CA LEU E 208 25.90 9.02 -14.29
C LEU E 208 25.18 7.71 -14.51
N PHE E 209 24.86 6.99 -13.43
CA PHE E 209 24.21 5.68 -13.51
C PHE E 209 22.88 5.71 -12.76
N HIS E 210 21.81 6.08 -13.48
CA HIS E 210 20.48 6.37 -12.88
C HIS E 210 19.56 5.18 -12.94
N GLY E 211 19.90 4.15 -12.18
CA GLY E 211 19.16 2.87 -12.22
C GLY E 211 17.92 2.78 -11.37
N ASP E 212 16.98 1.90 -11.78
CA ASP E 212 15.69 1.66 -11.06
C ASP E 212 15.68 0.49 -10.06
N SER E 213 16.81 -0.20 -9.96
CA SER E 213 16.93 -1.41 -9.12
C SER E 213 18.41 -1.81 -9.09
N GLU E 214 18.78 -2.72 -8.19
CA GLU E 214 20.14 -3.24 -8.16
C GLU E 214 20.55 -3.78 -9.55
N ILE E 215 19.66 -4.61 -10.12
CA ILE E 215 19.94 -5.25 -11.38
C ILE E 215 20.04 -4.24 -12.53
N ASP E 216 19.10 -3.31 -12.60
CA ASP E 216 19.18 -2.25 -13.61
C ASP E 216 20.42 -1.35 -13.41
N GLN E 217 20.82 -1.11 -12.15
CA GLN E 217 22.04 -0.34 -11.83
C GLN E 217 23.28 -1.01 -12.42
N LEU E 218 23.39 -2.33 -12.26
CA LEU E 218 24.49 -3.08 -12.89
C LEU E 218 24.48 -2.96 -14.42
N PHE E 219 23.31 -3.17 -15.02
CA PHE E 219 23.17 -3.10 -16.46
C PHE E 219 23.51 -1.74 -17.04
N ARG E 220 23.26 -0.67 -16.30
CA ARG E 220 23.68 0.67 -16.77
C ARG E 220 25.19 0.88 -16.67
N ILE E 221 25.80 0.29 -15.65
CA ILE E 221 27.26 0.30 -15.50
C ILE E 221 27.88 -0.53 -16.63
N PHE E 222 27.32 -1.72 -16.88
CA PHE E 222 27.81 -2.58 -17.96
C PHE E 222 27.70 -1.91 -19.34
N ARG E 223 26.56 -1.28 -19.63
CA ARG E 223 26.36 -0.62 -20.93
C ARG E 223 27.32 0.53 -21.27
N ALA E 224 27.98 1.10 -20.26
CA ALA E 224 28.92 2.22 -20.44
C ALA E 224 30.39 1.84 -20.32
N LEU E 225 30.69 0.84 -19.50
CA LEU E 225 32.04 0.38 -19.24
C LEU E 225 32.33 -1.07 -19.70
N GLY E 226 31.35 -1.74 -20.27
CA GLY E 226 31.52 -3.11 -20.74
C GLY E 226 31.12 -4.10 -19.68
N THR E 227 30.52 -5.20 -20.12
CA THR E 227 30.18 -6.30 -19.21
C THR E 227 31.48 -6.91 -18.73
N PRO E 228 31.70 -6.96 -17.41
CA PRO E 228 32.94 -7.55 -16.90
C PRO E 228 33.01 -9.10 -17.00
N ASN E 229 34.24 -9.59 -17.20
CA ASN E 229 34.61 -11.03 -17.14
C ASN E 229 35.95 -11.16 -16.40
N ASN E 230 36.45 -12.40 -16.24
CA ASN E 230 37.75 -12.63 -15.58
C ASN E 230 38.96 -11.96 -16.27
N GLU E 231 38.90 -11.71 -17.57
CA GLU E 231 39.98 -10.99 -18.30
C GLU E 231 40.21 -9.58 -17.77
N VAL E 232 39.15 -8.81 -17.49
CA VAL E 232 39.28 -7.42 -16.99
C VAL E 232 39.15 -7.29 -15.47
N TRP E 233 38.57 -8.29 -14.81
CA TRP E 233 38.36 -8.26 -13.36
C TRP E 233 38.52 -9.68 -12.79
N PRO E 234 39.75 -10.04 -12.39
CA PRO E 234 40.07 -11.34 -11.83
C PRO E 234 39.08 -11.80 -10.76
N GLU E 235 38.65 -13.05 -10.85
CA GLU E 235 37.72 -13.69 -9.90
C GLU E 235 36.28 -13.17 -9.88
N VAL E 236 35.91 -12.27 -10.80
CA VAL E 236 34.55 -11.72 -10.81
C VAL E 236 33.49 -12.80 -11.08
N GLU E 237 33.83 -13.77 -11.95
CA GLU E 237 32.91 -14.83 -12.35
C GLU E 237 32.57 -15.79 -11.20
N SER E 238 33.32 -15.72 -10.10
CA SER E 238 33.06 -16.47 -8.87
C SER E 238 32.15 -15.78 -7.86
N LEU E 239 31.80 -14.51 -8.09
CA LEU E 239 31.06 -13.70 -7.09
C LEU E 239 29.61 -14.18 -6.99
N GLN E 240 28.99 -13.89 -5.85
CA GLN E 240 27.74 -14.52 -5.46
C GLN E 240 26.61 -14.27 -6.46
N ASP E 241 26.53 -13.06 -7.01
CA ASP E 241 25.47 -12.67 -7.96
C ASP E 241 25.95 -12.42 -9.40
N TYR E 242 27.12 -12.96 -9.77
CA TYR E 242 27.54 -13.00 -11.19
C TYR E 242 26.72 -14.04 -11.95
N LYS E 243 26.52 -13.78 -13.25
CA LYS E 243 25.85 -14.69 -14.16
C LYS E 243 26.54 -14.63 -15.50
N ASN E 244 26.66 -15.80 -16.16
CA ASN E 244 27.19 -15.86 -17.53
C ASN E 244 26.14 -15.38 -18.56
N THR E 245 24.89 -15.23 -18.12
CA THR E 245 23.80 -14.78 -18.97
C THR E 245 23.57 -13.25 -19.04
N PHE E 246 24.37 -12.43 -18.35
CA PHE E 246 24.21 -10.95 -18.43
C PHE E 246 24.26 -10.52 -19.88
N PRO E 247 23.61 -9.39 -20.23
CA PRO E 247 23.86 -8.82 -21.56
C PRO E 247 25.34 -8.51 -21.74
N LYS E 248 25.76 -8.45 -23.00
CA LYS E 248 27.18 -8.42 -23.36
C LYS E 248 27.51 -7.20 -24.17
N TRP E 249 27.84 -6.10 -23.49
CA TRP E 249 28.26 -4.88 -24.17
C TRP E 249 29.77 -4.80 -24.10
N LYS E 250 30.37 -4.17 -25.11
CA LYS E 250 31.81 -4.01 -25.17
C LYS E 250 32.26 -2.70 -24.54
N PRO E 251 33.49 -2.67 -24.02
CA PRO E 251 34.05 -1.47 -23.39
C PRO E 251 33.96 -0.25 -24.28
N GLY E 252 33.60 0.90 -23.70
CA GLY E 252 33.49 2.13 -24.47
C GLY E 252 32.06 2.39 -24.92
N SER E 253 31.69 3.66 -24.97
CA SER E 253 32.60 4.74 -24.60
C SER E 253 32.14 5.43 -23.31
N LEU E 254 33.07 6.11 -22.66
CA LEU E 254 32.78 6.80 -21.41
C LEU E 254 32.54 8.30 -21.66
N ALA E 255 33.28 8.86 -22.60
CA ALA E 255 33.15 10.28 -22.93
C ALA E 255 31.83 10.62 -23.61
N SER E 256 31.16 9.62 -24.19
CA SER E 256 29.82 9.82 -24.78
C SER E 256 28.71 9.93 -23.72
N HIS E 257 28.98 9.44 -22.50
CA HIS E 257 28.03 9.54 -21.38
C HIS E 257 28.22 10.80 -20.53
N VAL E 258 29.25 11.62 -20.80
CA VAL E 258 29.58 12.79 -19.97
C VAL E 258 30.13 13.94 -20.83
N LYS E 259 29.99 15.16 -20.35
CA LYS E 259 30.38 16.36 -21.07
C LYS E 259 31.12 17.30 -20.11
N ASN E 260 31.66 18.40 -20.63
CA ASN E 260 32.34 19.45 -19.86
C ASN E 260 33.57 18.98 -19.07
N LEU E 261 34.30 18.01 -19.62
CA LEU E 261 35.55 17.55 -19.01
C LEU E 261 36.65 17.45 -20.07
N ASP E 262 37.78 18.14 -19.83
CA ASP E 262 38.97 17.97 -20.69
C ASP E 262 39.53 16.55 -20.58
N GLU E 263 40.61 16.27 -21.30
CA GLU E 263 41.12 14.90 -21.40
C GLU E 263 41.69 14.37 -20.06
N ASN E 264 42.19 15.26 -19.21
CA ASN E 264 42.68 14.86 -17.87
C ASN E 264 41.52 14.40 -16.98
N GLY E 265 40.48 15.25 -16.91
CA GLY E 265 39.23 14.90 -16.22
C GLY E 265 38.69 13.53 -16.60
N LEU E 266 38.61 13.27 -17.90
CA LEU E 266 38.12 11.98 -18.39
C LEU E 266 39.04 10.83 -18.03
N ASP E 267 40.35 11.09 -17.97
CA ASP E 267 41.32 10.06 -17.60
C ASP E 267 41.19 9.71 -16.10
N LEU E 268 41.09 10.73 -15.25
CA LEU E 268 40.92 10.54 -13.80
C LEU E 268 39.62 9.82 -13.48
N LEU E 269 38.53 10.28 -14.09
CA LEU E 269 37.22 9.65 -13.97
C LEU E 269 37.27 8.16 -14.33
N SER E 270 37.90 7.84 -15.46
CA SER E 270 38.00 6.43 -15.90
C SER E 270 38.82 5.58 -14.93
N LYS E 271 39.80 6.21 -14.29
CA LYS E 271 40.62 5.55 -13.27
C LYS E 271 39.89 5.36 -11.94
N MET E 272 38.98 6.27 -11.60
CA MET E 272 38.06 6.07 -10.47
C MET E 272 37.01 5.00 -10.72
N LEU E 273 36.72 4.67 -11.99
CA LEU E 273 35.69 3.67 -12.36
C LEU E 273 36.25 2.35 -12.92
N ILE E 274 37.46 1.99 -12.51
CA ILE E 274 38.02 0.70 -12.90
C ILE E 274 37.29 -0.40 -12.13
N TYR E 275 37.00 -1.50 -12.80
CA TYR E 275 36.26 -2.60 -12.20
C TYR E 275 36.96 -3.25 -11.01
N ASP E 276 38.22 -3.65 -11.18
CA ASP E 276 38.98 -4.36 -10.11
C ASP E 276 39.30 -3.38 -8.96
N PRO E 277 38.81 -3.65 -7.74
CA PRO E 277 39.18 -2.82 -6.56
C PRO E 277 40.67 -2.64 -6.35
N ALA E 278 41.44 -3.70 -6.54
CA ALA E 278 42.91 -3.66 -6.41
C ALA E 278 43.59 -2.73 -7.42
N LYS E 279 43.12 -2.69 -8.66
CA LYS E 279 43.70 -1.81 -9.69
C LYS E 279 43.13 -0.38 -9.69
N ARG E 280 42.04 -0.16 -8.97
CA ARG E 280 41.36 1.15 -8.98
C ARG E 280 42.24 2.20 -8.31
N ILE E 281 42.18 3.43 -8.81
CA ILE E 281 42.99 4.52 -8.26
C ILE E 281 42.66 4.78 -6.77
N SER E 282 43.66 5.23 -6.03
CA SER E 282 43.50 5.57 -4.61
C SER E 282 43.29 7.06 -4.49
N GLY E 283 42.87 7.52 -3.31
CA GLY E 283 42.74 8.95 -3.04
C GLY E 283 44.04 9.73 -3.13
N LYS E 284 45.12 9.21 -2.55
CA LYS E 284 46.46 9.84 -2.62
C LYS E 284 46.86 10.09 -4.06
N MET E 285 46.87 9.03 -4.85
CA MET E 285 47.29 9.10 -6.25
C MET E 285 46.43 10.08 -7.07
N ALA E 286 45.13 10.09 -6.82
CA ALA E 286 44.20 10.95 -7.54
C ALA E 286 44.54 12.42 -7.37
N LEU E 287 45.02 12.81 -6.18
CA LEU E 287 45.42 14.19 -5.90
C LEU E 287 46.62 14.68 -6.75
N ASN E 288 47.49 13.76 -7.17
CA ASN E 288 48.64 14.08 -8.02
C ASN E 288 48.35 14.02 -9.53
N HIS E 289 47.11 13.78 -9.91
CA HIS E 289 46.76 13.63 -11.33
C HIS E 289 46.84 14.99 -12.05
N PRO E 290 47.32 15.02 -13.31
CA PRO E 290 47.39 16.22 -14.16
C PRO E 290 46.18 17.17 -14.14
N TYR E 291 44.96 16.62 -14.07
CA TYR E 291 43.72 17.41 -13.95
C TYR E 291 43.85 18.58 -12.96
N PHE E 292 44.55 18.36 -11.84
CA PHE E 292 44.68 19.39 -10.79
C PHE E 292 45.80 20.43 -11.00
N ASN E 293 46.66 20.24 -12.02
CA ASN E 293 47.79 21.16 -12.29
C ASN E 293 47.39 22.62 -12.29
N ASP E 294 46.30 22.97 -12.96
CA ASP E 294 45.91 24.38 -13.13
C ASP E 294 44.87 24.83 -12.10
N LEU E 295 45.07 24.47 -10.82
CA LEU E 295 44.07 24.70 -9.77
C LEU E 295 44.13 26.10 -9.15
N ASP E 296 44.90 26.28 -8.10
CA ASP E 296 44.88 27.52 -7.28
C ASP E 296 45.56 27.28 -5.93
N ASN E 297 46.09 28.38 -5.36
CA ASN E 297 46.79 28.39 -4.04
C ASN E 297 47.99 27.40 -3.98
N LYS F 9 -1.25 -2.37 -5.78
CA LYS F 9 -0.23 -1.92 -6.78
C LYS F 9 -0.38 -2.69 -8.10
N GLN F 10 0.33 -2.21 -9.12
CA GLN F 10 0.33 -2.79 -10.47
C GLN F 10 1.72 -3.31 -10.91
N ILE F 11 1.80 -3.83 -12.13
CA ILE F 11 2.99 -4.38 -12.72
C ILE F 11 3.61 -3.33 -13.62
N TYR F 12 4.92 -3.12 -13.49
CA TYR F 12 5.67 -2.16 -14.29
C TYR F 12 6.60 -2.85 -15.32
N TYR F 13 6.56 -2.37 -16.55
CA TYR F 13 7.36 -2.89 -17.66
C TYR F 13 8.44 -1.86 -18.04
N SER F 14 9.72 -2.25 -18.01
CA SER F 14 10.81 -1.33 -18.39
C SER F 14 10.81 -1.10 -19.90
N ASP F 15 11.46 -0.04 -20.34
CA ASP F 15 11.79 0.13 -21.75
C ASP F 15 12.76 -0.96 -22.19
N LYS F 16 12.83 -1.18 -23.50
CA LYS F 16 13.70 -2.20 -24.06
C LYS F 16 15.14 -1.72 -24.16
N TYR F 17 16.07 -2.65 -23.98
CA TYR F 17 17.49 -2.44 -24.25
C TYR F 17 18.01 -3.64 -25.08
N PHE F 18 19.14 -3.46 -25.75
CA PHE F 18 19.63 -4.48 -26.69
C PHE F 18 21.15 -4.68 -26.72
N ASP F 19 21.50 -5.84 -27.26
CA ASP F 19 22.83 -6.41 -27.31
C ASP F 19 23.25 -6.37 -28.78
N GLU F 20 24.29 -7.13 -29.13
CA GLU F 20 24.51 -7.47 -30.55
C GLU F 20 23.63 -8.63 -30.98
N HIS F 21 23.35 -9.56 -30.07
CA HIS F 21 22.50 -10.74 -30.35
C HIS F 21 21.04 -10.70 -29.87
N TYR F 22 20.80 -10.36 -28.61
CA TYR F 22 19.44 -10.29 -28.05
C TYR F 22 18.85 -8.88 -27.86
N GLU F 23 17.50 -8.81 -27.77
CA GLU F 23 16.79 -7.64 -27.20
C GLU F 23 16.30 -8.04 -25.81
N TYR F 24 16.16 -7.07 -24.91
CA TYR F 24 15.90 -7.33 -23.48
C TYR F 24 14.84 -6.44 -22.86
N ARG F 25 14.18 -6.93 -21.83
CA ARG F 25 13.44 -6.06 -20.92
C ARG F 25 13.34 -6.72 -19.56
N HIS F 26 13.05 -5.91 -18.55
CA HIS F 26 12.71 -6.43 -17.22
C HIS F 26 11.33 -5.95 -16.75
N VAL F 27 10.73 -6.74 -15.87
CA VAL F 27 9.38 -6.55 -15.40
C VAL F 27 9.33 -6.67 -13.90
N MET F 28 8.79 -5.65 -13.23
CA MET F 28 8.76 -5.57 -11.77
C MET F 28 7.36 -5.88 -11.27
N LEU F 29 7.25 -6.97 -10.50
CA LEU F 29 6.01 -7.39 -9.90
C LEU F 29 5.89 -6.81 -8.48
N PRO F 30 4.64 -6.70 -7.97
CA PRO F 30 4.41 -6.40 -6.57
C PRO F 30 4.99 -7.48 -5.67
N ARG F 31 5.40 -7.09 -4.48
CA ARG F 31 6.19 -7.96 -3.62
C ARG F 31 5.39 -9.11 -3.01
N GLU F 32 4.06 -9.05 -3.09
CA GLU F 32 3.23 -10.14 -2.56
C GLU F 32 3.12 -11.28 -3.58
N LEU F 33 3.19 -10.95 -4.87
CA LEU F 33 3.35 -11.95 -5.94
C LEU F 33 4.73 -12.57 -5.99
N SER F 34 5.76 -11.93 -5.44
CA SER F 34 7.12 -12.44 -5.59
C SER F 34 7.37 -13.77 -4.89
N LYS F 35 6.64 -14.06 -3.82
CA LYS F 35 6.72 -15.37 -3.16
C LYS F 35 6.16 -16.51 -4.02
N GLN F 36 5.57 -16.18 -5.16
CA GLN F 36 5.02 -17.14 -6.11
C GLN F 36 6.00 -17.41 -7.28
N VAL F 37 7.16 -16.73 -7.33
CA VAL F 37 8.11 -16.93 -8.43
C VAL F 37 9.14 -17.95 -7.96
N PRO F 38 9.31 -19.07 -8.70
CA PRO F 38 10.31 -20.10 -8.43
C PRO F 38 11.71 -19.58 -8.12
N LYS F 39 12.25 -19.97 -6.97
CA LYS F 39 13.60 -19.62 -6.52
C LYS F 39 14.69 -20.61 -7.04
N THR F 40 14.32 -21.54 -7.93
CA THR F 40 15.27 -22.51 -8.46
C THR F 40 15.25 -22.51 -9.99
N HIS F 41 14.20 -23.09 -10.57
CA HIS F 41 14.06 -23.15 -12.02
C HIS F 41 13.51 -21.83 -12.56
N LEU F 42 13.60 -21.65 -13.88
CA LEU F 42 13.08 -20.46 -14.54
C LEU F 42 11.68 -20.78 -15.07
N MET F 43 10.94 -19.78 -15.50
CA MET F 43 9.61 -20.09 -15.98
C MET F 43 9.32 -20.19 -17.43
N SER F 44 8.43 -21.12 -17.73
CA SER F 44 7.84 -21.25 -19.06
C SER F 44 6.96 -20.05 -19.36
N GLU F 45 6.75 -19.79 -20.64
CA GLU F 45 5.83 -18.74 -21.08
C GLU F 45 4.40 -18.95 -20.49
N GLU F 46 4.01 -20.20 -20.28
CA GLU F 46 2.74 -20.51 -19.61
C GLU F 46 2.76 -20.03 -18.17
N GLU F 47 3.86 -20.33 -17.46
CA GLU F 47 4.00 -19.99 -16.04
C GLU F 47 3.96 -18.46 -15.79
N TRP F 48 4.75 -17.68 -16.52
CA TRP F 48 4.75 -16.25 -16.30
C TRP F 48 3.47 -15.52 -16.65
N ARG F 49 2.78 -16.01 -17.65
CA ARG F 49 1.46 -15.46 -17.96
C ARG F 49 0.43 -15.65 -16.84
N ARG F 50 0.57 -16.72 -16.03
CA ARG F 50 -0.32 -16.92 -14.85
C ARG F 50 -0.14 -15.88 -13.75
N LEU F 51 1.04 -15.24 -13.69
CA LEU F 51 1.27 -14.09 -12.79
C LEU F 51 0.72 -12.75 -13.33
N GLY F 52 0.16 -12.75 -14.55
CA GLY F 52 -0.40 -11.54 -15.16
C GLY F 52 0.57 -10.71 -15.97
N VAL F 53 1.73 -11.27 -16.32
CA VAL F 53 2.68 -10.57 -17.18
C VAL F 53 2.15 -10.65 -18.61
N GLN F 54 1.94 -9.50 -19.22
CA GLN F 54 1.35 -9.37 -20.55
C GLN F 54 2.33 -8.73 -21.53
N GLN F 55 2.74 -9.51 -22.53
CA GLN F 55 3.62 -9.03 -23.59
C GLN F 55 3.52 -9.99 -24.80
N SER F 56 4.18 -9.64 -25.91
CA SER F 56 4.19 -10.48 -27.13
C SER F 56 4.89 -11.84 -26.96
N LEU F 57 4.70 -12.74 -27.93
CA LEU F 57 5.26 -14.11 -27.87
C LEU F 57 6.79 -14.13 -27.99
N GLY F 58 7.41 -15.15 -27.37
CA GLY F 58 8.84 -15.41 -27.56
C GLY F 58 9.85 -14.75 -26.62
N TRP F 59 9.38 -13.97 -25.64
CA TRP F 59 10.26 -13.49 -24.56
C TRP F 59 10.58 -14.66 -23.65
N VAL F 60 11.85 -14.82 -23.30
CA VAL F 60 12.30 -15.92 -22.45
C VAL F 60 12.88 -15.42 -21.12
N HIS F 61 12.38 -15.98 -20.03
CA HIS F 61 12.87 -15.73 -18.67
C HIS F 61 14.26 -16.37 -18.51
N TYR F 62 15.30 -15.55 -18.59
CA TYR F 62 16.70 -16.02 -18.74
C TYR F 62 17.61 -16.02 -17.49
N MET F 63 17.19 -15.40 -16.39
CA MET F 63 18.02 -15.31 -15.16
C MET F 63 17.26 -14.71 -13.96
N ILE F 64 17.84 -14.94 -12.77
CA ILE F 64 17.30 -14.49 -11.52
C ILE F 64 18.39 -13.75 -10.77
N HIS F 65 18.13 -12.48 -10.46
CA HIS F 65 18.95 -11.77 -9.50
C HIS F 65 18.39 -12.09 -8.12
N GLU F 66 19.12 -12.84 -7.31
CA GLU F 66 18.57 -13.46 -6.07
C GLU F 66 18.08 -12.40 -5.05
N PRO F 67 18.78 -11.26 -4.90
CA PRO F 67 18.30 -10.20 -3.99
C PRO F 67 16.99 -9.52 -4.37
N GLU F 68 16.59 -9.61 -5.65
CA GLU F 68 15.37 -8.98 -6.15
C GLU F 68 14.51 -10.02 -6.90
N PRO F 69 13.96 -11.02 -6.17
CA PRO F 69 13.15 -12.08 -6.79
C PRO F 69 11.90 -11.60 -7.53
N HIS F 70 11.41 -10.42 -7.15
CA HIS F 70 10.28 -9.73 -7.81
C HIS F 70 10.57 -9.13 -9.19
N ILE F 71 11.82 -9.16 -9.65
CA ILE F 71 12.19 -8.61 -10.94
C ILE F 71 12.46 -9.71 -11.95
N LEU F 72 11.59 -9.84 -12.94
CA LEU F 72 11.69 -10.89 -13.95
C LEU F 72 12.45 -10.33 -15.15
N LEU F 73 13.58 -10.96 -15.46
CA LEU F 73 14.45 -10.54 -16.56
C LEU F 73 14.16 -11.36 -17.82
N PHE F 74 13.87 -10.66 -18.92
CA PHE F 74 13.47 -11.27 -20.18
C PHE F 74 14.40 -10.90 -21.32
N ARG F 75 14.39 -11.79 -22.32
CA ARG F 75 15.36 -11.81 -23.41
C ARG F 75 14.70 -12.48 -24.60
N ARG F 76 14.95 -11.95 -25.80
CA ARG F 76 14.45 -12.53 -27.04
C ARG F 76 15.48 -12.32 -28.16
N PRO F 77 15.78 -13.37 -28.97
CA PRO F 77 16.80 -13.20 -30.01
C PRO F 77 16.39 -12.25 -31.15
N LEU F 78 17.28 -11.36 -31.54
CA LEU F 78 17.10 -10.52 -32.70
C LEU F 78 17.15 -11.36 -33.99
N PRO F 79 16.65 -10.82 -35.12
CA PRO F 79 16.99 -11.29 -36.48
C PRO F 79 18.45 -11.73 -36.69
N MET G 6 -23.34 31.69 -5.28
CA MET G 6 -24.42 32.72 -5.29
C MET G 6 -24.03 33.85 -4.33
N GLU G 7 -24.53 35.05 -4.64
CA GLU G 7 -24.23 36.26 -3.88
C GLU G 7 -24.96 36.34 -2.53
N ASP G 8 -25.98 35.48 -2.33
CA ASP G 8 -26.76 35.47 -1.07
C ASP G 8 -26.06 34.90 0.17
N TYR G 9 -24.90 34.27 -0.01
CA TYR G 9 -24.20 33.58 1.09
C TYR G 9 -22.78 34.10 1.21
N THR G 10 -22.19 33.86 2.37
CA THR G 10 -20.76 34.11 2.59
C THR G 10 -20.16 32.80 3.10
N LYS G 11 -19.15 32.27 2.39
CA LYS G 11 -18.41 31.09 2.89
C LYS G 11 -17.66 31.53 4.13
N ILE G 12 -17.66 30.70 5.15
CA ILE G 12 -16.87 30.97 6.35
C ILE G 12 -15.61 30.11 6.24
N GLU G 13 -15.77 28.79 6.42
CA GLU G 13 -14.63 27.86 6.48
C GLU G 13 -15.02 26.43 6.07
N LYS G 14 -14.03 25.63 5.64
CA LYS G 14 -14.20 24.20 5.41
C LYS G 14 -14.54 23.49 6.73
N ILE G 15 -15.43 22.50 6.67
CA ILE G 15 -15.72 21.63 7.83
C ILE G 15 -15.27 20.17 7.60
N GLY G 16 -15.20 19.72 6.34
CA GLY G 16 -14.86 18.32 6.08
C GLY G 16 -14.98 17.92 4.63
N GLU G 17 -14.74 16.64 4.36
CA GLU G 17 -14.94 16.04 3.04
C GLU G 17 -16.02 14.99 3.26
N GLY G 18 -17.12 15.11 2.53
CA GLY G 18 -18.20 14.11 2.49
C GLY G 18 -18.01 13.19 1.31
N THR G 19 -18.93 12.25 1.13
CA THR G 19 -18.85 11.24 0.06
C THR G 19 -18.90 11.89 -1.33
N TYR G 20 -19.72 12.94 -1.45
CA TYR G 20 -20.06 13.53 -2.73
C TYR G 20 -19.19 14.74 -3.09
N GLY G 21 -18.63 15.42 -2.09
CA GLY G 21 -17.66 16.49 -2.34
C GLY G 21 -17.22 17.18 -1.09
N VAL G 22 -16.72 18.40 -1.21
CA VAL G 22 -16.25 19.22 -0.09
C VAL G 22 -17.46 19.85 0.64
N VAL G 23 -17.34 20.06 1.96
CA VAL G 23 -18.41 20.68 2.79
C VAL G 23 -17.95 21.94 3.53
N TYR G 24 -18.64 23.07 3.29
CA TYR G 24 -18.31 24.37 3.91
C TYR G 24 -19.43 24.81 4.87
N LYS G 25 -19.06 25.64 5.85
CA LYS G 25 -20.02 26.39 6.69
C LYS G 25 -20.20 27.78 6.08
N GLY G 26 -21.44 28.28 6.07
CA GLY G 26 -21.70 29.62 5.52
C GLY G 26 -22.86 30.31 6.23
N ARG G 27 -23.07 31.59 5.91
CA ARG G 27 -24.22 32.33 6.43
C ARG G 27 -25.01 33.00 5.29
N HIS G 28 -26.34 32.89 5.38
CA HIS G 28 -27.26 33.60 4.48
C HIS G 28 -27.24 35.07 4.88
N LYS G 29 -27.03 35.95 3.90
CA LYS G 29 -26.89 37.39 4.16
C LYS G 29 -28.20 38.07 4.57
N THR G 30 -29.31 37.70 3.93
CA THR G 30 -30.64 38.16 4.34
C THR G 30 -31.09 37.60 5.72
N THR G 31 -31.25 36.29 5.84
CA THR G 31 -31.85 35.67 7.04
C THR G 31 -30.93 35.56 8.26
N GLY G 32 -29.61 35.62 8.07
CA GLY G 32 -28.64 35.41 9.14
C GLY G 32 -28.41 33.96 9.60
N GLN G 33 -29.14 33.02 8.99
CA GLN G 33 -29.05 31.60 9.31
C GLN G 33 -27.70 31.04 8.87
N VAL G 34 -27.17 30.14 9.69
CA VAL G 34 -25.94 29.42 9.38
C VAL G 34 -26.33 28.19 8.54
N VAL G 35 -25.52 27.89 7.52
CA VAL G 35 -25.81 26.76 6.61
C VAL G 35 -24.59 25.90 6.30
N ALA G 36 -24.88 24.67 5.89
CA ALA G 36 -23.87 23.76 5.38
C ALA G 36 -23.99 23.80 3.88
N MET G 37 -22.84 23.87 3.20
CA MET G 37 -22.80 24.02 1.74
C MET G 37 -21.97 22.89 1.19
N LYS G 38 -22.58 22.01 0.40
CA LYS G 38 -21.91 20.84 -0.18
C LYS G 38 -21.54 21.19 -1.62
N LYS G 39 -20.26 21.34 -1.90
CA LYS G 39 -19.74 21.62 -3.26
C LYS G 39 -19.48 20.29 -3.97
N ILE G 40 -19.93 20.23 -5.23
CA ILE G 40 -19.89 19.01 -6.05
C ILE G 40 -19.43 19.44 -7.44
N ARG G 41 -18.33 18.83 -7.92
CA ARG G 41 -17.92 19.02 -9.33
C ARG G 41 -18.71 18.05 -10.20
N LEU G 42 -19.49 18.58 -11.14
CA LEU G 42 -20.29 17.74 -12.03
C LEU G 42 -19.43 17.20 -13.16
N GLU G 43 -19.58 15.89 -13.42
CA GLU G 43 -18.84 15.23 -14.49
C GLU G 43 -19.23 15.77 -15.86
N SER G 44 -18.27 15.79 -16.79
CA SER G 44 -18.55 16.14 -18.19
C SER G 44 -19.56 15.17 -18.81
N GLU G 45 -20.50 15.67 -19.60
CA GLU G 45 -21.53 14.83 -20.23
C GLU G 45 -21.52 14.87 -21.79
N GLU G 46 -22.04 13.80 -22.38
CA GLU G 46 -22.12 13.65 -23.85
C GLU G 46 -23.17 14.60 -24.45
N GLU G 47 -22.79 15.29 -25.53
CA GLU G 47 -23.66 16.26 -26.21
C GLU G 47 -24.88 15.56 -26.81
N GLY G 48 -26.06 16.15 -26.60
CA GLY G 48 -27.33 15.58 -27.01
C GLY G 48 -27.92 14.56 -26.04
N VAL G 49 -27.41 14.53 -24.81
CA VAL G 49 -27.86 13.60 -23.76
C VAL G 49 -27.99 14.39 -22.45
N PRO G 50 -29.20 14.89 -22.13
CA PRO G 50 -29.36 15.67 -20.89
C PRO G 50 -29.15 14.84 -19.61
N SER G 51 -28.66 15.52 -18.57
CA SER G 51 -28.32 14.89 -17.30
C SER G 51 -29.51 14.86 -16.36
N THR G 52 -29.81 13.67 -15.85
CA THR G 52 -30.89 13.49 -14.87
C THR G 52 -30.53 14.00 -13.47
N ALA G 53 -29.24 14.24 -13.21
CA ALA G 53 -28.73 14.67 -11.91
C ALA G 53 -29.33 15.98 -11.36
N ILE G 54 -29.31 17.03 -12.19
CA ILE G 54 -29.90 18.33 -11.79
C ILE G 54 -31.43 18.21 -11.69
N ARG G 55 -32.02 17.35 -12.52
CA ARG G 55 -33.46 17.14 -12.51
C ARG G 55 -33.89 16.47 -11.20
N GLU G 56 -33.25 15.34 -10.88
CA GLU G 56 -33.57 14.57 -9.65
C GLU G 56 -33.32 15.40 -8.37
N ILE G 57 -32.26 16.20 -8.37
CA ILE G 57 -31.93 17.09 -7.23
C ILE G 57 -32.97 18.19 -7.01
N SER G 58 -33.48 18.78 -8.07
CA SER G 58 -34.62 19.74 -7.98
C SER G 58 -35.87 19.14 -7.33
N LEU G 59 -36.22 17.91 -7.70
CA LEU G 59 -37.29 17.16 -7.01
C LEU G 59 -37.10 17.06 -5.48
N LEU G 60 -35.87 16.81 -5.04
CA LEU G 60 -35.56 16.67 -3.61
C LEU G 60 -35.66 17.97 -2.83
N LYS G 61 -35.49 19.09 -3.52
CA LYS G 61 -35.69 20.43 -2.95
C LYS G 61 -37.12 20.62 -2.41
N GLU G 62 -38.10 19.96 -3.01
CA GLU G 62 -39.51 20.07 -2.61
C GLU G 62 -39.91 19.20 -1.41
N LEU G 63 -39.03 18.33 -0.95
CA LEU G 63 -39.30 17.56 0.28
C LEU G 63 -39.07 18.43 1.54
N ARG G 64 -40.14 18.64 2.30
CA ARG G 64 -40.10 19.40 3.55
C ARG G 64 -40.79 18.57 4.65
N HIS G 65 -40.15 18.45 5.80
CA HIS G 65 -40.70 17.67 6.93
C HIS G 65 -39.80 17.94 8.13
N PRO G 66 -40.35 18.02 9.34
CA PRO G 66 -39.48 18.42 10.48
C PRO G 66 -38.34 17.43 10.85
N ASN G 67 -38.50 16.16 10.53
CA ASN G 67 -37.48 15.11 10.75
C ASN G 67 -36.62 14.73 9.53
N ILE G 68 -36.55 15.59 8.51
CA ILE G 68 -35.52 15.45 7.46
C ILE G 68 -34.75 16.76 7.36
N VAL G 69 -33.50 16.66 6.88
CA VAL G 69 -32.65 17.82 6.74
C VAL G 69 -33.01 18.46 5.41
N SER G 70 -33.73 19.58 5.49
CA SER G 70 -34.24 20.28 4.32
C SER G 70 -33.11 20.78 3.41
N LEU G 71 -33.20 20.37 2.14
CA LEU G 71 -32.40 20.94 1.08
C LEU G 71 -32.98 22.33 0.69
N GLN G 72 -32.46 23.38 1.34
CA GLN G 72 -32.98 24.73 1.17
C GLN G 72 -32.80 25.35 -0.21
N ASP G 73 -31.74 24.99 -0.93
CA ASP G 73 -31.36 25.74 -2.14
C ASP G 73 -30.32 24.96 -2.95
N VAL G 74 -30.25 25.24 -4.26
CA VAL G 74 -29.30 24.61 -5.18
C VAL G 74 -28.71 25.66 -6.14
N LEU G 75 -27.40 25.90 -6.10
CA LEU G 75 -26.73 26.94 -6.88
C LEU G 75 -25.78 26.34 -7.94
N MET G 76 -25.37 27.19 -8.88
CA MET G 76 -24.43 26.81 -9.94
C MET G 76 -23.46 27.94 -10.38
N GLN G 77 -22.26 27.94 -9.79
CA GLN G 77 -21.20 28.88 -10.09
C GLN G 77 -20.04 28.09 -10.68
N ASP G 78 -19.56 28.49 -11.87
CA ASP G 78 -18.26 27.99 -12.39
C ASP G 78 -18.21 26.45 -12.49
N SER G 79 -19.18 25.83 -13.18
CA SER G 79 -19.26 24.36 -13.36
C SER G 79 -19.18 23.49 -12.06
N ARG G 80 -19.53 24.10 -10.90
CA ARG G 80 -19.69 23.42 -9.61
C ARG G 80 -21.14 23.60 -9.14
N LEU G 81 -21.70 22.55 -8.54
CA LEU G 81 -23.03 22.54 -7.98
C LEU G 81 -22.93 22.67 -6.46
N TYR G 82 -23.72 23.58 -5.87
CA TYR G 82 -23.74 23.77 -4.43
C TYR G 82 -25.10 23.39 -3.85
N LEU G 83 -25.10 22.51 -2.86
CA LEU G 83 -26.32 22.11 -2.17
C LEU G 83 -26.30 22.78 -0.79
N ILE G 84 -27.39 23.49 -0.43
CA ILE G 84 -27.44 24.28 0.80
C ILE G 84 -28.42 23.67 1.78
N PHE G 85 -27.94 23.34 3.00
CA PHE G 85 -28.78 22.73 4.04
C PHE G 85 -28.70 23.48 5.35
N GLU G 86 -29.67 23.23 6.23
CA GLU G 86 -29.56 23.63 7.64
C GLU G 86 -28.27 23.03 8.24
N PHE G 87 -27.49 23.85 8.92
CA PHE G 87 -26.27 23.41 9.59
C PHE G 87 -26.57 22.84 10.96
N LEU G 88 -26.23 21.58 11.17
CA LEU G 88 -26.36 20.90 12.48
C LEU G 88 -24.98 20.38 12.85
N SER G 89 -24.57 20.54 14.11
CA SER G 89 -23.17 20.23 14.50
C SER G 89 -22.97 18.83 15.07
N MET G 90 -24.01 18.02 15.14
CA MET G 90 -23.90 16.75 15.85
C MET G 90 -24.69 15.64 15.12
N ASP G 91 -24.09 14.46 15.03
CA ASP G 91 -24.71 13.27 14.45
C ASP G 91 -24.75 12.15 15.47
N LEU G 92 -25.49 11.09 15.14
CA LEU G 92 -25.75 10.04 16.11
C LEU G 92 -24.52 9.23 16.48
N LYS G 93 -23.62 9.03 15.52
CA LYS G 93 -22.36 8.31 15.74
C LYS G 93 -21.54 8.98 16.82
N LYS G 94 -21.47 10.30 16.69
CA LYS G 94 -20.78 11.18 17.60
C LYS G 94 -21.48 11.26 18.96
N TYR G 95 -22.81 11.28 18.98
CA TYR G 95 -23.55 11.34 20.25
C TYR G 95 -23.28 10.06 21.06
N LEU G 96 -23.33 8.90 20.39
CA LEU G 96 -23.08 7.62 21.05
C LEU G 96 -21.66 7.54 21.61
N ASP G 97 -20.70 8.21 20.95
CA ASP G 97 -19.33 8.22 21.41
C ASP G 97 -19.11 9.06 22.66
N SER G 98 -19.97 10.05 22.88
CA SER G 98 -19.89 10.92 24.04
C SER G 98 -20.41 10.23 25.30
N ILE G 99 -21.09 9.10 25.17
CA ILE G 99 -21.57 8.37 26.35
C ILE G 99 -20.44 7.47 26.86
N PRO G 100 -20.09 7.58 28.17
CA PRO G 100 -18.99 6.79 28.72
C PRO G 100 -19.36 5.35 29.05
N PRO G 101 -18.37 4.46 29.24
CA PRO G 101 -18.60 3.09 29.73
C PRO G 101 -19.41 3.08 31.02
N GLY G 102 -20.32 2.13 31.14
CA GLY G 102 -21.24 2.06 32.28
C GLY G 102 -22.60 2.64 31.93
N GLN G 103 -22.62 3.86 31.37
CA GLN G 103 -23.86 4.50 30.96
C GLN G 103 -24.41 3.96 29.63
N TYR G 104 -25.73 3.98 29.50
CA TYR G 104 -26.43 3.65 28.26
C TYR G 104 -27.39 4.78 27.94
N MET G 105 -27.91 4.78 26.72
CA MET G 105 -28.84 5.83 26.32
C MET G 105 -30.15 5.65 27.09
N ASP G 106 -30.73 6.76 27.52
CA ASP G 106 -31.96 6.76 28.32
C ASP G 106 -33.11 6.06 27.54
N SER G 107 -33.68 5.02 28.14
CA SER G 107 -34.74 4.20 27.53
C SER G 107 -35.86 4.96 26.79
N SER G 108 -36.27 6.10 27.34
CA SER G 108 -37.29 6.95 26.70
C SER G 108 -36.76 7.74 25.49
N LEU G 109 -35.50 8.19 25.55
CA LEU G 109 -34.87 8.92 24.45
C LEU G 109 -34.59 8.03 23.21
N VAL G 110 -34.44 6.73 23.44
CA VAL G 110 -34.32 5.74 22.36
C VAL G 110 -35.62 5.65 21.59
N LYS G 111 -36.71 5.50 22.35
CA LYS G 111 -38.08 5.48 21.83
C LYS G 111 -38.40 6.77 21.04
N SER G 112 -38.06 7.91 21.61
CA SER G 112 -38.30 9.20 20.95
C SER G 112 -37.60 9.30 19.60
N TYR G 113 -36.32 8.87 19.58
CA TYR G 113 -35.48 8.97 18.39
C TYR G 113 -35.97 8.02 17.29
N LEU G 114 -36.30 6.79 17.65
CA LEU G 114 -36.84 5.81 16.69
C LEU G 114 -38.17 6.29 16.09
N TYR G 115 -38.99 6.94 16.93
CA TYR G 115 -40.26 7.49 16.47
C TYR G 115 -40.00 8.57 15.42
N GLN G 116 -39.11 9.49 15.73
CA GLN G 116 -38.76 10.57 14.80
C GLN G 116 -38.19 10.02 13.48
N ILE G 117 -37.27 9.06 13.57
CA ILE G 117 -36.66 8.42 12.40
C ILE G 117 -37.71 7.78 11.49
N LEU G 118 -38.66 7.08 12.08
CA LEU G 118 -39.73 6.44 11.30
C LEU G 118 -40.66 7.46 10.67
N GLN G 119 -40.88 8.57 11.35
CA GLN G 119 -41.73 9.63 10.79
C GLN G 119 -41.12 10.16 9.49
N GLY G 120 -39.81 10.44 9.54
CA GLY G 120 -39.06 10.90 8.39
C GLY G 120 -38.97 9.91 7.24
N ILE G 121 -38.81 8.63 7.55
CA ILE G 121 -38.70 7.63 6.49
C ILE G 121 -40.05 7.35 5.84
N VAL G 122 -41.13 7.44 6.63
CA VAL G 122 -42.49 7.31 6.09
C VAL G 122 -42.80 8.45 5.11
N PHE G 123 -42.42 9.68 5.49
CA PHE G 123 -42.58 10.82 4.61
C PHE G 123 -41.90 10.60 3.25
N CYS G 124 -40.65 10.14 3.27
CA CYS G 124 -39.89 9.88 2.05
C CYS G 124 -40.50 8.75 1.24
N HIS G 125 -40.81 7.65 1.92
CA HIS G 125 -41.39 6.48 1.25
C HIS G 125 -42.73 6.79 0.60
N SER G 126 -43.59 7.54 1.29
CA SER G 126 -44.86 7.99 0.71
C SER G 126 -44.69 8.85 -0.55
N ARG G 127 -43.61 9.62 -0.63
CA ARG G 127 -43.27 10.40 -1.85
C ARG G 127 -42.33 9.67 -2.84
N ARG G 128 -42.26 8.34 -2.77
CA ARG G 128 -41.46 7.49 -3.68
C ARG G 128 -39.94 7.70 -3.64
N VAL G 129 -39.39 8.01 -2.46
CA VAL G 129 -37.97 8.36 -2.31
C VAL G 129 -37.31 7.47 -1.26
N LEU G 130 -36.16 6.88 -1.63
CA LEU G 130 -35.39 6.00 -0.75
C LEU G 130 -34.14 6.69 -0.26
N HIS G 131 -33.69 6.31 0.93
CA HIS G 131 -32.34 6.65 1.36
C HIS G 131 -31.35 5.67 0.73
N ARG G 132 -31.47 4.39 1.05
CA ARG G 132 -30.58 3.37 0.48
C ARG G 132 -29.12 3.46 0.94
N ASP G 133 -28.88 4.13 2.06
CA ASP G 133 -27.52 4.26 2.60
C ASP G 133 -27.54 4.76 4.05
N LEU G 134 -28.56 4.33 4.78
CA LEU G 134 -28.88 4.89 6.09
C LEU G 134 -27.93 4.34 7.16
N LYS G 135 -27.47 5.21 8.05
CA LYS G 135 -26.52 4.84 9.12
C LYS G 135 -26.36 5.99 10.09
N PRO G 136 -25.86 5.73 11.31
CA PRO G 136 -25.79 6.78 12.34
C PRO G 136 -25.18 8.14 11.92
N GLN G 137 -24.17 8.14 11.07
CA GLN G 137 -23.61 9.40 10.51
C GLN G 137 -24.61 10.25 9.70
N ASN G 138 -25.66 9.63 9.17
CA ASN G 138 -26.73 10.31 8.44
C ASN G 138 -27.92 10.76 9.31
N LEU G 139 -27.84 10.56 10.62
CA LEU G 139 -28.89 11.00 11.53
C LEU G 139 -28.36 12.14 12.36
N LEU G 140 -28.77 13.37 12.06
CA LEU G 140 -28.28 14.57 12.76
C LEU G 140 -29.20 15.02 13.91
N ILE G 141 -28.62 15.72 14.89
CA ILE G 141 -29.36 16.23 16.05
C ILE G 141 -29.12 17.72 16.24
N ASP G 142 -30.18 18.48 16.51
CA ASP G 142 -30.03 19.88 16.97
C ASP G 142 -29.85 19.89 18.49
N ASP G 143 -29.53 21.05 19.05
CA ASP G 143 -29.43 21.23 20.52
C ASP G 143 -30.76 20.98 21.27
N LYS G 144 -31.90 21.14 20.60
CA LYS G 144 -33.24 20.93 21.18
C LYS G 144 -33.74 19.47 21.20
N GLY G 145 -32.92 18.52 20.75
CA GLY G 145 -33.26 17.10 20.83
C GLY G 145 -34.21 16.59 19.75
N THR G 146 -34.10 17.16 18.55
CA THR G 146 -34.82 16.69 17.35
C THR G 146 -33.82 15.97 16.44
N ILE G 147 -34.25 14.92 15.76
CA ILE G 147 -33.34 14.06 14.97
C ILE G 147 -33.84 13.99 13.54
N LYS G 148 -32.91 14.10 12.58
CA LYS G 148 -33.29 14.26 11.16
C LYS G 148 -32.45 13.41 10.22
N LEU G 149 -33.07 12.89 9.16
CA LEU G 149 -32.34 12.17 8.11
C LEU G 149 -31.64 13.15 7.17
N ALA G 150 -30.35 12.94 6.95
CA ALA G 150 -29.60 13.67 5.91
C ALA G 150 -29.27 12.73 4.76
N ASP G 151 -29.02 13.32 3.59
CA ASP G 151 -28.65 12.60 2.35
C ASP G 151 -29.70 11.70 1.70
N PHE G 152 -30.96 11.73 2.15
CA PHE G 152 -32.08 11.07 1.43
C PHE G 152 -32.03 11.39 -0.07
N GLY G 153 -32.27 10.36 -0.88
CA GLY G 153 -32.26 10.49 -2.34
C GLY G 153 -31.00 10.88 -3.11
N LEU G 154 -29.92 11.24 -2.43
CA LEU G 154 -28.68 11.65 -3.10
C LEU G 154 -28.02 10.46 -3.81
N ALA G 155 -28.15 9.27 -3.22
CA ALA G 155 -27.58 8.05 -3.81
C ALA G 155 -28.11 7.79 -5.22
N ARG G 156 -29.43 7.81 -5.40
CA ARG G 156 -30.04 7.59 -6.73
C ARG G 156 -29.61 8.68 -7.70
N ALA G 157 -29.66 9.94 -7.25
CA ALA G 157 -29.26 11.09 -8.06
C ALA G 157 -27.87 10.99 -8.71
N PHE G 158 -26.94 10.31 -8.07
CA PHE G 158 -25.58 10.10 -8.59
C PHE G 158 -25.28 8.62 -8.93
N GLY G 159 -24.96 7.78 -7.96
CA GLY G 159 -25.11 6.30 -8.11
C GLY G 159 -23.94 5.44 -8.56
N ILE G 160 -24.21 4.41 -9.38
CA ILE G 160 -23.19 3.36 -9.71
C ILE G 160 -23.23 3.13 -11.29
N PRO G 161 -23.69 2.04 -11.98
CA PRO G 161 -24.09 0.70 -11.48
C PRO G 161 -22.86 -0.19 -11.16
N VAL G 170 -17.70 0.63 7.46
CA VAL G 170 -18.88 1.14 8.23
C VAL G 170 -20.17 1.11 7.40
N THR G 171 -20.02 1.30 6.10
CA THR G 171 -21.09 1.06 5.13
C THR G 171 -21.84 -0.29 5.30
N LEU G 172 -21.10 -1.38 5.50
CA LEU G 172 -21.66 -2.76 5.48
C LEU G 172 -22.61 -3.17 6.62
N TRP G 173 -22.38 -2.63 7.81
CA TRP G 173 -23.09 -3.10 9.01
C TRP G 173 -24.62 -2.91 8.97
N TYR G 174 -25.08 -1.89 8.23
CA TYR G 174 -26.48 -1.48 8.15
C TYR G 174 -27.19 -2.00 6.88
N ARG G 175 -26.50 -2.85 6.13
CA ARG G 175 -26.97 -3.30 4.85
C ARG G 175 -27.85 -4.54 4.97
N SER G 176 -28.80 -4.67 4.06
CA SER G 176 -29.86 -5.70 4.11
C SER G 176 -29.48 -6.96 3.34
N PRO G 177 -30.05 -8.12 3.70
CA PRO G 177 -29.66 -9.38 3.05
C PRO G 177 -30.06 -9.53 1.58
N GLU G 178 -31.17 -8.89 1.15
CA GLU G 178 -31.50 -8.76 -0.29
C GLU G 178 -30.31 -8.32 -1.10
N VAL G 179 -29.70 -7.24 -0.63
CA VAL G 179 -28.66 -6.57 -1.37
C VAL G 179 -27.38 -7.40 -1.31
N LEU G 180 -27.04 -7.88 -0.12
CA LEU G 180 -25.85 -8.71 0.10
C LEU G 180 -25.85 -10.03 -0.71
N LEU G 181 -27.03 -10.66 -0.84
CA LEU G 181 -27.16 -11.91 -1.61
C LEU G 181 -27.33 -11.69 -3.12
N GLY G 182 -27.44 -10.44 -3.55
CA GLY G 182 -27.33 -10.09 -4.97
C GLY G 182 -28.62 -9.99 -5.73
N SER G 183 -29.73 -9.80 -5.02
CA SER G 183 -31.06 -9.65 -5.61
C SER G 183 -31.06 -8.65 -6.77
N ALA G 184 -31.81 -8.96 -7.84
CA ALA G 184 -31.85 -8.12 -9.03
C ALA G 184 -32.52 -6.78 -8.74
N ARG G 185 -33.56 -6.81 -7.90
CA ARG G 185 -34.28 -5.61 -7.52
C ARG G 185 -34.47 -5.47 -6.01
N TYR G 186 -34.68 -4.23 -5.57
CA TYR G 186 -34.84 -3.89 -4.15
C TYR G 186 -35.75 -2.65 -4.01
N SER G 187 -36.27 -2.42 -2.81
CA SER G 187 -37.22 -1.34 -2.61
C SER G 187 -37.21 -0.77 -1.20
N THR G 188 -38.31 -0.16 -0.77
CA THR G 188 -38.41 0.45 0.56
C THR G 188 -37.99 -0.41 1.75
N PRO G 189 -38.11 -1.75 1.65
CA PRO G 189 -37.69 -2.53 2.82
C PRO G 189 -36.20 -2.40 3.23
N VAL G 190 -35.31 -2.04 2.29
CA VAL G 190 -33.89 -1.88 2.61
C VAL G 190 -33.70 -0.82 3.71
N ASP G 191 -34.45 0.27 3.66
CA ASP G 191 -34.40 1.30 4.72
C ASP G 191 -34.93 0.83 6.06
N ILE G 192 -35.88 -0.11 6.04
CA ILE G 192 -36.45 -0.61 7.29
C ILE G 192 -35.45 -1.53 7.99
N TRP G 193 -34.77 -2.40 7.24
CA TRP G 193 -33.71 -3.21 7.82
C TRP G 193 -32.66 -2.32 8.51
N SER G 194 -32.23 -1.26 7.83
CA SER G 194 -31.24 -0.34 8.38
C SER G 194 -31.70 0.31 9.66
N ILE G 195 -32.95 0.78 9.69
CA ILE G 195 -33.51 1.36 10.92
C ILE G 195 -33.53 0.32 12.04
N GLY G 196 -33.79 -0.94 11.69
CA GLY G 196 -33.67 -2.06 12.62
C GLY G 196 -32.32 -2.14 13.33
N THR G 197 -31.26 -2.23 12.54
CA THR G 197 -29.89 -2.33 13.07
C THR G 197 -29.47 -1.07 13.84
N ILE G 198 -30.00 0.08 13.46
CA ILE G 198 -29.77 1.34 14.18
C ILE G 198 -30.55 1.38 15.50
N PHE G 199 -31.76 0.84 15.51
CA PHE G 199 -32.56 0.73 16.73
C PHE G 199 -31.72 0.01 17.81
N ALA G 200 -31.22 -1.19 17.47
CA ALA G 200 -30.36 -1.97 18.38
C ALA G 200 -29.15 -1.21 18.90
N GLU G 201 -28.51 -0.43 18.02
CA GLU G 201 -27.33 0.37 18.37
C GLU G 201 -27.66 1.49 19.36
N LEU G 202 -28.82 2.13 19.19
CA LEU G 202 -29.27 3.16 20.13
C LEU G 202 -29.36 2.59 21.54
N ALA G 203 -29.89 1.37 21.62
CA ALA G 203 -30.08 0.69 22.88
C ALA G 203 -28.78 0.20 23.53
N THR G 204 -27.92 -0.44 22.73
CA THR G 204 -26.70 -1.09 23.24
C THR G 204 -25.42 -0.26 23.18
N LYS G 205 -25.39 0.79 22.36
CA LYS G 205 -24.17 1.59 22.02
C LYS G 205 -23.26 0.97 20.95
N LYS G 206 -23.43 -0.32 20.64
CA LYS G 206 -22.55 -1.01 19.69
C LYS G 206 -23.34 -1.60 18.49
N PRO G 207 -22.65 -1.77 17.34
CA PRO G 207 -23.36 -2.24 16.16
C PRO G 207 -23.86 -3.66 16.30
N LEU G 208 -25.03 -3.95 15.75
CA LEU G 208 -25.63 -5.28 15.88
C LEU G 208 -24.88 -6.30 15.05
N PHE G 209 -24.58 -5.98 13.80
CA PHE G 209 -23.92 -6.91 12.89
C PHE G 209 -22.60 -6.33 12.40
N HIS G 210 -21.53 -6.61 13.15
CA HIS G 210 -20.20 -5.97 13.07
C HIS G 210 -19.26 -6.77 12.17
N GLY G 211 -19.59 -6.89 10.88
CA GLY G 211 -18.86 -7.75 9.97
C GLY G 211 -17.63 -7.14 9.32
N ASP G 212 -16.66 -7.99 8.93
CA ASP G 212 -15.40 -7.58 8.28
C ASP G 212 -15.38 -7.64 6.75
N SER G 213 -16.49 -8.04 6.15
CA SER G 213 -16.61 -8.26 4.70
C SER G 213 -18.08 -8.55 4.38
N GLU G 214 -18.44 -8.53 3.11
CA GLU G 214 -19.81 -8.89 2.71
C GLU G 214 -20.16 -10.28 3.22
N ILE G 215 -19.26 -11.22 2.99
CA ILE G 215 -19.50 -12.62 3.36
C ILE G 215 -19.58 -12.78 4.89
N ASP G 216 -18.65 -12.18 5.62
CA ASP G 216 -18.73 -12.20 7.09
C ASP G 216 -19.99 -11.49 7.61
N GLN G 217 -20.42 -10.41 6.95
CA GLN G 217 -21.66 -9.69 7.31
C GLN G 217 -22.89 -10.63 7.21
N LEU G 218 -22.98 -11.39 6.13
CA LEU G 218 -24.04 -12.41 6.01
C LEU G 218 -23.99 -13.45 7.13
N PHE G 219 -22.80 -13.99 7.36
CA PHE G 219 -22.63 -15.01 8.39
C PHE G 219 -22.97 -14.52 9.80
N ARG G 220 -22.77 -13.25 10.08
CA ARG G 220 -23.19 -12.70 11.38
C ARG G 220 -24.69 -12.53 11.48
N ILE G 221 -25.33 -12.19 10.36
CA ILE G 221 -26.79 -12.12 10.28
C ILE G 221 -27.37 -13.53 10.44
N PHE G 222 -26.79 -14.50 9.73
CA PHE G 222 -27.23 -15.90 9.83
C PHE G 222 -27.09 -16.45 11.25
N ARG G 223 -25.95 -16.22 11.90
CA ARG G 223 -25.73 -16.76 13.26
C ARG G 223 -26.73 -16.23 14.31
N ALA G 224 -27.37 -15.08 14.08
CA ALA G 224 -28.33 -14.48 15.03
C ALA G 224 -29.80 -14.73 14.71
N LEU G 225 -30.10 -14.82 13.42
CA LEU G 225 -31.46 -14.98 12.92
C LEU G 225 -31.71 -16.32 12.17
N GLY G 226 -30.71 -17.16 12.06
CA GLY G 226 -30.83 -18.44 11.38
C GLY G 226 -30.45 -18.32 9.91
N THR G 227 -29.82 -19.36 9.39
CA THR G 227 -29.50 -19.43 7.98
C THR G 227 -30.81 -19.52 7.21
N PRO G 228 -31.05 -18.59 6.27
CA PRO G 228 -32.32 -18.65 5.53
C PRO G 228 -32.37 -19.76 4.45
N ASN G 229 -33.59 -20.27 4.23
CA ASN G 229 -33.93 -21.23 3.15
C ASN G 229 -35.29 -20.83 2.53
N ASN G 230 -35.76 -21.59 1.53
CA ASN G 230 -37.07 -21.31 0.91
C ASN G 230 -38.28 -21.37 1.88
N GLU G 231 -38.20 -22.15 2.96
CA GLU G 231 -39.27 -22.18 4.00
C GLU G 231 -39.54 -20.82 4.65
N VAL G 232 -38.49 -20.06 5.00
CA VAL G 232 -38.66 -18.73 5.65
C VAL G 232 -38.56 -17.54 4.69
N TRP G 233 -37.98 -17.76 3.52
CA TRP G 233 -37.81 -16.68 2.53
C TRP G 233 -37.95 -17.26 1.11
N PRO G 234 -39.18 -17.26 0.56
CA PRO G 234 -39.49 -17.76 -0.76
C PRO G 234 -38.53 -17.27 -1.83
N GLU G 235 -38.07 -18.20 -2.68
CA GLU G 235 -37.15 -17.92 -3.80
C GLU G 235 -35.72 -17.50 -3.44
N VAL G 236 -35.35 -17.54 -2.15
CA VAL G 236 -34.00 -17.11 -1.75
C VAL G 236 -32.93 -18.02 -2.35
N GLU G 237 -33.23 -19.34 -2.45
CA GLU G 237 -32.28 -20.33 -2.96
C GLU G 237 -31.96 -20.15 -4.44
N SER G 238 -32.72 -19.31 -5.13
CA SER G 238 -32.46 -18.93 -6.54
C SER G 238 -31.56 -17.71 -6.73
N LEU G 239 -31.26 -16.97 -5.64
CA LEU G 239 -30.54 -15.69 -5.75
C LEU G 239 -29.08 -15.90 -6.13
N GLN G 240 -28.49 -14.85 -6.68
CA GLN G 240 -27.22 -14.88 -7.40
C GLN G 240 -26.09 -15.45 -6.53
N ASP G 241 -26.03 -15.00 -5.27
CA ASP G 241 -24.96 -15.38 -4.34
C ASP G 241 -25.41 -16.29 -3.18
N TYR G 242 -26.56 -16.96 -3.31
CA TYR G 242 -26.95 -18.04 -2.39
C TYR G 242 -26.11 -19.29 -2.64
N LYS G 243 -25.89 -20.06 -1.58
CA LYS G 243 -25.21 -21.35 -1.63
C LYS G 243 -25.89 -22.32 -0.67
N ASN G 244 -25.99 -23.59 -1.07
CA ASN G 244 -26.50 -24.64 -0.16
C ASN G 244 -25.45 -25.05 0.86
N THR G 245 -24.19 -24.62 0.65
CA THR G 245 -23.08 -24.93 1.53
C THR G 245 -22.83 -23.91 2.68
N PHE G 246 -23.65 -22.85 2.82
CA PHE G 246 -23.50 -21.90 3.95
C PHE G 246 -23.48 -22.65 5.27
N PRO G 247 -22.85 -22.11 6.31
CA PRO G 247 -23.07 -22.65 7.64
C PRO G 247 -24.54 -22.63 8.01
N LYS G 248 -24.93 -23.50 8.94
CA LYS G 248 -26.35 -23.85 9.20
C LYS G 248 -26.68 -23.60 10.65
N TRP G 249 -27.04 -22.37 10.98
CA TRP G 249 -27.46 -22.04 12.33
C TRP G 249 -28.98 -22.00 12.37
N LYS G 250 -29.55 -22.35 13.52
CA LYS G 250 -30.99 -22.35 13.69
C LYS G 250 -31.48 -21.02 14.26
N PRO G 251 -32.81 -20.88 14.41
CA PRO G 251 -33.42 -19.67 14.95
C PRO G 251 -32.77 -19.23 16.26
N GLY G 252 -32.31 -17.99 16.31
CA GLY G 252 -31.68 -17.46 17.50
C GLY G 252 -32.62 -16.63 18.36
N SER G 253 -32.34 -16.58 19.66
CA SER G 253 -33.16 -15.83 20.58
C SER G 253 -33.38 -14.40 20.13
N LEU G 254 -32.28 -13.75 19.71
CA LEU G 254 -32.22 -12.33 19.37
C LEU G 254 -32.12 -11.44 20.61
N ALA G 255 -32.83 -11.78 21.68
CA ALA G 255 -32.68 -11.09 22.97
C ALA G 255 -31.32 -11.33 23.61
N SER G 256 -30.62 -12.41 23.23
CA SER G 256 -29.26 -12.68 23.69
C SER G 256 -28.21 -11.80 23.02
N HIS G 257 -28.54 -11.23 21.86
CA HIS G 257 -27.66 -10.30 21.14
C HIS G 257 -27.87 -8.82 21.52
N VAL G 258 -28.85 -8.52 22.37
CA VAL G 258 -29.20 -7.10 22.67
C VAL G 258 -29.73 -6.97 24.10
N LYS G 259 -29.60 -5.78 24.68
CA LYS G 259 -30.07 -5.51 26.03
C LYS G 259 -30.83 -4.19 26.06
N ASN G 260 -31.40 -3.86 27.21
CA ASN G 260 -32.15 -2.61 27.44
C ASN G 260 -33.38 -2.43 26.52
N LEU G 261 -34.04 -3.53 26.17
CA LEU G 261 -35.28 -3.48 25.41
C LEU G 261 -36.34 -4.38 26.03
N ASP G 262 -37.49 -3.79 26.39
CA ASP G 262 -38.66 -4.55 26.83
C ASP G 262 -39.19 -5.45 25.69
N GLU G 263 -40.24 -6.20 25.97
CA GLU G 263 -40.69 -7.22 25.00
C GLU G 263 -41.32 -6.63 23.74
N ASN G 264 -41.88 -5.41 23.84
CA ASN G 264 -42.39 -4.70 22.64
C ASN G 264 -41.25 -4.30 21.70
N GLY G 265 -40.24 -3.64 22.26
CA GLY G 265 -39.00 -3.31 21.54
C GLY G 265 -38.42 -4.49 20.77
N LEU G 266 -38.30 -5.63 21.45
CA LEU G 266 -37.77 -6.85 20.81
C LEU G 266 -38.69 -7.37 19.72
N ASP G 267 -39.99 -7.20 19.89
CA ASP G 267 -40.97 -7.64 18.88
C ASP G 267 -40.87 -6.76 17.62
N LEU G 268 -40.82 -5.44 17.81
CA LEU G 268 -40.67 -4.48 16.70
C LEU G 268 -39.36 -4.69 15.94
N LEU G 269 -38.27 -4.79 16.69
CA LEU G 269 -36.96 -5.10 16.14
C LEU G 269 -36.98 -6.37 15.26
N SER G 270 -37.56 -7.44 15.78
CA SER G 270 -37.62 -8.71 15.04
C SER G 270 -38.46 -8.59 13.75
N LYS G 271 -39.47 -7.71 13.79
CA LYS G 271 -40.30 -7.42 12.62
C LYS G 271 -39.59 -6.53 11.58
N MET G 272 -38.72 -5.63 12.04
CA MET G 272 -37.81 -4.89 11.14
C MET G 272 -36.74 -5.76 10.50
N LEU G 273 -36.41 -6.91 11.11
CA LEU G 273 -35.35 -7.82 10.63
C LEU G 273 -35.87 -9.14 10.02
N ILE G 274 -37.07 -9.12 9.46
CA ILE G 274 -37.60 -10.30 8.76
C ILE G 274 -36.85 -10.43 7.45
N TYR G 275 -36.54 -11.66 7.08
CA TYR G 275 -35.76 -11.93 5.87
C TYR G 275 -36.47 -11.52 4.59
N ASP G 276 -37.72 -11.96 4.39
CA ASP G 276 -38.48 -11.66 3.15
C ASP G 276 -38.84 -10.18 3.11
N PRO G 277 -38.37 -9.45 2.06
CA PRO G 277 -38.74 -8.02 1.88
C PRO G 277 -40.25 -7.77 1.87
N ALA G 278 -41.01 -8.66 1.21
CA ALA G 278 -42.47 -8.55 1.13
C ALA G 278 -43.17 -8.68 2.49
N LYS G 279 -42.68 -9.56 3.38
CA LYS G 279 -43.29 -9.74 4.71
C LYS G 279 -42.75 -8.77 5.77
N ARG G 280 -41.66 -8.07 5.46
CA ARG G 280 -41.02 -7.18 6.45
C ARG G 280 -41.94 -6.00 6.78
N ILE G 281 -41.91 -5.56 8.03
CA ILE G 281 -42.76 -4.46 8.48
C ILE G 281 -42.46 -3.16 7.68
N SER G 282 -43.48 -2.33 7.53
CA SER G 282 -43.39 -1.05 6.84
C SER G 282 -43.21 0.03 7.90
N GLY G 283 -42.85 1.23 7.46
CA GLY G 283 -42.75 2.38 8.35
C GLY G 283 -44.07 2.79 8.99
N LYS G 284 -45.16 2.82 8.20
CA LYS G 284 -46.51 3.14 8.72
C LYS G 284 -46.89 2.23 9.88
N MET G 285 -46.83 0.93 9.62
CA MET G 285 -47.21 -0.09 10.61
C MET G 285 -46.36 0.00 11.89
N ALA G 286 -45.05 0.25 11.72
CA ALA G 286 -44.13 0.34 12.84
C ALA G 286 -44.51 1.44 13.82
N LEU G 287 -45.03 2.56 13.31
CA LEU G 287 -45.47 3.66 14.15
C LEU G 287 -46.66 3.33 15.09
N ASN G 288 -47.50 2.37 14.70
CA ASN G 288 -48.61 1.90 15.51
C ASN G 288 -48.28 0.77 16.47
N HIS G 289 -47.03 0.35 16.54
CA HIS G 289 -46.63 -0.80 17.36
C HIS G 289 -46.70 -0.41 18.86
N PRO G 290 -47.15 -1.35 19.73
CA PRO G 290 -47.23 -1.18 21.19
C PRO G 290 -46.04 -0.47 21.89
N TYR G 291 -44.82 -0.76 21.43
CA TYR G 291 -43.58 -0.10 21.93
C TYR G 291 -43.78 1.42 22.15
N PHE G 292 -44.50 2.08 21.23
CA PHE G 292 -44.68 3.54 21.32
C PHE G 292 -45.81 4.04 22.24
N ASN G 293 -46.63 3.14 22.79
CA ASN G 293 -47.79 3.51 23.62
C ASN G 293 -47.45 4.50 24.73
N ASP G 294 -46.36 4.25 25.44
CA ASP G 294 -46.00 5.10 26.61
C ASP G 294 -45.01 6.22 26.28
N LEU G 295 -45.19 6.88 25.14
CA LEU G 295 -44.19 7.84 24.64
C LEU G 295 -44.37 9.26 25.20
N ASP G 296 -45.23 10.06 24.57
CA ASP G 296 -45.23 11.52 24.68
C ASP G 296 -45.43 12.02 26.13
N LYS H 9 -0.68 -6.29 1.86
CA LYS H 9 0.70 -6.73 2.21
C LYS H 9 0.74 -8.17 2.73
N GLN H 10 -0.04 -8.42 3.78
CA GLN H 10 -0.03 -9.70 4.52
C GLN H 10 -1.38 -10.44 4.48
N ILE H 11 -1.37 -11.69 4.92
CA ILE H 11 -2.55 -12.54 4.91
C ILE H 11 -3.16 -12.55 6.32
N TYR H 12 -4.47 -12.36 6.39
CA TYR H 12 -5.21 -12.30 7.65
C TYR H 12 -6.12 -13.54 7.81
N TYR H 13 -6.07 -14.13 9.01
CA TYR H 13 -6.85 -15.33 9.36
C TYR H 13 -7.93 -14.96 10.36
N SER H 14 -9.20 -15.25 10.05
CA SER H 14 -10.31 -14.97 11.01
C SER H 14 -10.28 -15.95 12.17
N ASP H 15 -11.04 -15.61 13.20
CA ASP H 15 -11.23 -16.49 14.33
C ASP H 15 -12.21 -17.58 13.87
N LYS H 16 -12.21 -18.71 14.53
CA LYS H 16 -13.05 -19.84 14.14
C LYS H 16 -14.51 -19.63 14.57
N TYR H 17 -15.42 -20.14 13.76
CA TYR H 17 -16.84 -20.25 14.11
C TYR H 17 -17.31 -21.68 13.76
N PHE H 18 -18.42 -22.12 14.33
CA PHE H 18 -18.86 -23.51 14.18
C PHE H 18 -20.39 -23.71 14.03
N ASP H 19 -20.70 -24.90 13.55
CA ASP H 19 -22.02 -25.37 13.14
C ASP H 19 -22.40 -26.44 14.17
N GLU H 20 -23.41 -27.25 13.84
CA GLU H 20 -23.61 -28.52 14.53
C GLU H 20 -22.69 -29.60 13.96
N HIS H 21 -22.40 -29.54 12.64
CA HIS H 21 -21.55 -30.53 11.97
C HIS H 21 -20.10 -30.10 11.67
N TYR H 22 -19.89 -28.91 11.07
CA TYR H 22 -18.55 -28.42 10.75
C TYR H 22 -17.98 -27.31 11.67
N GLU H 23 -16.65 -27.13 11.67
CA GLU H 23 -16.00 -25.90 12.15
C GLU H 23 -15.53 -25.10 10.93
N TYR H 24 -15.43 -23.77 11.06
CA TYR H 24 -15.20 -22.88 9.91
C TYR H 24 -14.17 -21.79 10.18
N ARG H 25 -13.61 -21.24 9.09
CA ARG H 25 -12.65 -20.14 9.19
C ARG H 25 -12.31 -19.50 7.83
N HIS H 26 -12.46 -18.18 7.70
CA HIS H 26 -12.14 -17.52 6.42
C HIS H 26 -10.77 -16.82 6.47
N VAL H 27 -10.18 -16.67 5.28
CA VAL H 27 -8.84 -16.15 5.13
C VAL H 27 -8.83 -15.11 4.04
N MET H 28 -8.35 -13.91 4.36
CA MET H 28 -8.33 -12.77 3.45
C MET H 28 -6.94 -12.55 2.88
N LEU H 29 -6.83 -12.70 1.55
CA LEU H 29 -5.58 -12.49 0.85
C LEU H 29 -5.50 -11.04 0.34
N PRO H 30 -4.28 -10.54 0.10
CA PRO H 30 -4.10 -9.27 -0.60
C PRO H 30 -4.64 -9.33 -2.02
N ARG H 31 -5.14 -8.21 -2.51
CA ARG H 31 -5.90 -8.21 -3.74
C ARG H 31 -5.08 -8.48 -5.00
N GLU H 32 -3.77 -8.41 -4.89
CA GLU H 32 -2.88 -8.69 -6.03
C GLU H 32 -2.69 -10.20 -6.21
N LEU H 33 -2.73 -10.96 -5.11
CA LEU H 33 -2.82 -12.43 -5.17
C LEU H 33 -4.17 -12.96 -5.64
N SER H 34 -5.23 -12.17 -5.52
CA SER H 34 -6.57 -12.69 -5.79
C SER H 34 -6.81 -13.05 -7.25
N LYS H 35 -6.09 -12.41 -8.19
CA LYS H 35 -6.17 -12.80 -9.60
C LYS H 35 -5.57 -14.18 -9.88
N GLN H 36 -4.93 -14.77 -8.88
CA GLN H 36 -4.35 -16.10 -8.97
C GLN H 36 -5.24 -17.20 -8.37
N VAL H 37 -6.41 -16.85 -7.82
CA VAL H 37 -7.30 -17.85 -7.23
C VAL H 37 -8.32 -18.23 -8.32
N PRO H 38 -8.43 -19.54 -8.65
CA PRO H 38 -9.38 -20.05 -9.65
C PRO H 38 -10.80 -19.52 -9.53
N LYS H 39 -11.29 -18.91 -10.62
CA LYS H 39 -12.67 -18.40 -10.71
C LYS H 39 -13.59 -19.44 -11.41
N THR H 40 -13.32 -20.72 -11.18
CA THR H 40 -13.95 -21.83 -11.96
C THR H 40 -14.20 -23.09 -11.10
N HIS H 41 -13.25 -23.44 -10.22
CA HIS H 41 -13.34 -24.63 -9.39
C HIS H 41 -12.77 -24.34 -7.96
N LEU H 42 -13.16 -25.13 -6.98
CA LEU H 42 -12.57 -25.08 -5.63
C LEU H 42 -11.15 -25.64 -5.68
N MET H 43 -10.39 -25.55 -4.57
CA MET H 43 -8.94 -25.75 -4.57
C MET H 43 -8.56 -26.92 -3.70
N SER H 44 -7.56 -27.66 -4.16
CA SER H 44 -6.94 -28.70 -3.35
C SER H 44 -6.09 -28.09 -2.24
N GLU H 45 -5.87 -28.85 -1.18
CA GLU H 45 -4.97 -28.44 -0.12
C GLU H 45 -3.57 -28.10 -0.64
N GLU H 46 -3.14 -28.77 -1.71
CA GLU H 46 -1.87 -28.45 -2.38
C GLU H 46 -1.93 -27.07 -3.01
N GLU H 47 -3.01 -26.80 -3.71
CA GLU H 47 -3.20 -25.50 -4.41
C GLU H 47 -3.21 -24.29 -3.45
N TRP H 48 -4.02 -24.32 -2.39
CA TRP H 48 -4.07 -23.17 -1.48
C TRP H 48 -2.82 -22.93 -0.63
N ARG H 49 -2.04 -23.98 -0.38
CA ARG H 49 -0.73 -23.82 0.24
C ARG H 49 0.28 -23.09 -0.66
N ARG H 50 0.15 -23.21 -1.99
CA ARG H 50 1.02 -22.46 -2.94
C ARG H 50 0.80 -20.94 -2.91
N LEU H 51 -0.38 -20.50 -2.48
CA LEU H 51 -0.65 -19.08 -2.23
C LEU H 51 -0.12 -18.57 -0.86
N GLY H 52 0.47 -19.44 -0.05
CA GLY H 52 1.02 -19.07 1.25
C GLY H 52 0.05 -19.15 2.42
N VAL H 53 -1.10 -19.82 2.24
CA VAL H 53 -2.04 -20.01 3.33
C VAL H 53 -1.49 -21.12 4.22
N GLN H 54 -1.30 -20.80 5.50
CA GLN H 54 -0.70 -21.68 6.48
C GLN H 54 -1.66 -21.98 7.63
N GLN H 55 -2.04 -23.25 7.73
CA GLN H 55 -2.90 -23.75 8.80
C GLN H 55 -2.76 -25.29 8.87
N SER H 56 -3.41 -25.89 9.87
CA SER H 56 -3.38 -27.36 10.07
C SER H 56 -4.05 -28.17 8.94
N LEU H 57 -3.81 -29.48 8.92
CA LEU H 57 -4.38 -30.39 7.88
C LEU H 57 -5.90 -30.51 7.94
N GLY H 58 -6.49 -30.78 6.77
CA GLY H 58 -7.92 -31.14 6.68
C GLY H 58 -8.94 -30.02 6.50
N TRP H 59 -8.51 -28.77 6.43
CA TRP H 59 -9.40 -27.67 6.06
C TRP H 59 -9.72 -27.79 4.58
N VAL H 60 -10.99 -27.64 4.22
CA VAL H 60 -11.45 -27.78 2.85
C VAL H 60 -12.04 -26.45 2.33
N HIS H 61 -11.55 -26.01 1.17
CA HIS H 61 -12.07 -24.85 0.45
C HIS H 61 -13.45 -25.20 -0.13
N TYR H 62 -14.52 -24.73 0.52
CA TYR H 62 -15.90 -25.19 0.28
C TYR H 62 -16.84 -24.30 -0.56
N MET H 63 -16.44 -23.07 -0.86
CA MET H 63 -17.28 -22.11 -1.62
C MET H 63 -16.56 -20.79 -1.97
N ILE H 64 -17.15 -20.08 -2.93
CA ILE H 64 -16.64 -18.82 -3.43
C ILE H 64 -17.77 -17.80 -3.36
N HIS H 65 -17.54 -16.72 -2.63
CA HIS H 65 -18.41 -15.56 -2.72
C HIS H 65 -17.88 -14.72 -3.88
N GLU H 66 -18.63 -14.64 -4.97
CA GLU H 66 -18.10 -14.10 -6.25
C GLU H 66 -17.66 -12.62 -6.16
N PRO H 67 -18.36 -11.78 -5.39
CA PRO H 67 -17.92 -10.39 -5.20
C PRO H 67 -16.59 -10.18 -4.48
N GLU H 68 -16.17 -11.16 -3.70
CA GLU H 68 -14.96 -11.10 -2.90
C GLU H 68 -14.07 -12.32 -3.18
N PRO H 69 -13.52 -12.44 -4.41
CA PRO H 69 -12.66 -13.59 -4.76
C PRO H 69 -11.39 -13.75 -3.91
N HIS H 70 -10.95 -12.65 -3.29
CA HIS H 70 -9.83 -12.64 -2.33
C HIS H 70 -10.10 -13.29 -0.95
N ILE H 71 -11.34 -13.70 -0.69
CA ILE H 71 -11.70 -14.32 0.59
C ILE H 71 -11.91 -15.82 0.42
N LEU H 72 -11.01 -16.61 1.01
CA LEU H 72 -11.08 -18.06 0.91
C LEU H 72 -11.84 -18.58 2.12
N LEU H 73 -12.94 -19.28 1.85
CA LEU H 73 -13.80 -19.84 2.90
C LEU H 73 -13.47 -21.31 3.15
N PHE H 74 -13.19 -21.64 4.41
CA PHE H 74 -12.75 -22.98 4.78
C PHE H 74 -13.66 -23.62 5.82
N ARG H 75 -13.62 -24.95 5.82
CA ARG H 75 -14.57 -25.81 6.53
C ARG H 75 -13.86 -27.14 6.83
N ARG H 76 -14.10 -27.67 8.02
CA ARG H 76 -13.54 -28.97 8.43
C ARG H 76 -14.56 -29.71 9.32
N PRO H 77 -14.80 -31.02 9.06
CA PRO H 77 -15.80 -31.73 9.88
C PRO H 77 -15.37 -31.93 11.34
N LEU H 78 -16.29 -31.65 12.27
CA LEU H 78 -16.09 -31.94 13.66
C LEU H 78 -16.07 -33.47 13.88
N PRO H 79 -15.31 -33.96 14.88
CA PRO H 79 -15.40 -35.39 15.19
C PRO H 79 -16.70 -35.68 15.97
N LYS H 80 -17.33 -36.84 15.75
CA LYS H 80 -18.74 -37.03 16.17
C LYS H 80 -18.92 -37.50 17.61
C4 FB8 I . 13.63 -24.75 11.27
C14 FB8 I . 7.02 -27.44 9.11
C5 FB8 I . 13.21 -26.15 11.30
C6 FB8 I . 14.05 -27.13 11.81
C11 FB8 I . 7.58 -25.81 10.78
C7 FB8 I . 13.59 -28.43 11.79
C8 FB8 I . 11.64 -27.77 10.79
C9 FB8 I . 9.19 -27.51 10.17
C10 FB8 I . 8.83 -26.39 10.94
C12 FB8 I . 6.68 -26.33 9.86
C13 FB8 I . 4.89 -25.47 7.90
N1 FB8 I . 14.91 -22.88 11.12
N2 FB8 I . 12.40 -28.78 11.29
C3 FB8 I . 14.90 -24.25 11.11
N3 FB8 I . 10.44 -28.17 10.27
C1 FB8 I . 13.20 -21.10 11.35
C2 FB8 I . 13.66 -22.51 11.29
S1 FB8 I . 5.10 -25.60 9.64
O1 FB8 I . 4.13 -26.53 10.14
O2 FB8 I . 5.11 -24.27 10.20
C15 FB8 I . 8.26 -28.03 9.25
N4 FB8 I . 12.01 -26.47 10.77
N5 FB8 I . 12.80 -23.61 11.41
C16 FB8 I . 11.35 -23.57 11.60
C17 FB8 I . 10.65 -22.94 10.40
C18 FB8 I . 10.95 -22.95 12.93
#